data_1PJ2
#
_entry.id   1PJ2
#
_cell.length_a   227.283
_cell.length_b   117.345
_cell.length_c   113.024
_cell.angle_alpha   90.00
_cell.angle_beta   109.79
_cell.angle_gamma   90.00
#
_symmetry.space_group_name_H-M   'C 1 2 1'
#
loop_
_entity.id
_entity.type
_entity.pdbx_description
1 polymer 'NAD-dependent malic enzyme, mitochondrial'
2 non-polymer '(2S)-2-hydroxybutanedioic acid'
3 non-polymer 'MANGANESE (II) ION'
4 non-polymer '1,4-DIHYDRONICOTINAMIDE ADENINE DINUCLEOTIDE'
5 non-polymer 'FUMARIC ACID'
6 water water
#
_entity_poly.entity_id   1
_entity_poly.type   'polypeptide(L)'
_entity_poly.pdbx_seq_one_letter_code
;IKEKGKPL(MSE)LNPRTNKG(MSE)AFTLQERQ(MSE)LGLQGLLPPKIETQDIQALRFHRNLKK(MSE)TSPLEKYIY
I(MSE)GIQERNEKLFYRILQDDIESL(MSE)PIVYTPTVGLACSQYGHIFRRPKGLFISISDRGHVRSIVDNWPENHVK
AVVVTDGERILGLGDLGVYG(MSE)GIPVGKLCLYTACAGIRPDRCLPVCIDVGTDNIALLKDPFY(MSE)GLYQKRDRT
QQYDDLIDEF(MSE)KAITDRYGRNTLIQFEDFGNHNAFRFLRKYREKYCTFNDDIQGTAAVALAGLLAAQKVISKPISE
HKILFLGAGEAALGIANLIV(MSE)S(MSE)VENGLSEQEAQKKIW(MSE)FDKYGLLVKGRKAKIDSYQEPFTHSAPES
IPDTFEDAVNILKPSTIIGVAGAGRLFTPDVIRA(MSE)ASINERPVIFALSNPTAQAECTAEEAYTLTEGRCLFASGSP
FGPVKLTDGRVFTPGQGNNVYIFPGVALAVILCNTRHISDSVFLEAAKALTSQLTDEELAQGRLYPPLANIQEVSINIAI
KVTEYLYANK(MSE)AFRYPEPEDKAKYVKERTWRSEYDSLLPDVYEWPESASSPPVITE
;
_entity_poly.pdbx_strand_id   A,B,C,D
#
# COMPACT_ATOMS: atom_id res chain seq x y z
N ILE A 1 12.02 0.77 -6.27
CA ILE A 1 10.60 0.51 -6.64
C ILE A 1 9.98 -0.57 -5.78
N LYS A 2 9.03 -0.17 -4.94
CA LYS A 2 8.35 -1.08 -4.03
C LYS A 2 6.88 -1.27 -4.39
N GLU A 3 6.41 -0.50 -5.36
CA GLU A 3 5.01 -0.57 -5.76
C GLU A 3 4.82 -1.08 -7.19
N LYS A 4 3.69 -1.75 -7.41
CA LYS A 4 3.37 -2.28 -8.73
C LYS A 4 1.91 -1.96 -9.09
N GLY A 5 1.61 -1.95 -10.37
CA GLY A 5 0.26 -1.66 -10.82
C GLY A 5 0.02 -0.19 -11.12
N LYS A 6 -1.26 0.21 -11.13
CA LYS A 6 -1.64 1.59 -11.39
C LYS A 6 -0.78 2.61 -10.62
N PRO A 7 -0.56 2.37 -9.31
CA PRO A 7 0.26 3.31 -8.54
C PRO A 7 1.54 3.75 -9.23
N LEU A 8 2.16 2.86 -10.01
CA LEU A 8 3.40 3.23 -10.72
C LEU A 8 3.17 4.32 -11.76
N LEU A 10 0.44 6.52 -11.65
CA LEU A 10 -0.11 7.72 -11.00
C LEU A 10 0.99 8.59 -10.39
N ASN A 11 2.11 7.99 -10.02
CA ASN A 11 3.21 8.71 -9.42
C ASN A 11 4.18 9.22 -10.48
N PRO A 12 4.31 10.56 -10.61
CA PRO A 12 5.20 11.17 -11.61
C PRO A 12 6.68 10.78 -11.45
N ARG A 13 7.09 10.38 -10.25
CA ARG A 13 8.48 9.99 -10.02
C ARG A 13 8.83 8.74 -10.81
N THR A 14 7.86 7.82 -10.92
CA THR A 14 8.05 6.57 -11.63
C THR A 14 7.31 6.45 -12.99
N ASN A 15 6.32 7.29 -13.23
CA ASN A 15 5.56 7.20 -14.48
C ASN A 15 6.42 7.42 -15.72
N LYS A 16 6.49 6.38 -16.54
CA LYS A 16 7.25 6.43 -17.78
C LYS A 16 6.32 6.59 -18.98
N GLY A 17 5.03 6.43 -18.77
CA GLY A 17 4.10 6.53 -19.88
C GLY A 17 4.31 5.36 -20.82
N ALA A 19 6.72 4.61 -22.39
CA ALA A 19 8.13 4.23 -22.42
C ALA A 19 8.37 3.01 -21.56
N PHE A 20 7.40 2.61 -20.74
CA PHE A 20 7.55 1.39 -19.95
C PHE A 20 7.74 0.29 -20.99
N THR A 21 8.79 -0.50 -20.86
CA THR A 21 9.03 -1.58 -21.81
C THR A 21 7.97 -2.66 -21.68
N LEU A 22 7.91 -3.52 -22.69
CA LEU A 22 6.95 -4.61 -22.66
C LEU A 22 7.26 -5.48 -21.43
N GLN A 23 8.54 -5.78 -21.24
CA GLN A 23 8.96 -6.60 -20.11
C GLN A 23 8.51 -5.98 -18.78
N GLU A 24 8.73 -4.68 -18.59
CA GLU A 24 8.33 -4.02 -17.34
C GLU A 24 6.81 -4.02 -17.18
N ARG A 25 6.09 -3.83 -18.29
CA ARG A 25 4.62 -3.80 -18.25
C ARG A 25 4.06 -5.11 -17.75
N GLN A 26 4.57 -6.21 -18.29
CA GLN A 26 4.10 -7.52 -17.89
C GLN A 26 4.50 -7.87 -16.46
N LEU A 28 5.25 -5.71 -13.99
CA LEU A 28 4.79 -4.76 -12.98
C LEU A 28 3.28 -4.60 -12.97
N GLY A 29 2.58 -5.40 -13.74
CA GLY A 29 1.14 -5.32 -13.77
C GLY A 29 0.59 -4.12 -14.53
N LEU A 30 1.23 -3.75 -15.65
CA LEU A 30 0.78 -2.62 -16.46
C LEU A 30 0.17 -3.01 -17.81
N GLN A 31 0.35 -4.27 -18.23
CA GLN A 31 -0.20 -4.72 -19.51
C GLN A 31 -1.69 -4.44 -19.59
N GLY A 32 -2.11 -3.78 -20.67
CA GLY A 32 -3.52 -3.47 -20.84
C GLY A 32 -3.89 -2.10 -20.31
N LEU A 33 -3.04 -1.54 -19.46
CA LEU A 33 -3.32 -0.22 -18.90
C LEU A 33 -2.70 0.87 -19.76
N LEU A 34 -1.84 0.46 -20.67
CA LEU A 34 -1.17 1.37 -21.59
C LEU A 34 -1.44 0.90 -23.02
N PRO A 35 -1.34 1.81 -24.00
CA PRO A 35 -1.57 1.45 -25.39
C PRO A 35 -0.48 0.48 -25.79
N PRO A 36 -0.74 -0.41 -26.77
CA PRO A 36 0.23 -1.41 -27.24
C PRO A 36 1.56 -0.84 -27.69
N LYS A 37 1.56 0.43 -28.06
CA LYS A 37 2.76 1.12 -28.52
C LYS A 37 3.82 1.31 -27.44
N ILE A 38 5.07 0.99 -27.79
CA ILE A 38 6.21 1.18 -26.89
C ILE A 38 6.97 2.41 -27.41
N GLU A 39 7.04 3.47 -26.63
CA GLU A 39 7.76 4.67 -27.08
C GLU A 39 9.08 4.87 -26.34
N THR A 40 9.89 5.79 -26.84
CA THR A 40 11.16 6.13 -26.23
C THR A 40 11.01 7.55 -25.70
N GLN A 41 11.95 8.00 -24.89
CA GLN A 41 11.86 9.35 -24.36
C GLN A 41 11.97 10.34 -25.53
N ASP A 42 12.70 9.94 -26.57
CA ASP A 42 12.86 10.79 -27.75
C ASP A 42 11.53 11.13 -28.39
N ILE A 43 10.63 10.16 -28.47
CA ILE A 43 9.33 10.38 -29.10
C ILE A 43 8.46 11.30 -28.26
N GLN A 44 8.47 11.07 -26.95
CA GLN A 44 7.68 11.85 -26.01
C GLN A 44 8.14 13.31 -26.05
N ALA A 45 9.45 13.49 -26.22
CA ALA A 45 10.02 14.83 -26.28
C ALA A 45 9.43 15.54 -27.47
N LEU A 46 9.41 14.84 -28.60
CA LEU A 46 8.87 15.35 -29.85
C LEU A 46 7.41 15.76 -29.68
N ARG A 47 6.61 14.92 -29.02
CA ARG A 47 5.20 15.24 -28.80
C ARG A 47 5.12 16.55 -28.05
N PHE A 48 6.00 16.72 -27.05
CA PHE A 48 6.02 17.95 -26.26
C PHE A 48 6.35 19.21 -27.06
N HIS A 49 7.45 19.17 -27.82
CA HIS A 49 7.84 20.33 -28.60
C HIS A 49 6.82 20.65 -29.67
N ARG A 50 6.16 19.62 -30.19
CA ARG A 50 5.14 19.81 -31.21
C ARG A 50 4.03 20.67 -30.65
N ASN A 51 3.49 20.27 -29.51
CA ASN A 51 2.40 21.02 -28.87
C ASN A 51 2.85 22.39 -28.38
N LEU A 52 4.06 22.47 -27.80
CA LEU A 52 4.55 23.73 -27.28
C LEU A 52 4.63 24.77 -28.40
N LYS A 53 5.02 24.31 -29.57
CA LYS A 53 5.14 25.15 -30.75
C LYS A 53 3.83 25.88 -31.04
N LYS A 54 2.73 25.15 -30.95
CA LYS A 54 1.40 25.71 -31.21
C LYS A 54 0.98 26.80 -30.23
N THR A 56 0.41 29.92 -27.69
CA THR A 56 0.66 31.34 -27.89
C THR A 56 1.25 32.15 -26.73
N SER A 57 0.72 32.01 -25.51
CA SER A 57 1.27 32.79 -24.38
C SER A 57 2.25 32.03 -23.48
N PRO A 58 3.13 32.76 -22.77
CA PRO A 58 4.10 32.14 -21.88
C PRO A 58 3.46 31.45 -20.66
N LEU A 59 2.42 32.06 -20.12
CA LEU A 59 1.73 31.49 -18.98
C LEU A 59 1.13 30.14 -19.36
N GLU A 60 0.60 30.06 -20.58
CA GLU A 60 0.01 28.83 -21.09
C GLU A 60 1.07 27.74 -21.16
N LYS A 61 2.25 28.08 -21.70
CA LYS A 61 3.34 27.14 -21.80
C LYS A 61 3.80 26.73 -20.41
N TYR A 62 3.76 27.67 -19.48
CA TYR A 62 4.14 27.40 -18.10
C TYR A 62 3.20 26.32 -17.54
N ILE A 63 1.89 26.57 -17.62
CA ILE A 63 0.90 25.64 -17.11
C ILE A 63 1.10 24.25 -17.69
N TYR A 64 1.50 24.22 -18.96
CA TYR A 64 1.72 22.98 -19.67
C TYR A 64 2.92 22.18 -19.18
N ILE A 65 4.11 22.76 -19.24
CA ILE A 65 5.28 22.03 -18.80
C ILE A 65 5.27 21.73 -17.30
N GLY A 67 2.81 21.00 -15.67
CA GLY A 67 1.87 19.90 -15.54
C GLY A 67 2.57 18.58 -15.81
N ILE A 68 3.57 18.61 -16.67
CA ILE A 68 4.34 17.42 -17.00
C ILE A 68 5.12 16.94 -15.79
N GLN A 69 5.61 17.89 -14.99
CA GLN A 69 6.35 17.56 -13.79
C GLN A 69 5.46 16.72 -12.88
N GLU A 70 4.15 16.99 -12.92
CA GLU A 70 3.18 16.28 -12.10
C GLU A 70 2.68 14.99 -12.76
N ARG A 71 3.26 14.64 -13.91
CA ARG A 71 2.83 13.43 -14.61
C ARG A 71 3.99 12.48 -14.90
N ASN A 72 5.10 13.04 -15.38
CA ASN A 72 6.27 12.25 -15.73
C ASN A 72 7.50 13.09 -15.42
N GLU A 73 7.97 12.98 -14.18
CA GLU A 73 9.13 13.75 -13.75
C GLU A 73 10.36 13.58 -14.63
N LYS A 74 10.65 12.35 -15.03
CA LYS A 74 11.82 12.11 -15.90
C LYS A 74 11.69 12.92 -17.19
N LEU A 75 10.54 12.85 -17.84
CA LEU A 75 10.32 13.57 -19.09
C LEU A 75 10.35 15.08 -18.88
N PHE A 76 9.85 15.52 -17.72
CA PHE A 76 9.84 16.94 -17.39
C PHE A 76 11.25 17.53 -17.49
N TYR A 77 12.22 16.87 -16.89
CA TYR A 77 13.58 17.39 -16.96
C TYR A 77 14.25 17.18 -18.30
N ARG A 78 13.80 16.16 -19.04
CA ARG A 78 14.35 15.87 -20.36
C ARG A 78 14.02 17.07 -21.23
N ILE A 79 12.75 17.51 -21.15
CA ILE A 79 12.23 18.66 -21.89
C ILE A 79 13.02 19.91 -21.51
N LEU A 80 13.20 20.13 -20.22
CA LEU A 80 13.95 21.30 -19.75
C LEU A 80 15.38 21.21 -20.27
N GLN A 81 16.00 20.04 -20.12
CA GLN A 81 17.36 19.82 -20.57
C GLN A 81 17.54 20.10 -22.06
N ASP A 82 16.56 19.67 -22.86
CA ASP A 82 16.61 19.85 -24.31
C ASP A 82 16.76 21.28 -24.80
N ASP A 83 16.38 22.25 -23.97
CA ASP A 83 16.53 23.66 -24.36
C ASP A 83 16.23 24.53 -23.15
N ILE A 84 17.09 24.40 -22.14
CA ILE A 84 16.93 25.13 -20.90
C ILE A 84 16.86 26.63 -21.16
N GLU A 85 17.56 27.07 -22.20
CA GLU A 85 17.62 28.48 -22.54
C GLU A 85 16.29 29.08 -22.93
N SER A 86 15.54 28.44 -23.81
CA SER A 86 14.25 29.00 -24.21
C SER A 86 13.13 28.76 -23.20
N LEU A 87 13.24 27.69 -22.40
CA LEU A 87 12.22 27.39 -21.42
C LEU A 87 12.45 28.13 -20.10
N PRO A 89 12.80 31.31 -19.43
CA PRO A 89 11.88 32.44 -19.31
C PRO A 89 10.46 32.03 -18.93
N ILE A 90 10.13 30.77 -19.19
CA ILE A 90 8.81 30.25 -18.89
C ILE A 90 8.73 29.62 -17.52
N VAL A 91 9.69 28.77 -17.19
CA VAL A 91 9.68 28.07 -15.90
C VAL A 91 10.24 28.89 -14.72
N TYR A 92 11.03 29.89 -15.05
CA TYR A 92 11.67 30.76 -14.04
C TYR A 92 11.26 32.20 -14.34
N THR A 93 12.14 33.16 -14.08
CA THR A 93 11.82 34.55 -14.33
C THR A 93 11.83 34.87 -15.85
N PRO A 94 10.91 35.73 -16.32
CA PRO A 94 9.86 36.45 -15.60
C PRO A 94 8.50 35.77 -15.45
N THR A 95 8.23 34.75 -16.28
CA THR A 95 6.95 34.09 -16.22
C THR A 95 6.58 33.44 -14.87
N VAL A 96 7.55 32.99 -14.11
CA VAL A 96 7.22 32.38 -12.82
C VAL A 96 6.57 33.43 -11.92
N GLY A 97 6.97 34.68 -12.10
CA GLY A 97 6.39 35.76 -11.31
C GLY A 97 4.94 35.97 -11.71
N LEU A 98 4.68 35.84 -13.00
CA LEU A 98 3.34 35.98 -13.52
C LEU A 98 2.48 34.86 -12.92
N ALA A 99 3.03 33.64 -12.91
CA ALA A 99 2.31 32.49 -12.38
C ALA A 99 1.96 32.68 -10.89
N CYS A 100 2.88 33.23 -10.11
CA CYS A 100 2.61 33.44 -8.69
C CYS A 100 1.44 34.41 -8.51
N SER A 101 1.40 35.44 -9.37
CA SER A 101 0.32 36.44 -9.31
C SER A 101 -1.03 35.79 -9.58
N GLN A 102 -1.01 34.66 -10.28
CA GLN A 102 -2.24 33.96 -10.63
C GLN A 102 -2.33 32.55 -10.11
N TYR A 103 -1.40 32.19 -9.25
CA TYR A 103 -1.33 30.85 -8.70
C TYR A 103 -2.70 30.23 -8.37
N GLY A 104 -3.59 31.01 -7.78
CA GLY A 104 -4.91 30.52 -7.43
C GLY A 104 -5.87 30.34 -8.60
N HIS A 105 -5.55 30.97 -9.73
CA HIS A 105 -6.37 30.88 -10.92
C HIS A 105 -6.02 29.64 -11.76
N ILE A 106 -4.72 29.35 -11.80
CA ILE A 106 -4.20 28.24 -12.60
C ILE A 106 -3.95 26.97 -11.82
N PHE A 107 -4.32 26.98 -10.55
CA PHE A 107 -4.14 25.83 -9.67
C PHE A 107 -4.76 24.55 -10.18
N ARG A 108 -3.97 23.49 -10.18
CA ARG A 108 -4.44 22.17 -10.59
C ARG A 108 -4.08 21.14 -9.51
N ARG A 109 -2.82 21.12 -9.11
CA ARG A 109 -2.34 20.22 -8.06
C ARG A 109 -1.35 20.98 -7.19
N PRO A 110 -1.32 20.68 -5.89
CA PRO A 110 -0.40 21.36 -4.96
C PRO A 110 1.00 20.81 -5.12
N LYS A 111 1.99 21.63 -4.78
CA LYS A 111 3.38 21.21 -4.86
C LYS A 111 4.05 21.74 -3.60
N GLY A 112 4.81 20.90 -2.90
CA GLY A 112 5.49 21.34 -1.72
C GLY A 112 4.75 21.19 -0.40
N LEU A 113 5.39 21.63 0.67
CA LEU A 113 4.84 21.58 2.01
C LEU A 113 4.30 22.96 2.37
N PHE A 114 3.09 23.01 2.93
CA PHE A 114 2.49 24.26 3.34
C PHE A 114 2.34 24.29 4.87
N ILE A 115 3.10 25.15 5.53
CA ILE A 115 3.05 25.29 6.99
C ILE A 115 2.43 26.63 7.36
N SER A 116 1.28 26.60 8.04
CA SER A 116 0.64 27.85 8.41
C SER A 116 0.73 28.12 9.90
N ILE A 117 0.59 29.40 10.26
CA ILE A 117 0.64 29.85 11.64
C ILE A 117 -0.40 29.06 12.47
N SER A 118 -1.56 28.80 11.86
CA SER A 118 -2.60 28.04 12.55
C SER A 118 -2.13 26.64 12.94
N ASP A 119 -0.99 26.22 12.37
CA ASP A 119 -0.44 24.90 12.67
C ASP A 119 0.63 24.87 13.77
N ARG A 120 0.93 26.02 14.39
CA ARG A 120 1.96 26.05 15.42
C ARG A 120 1.78 24.97 16.49
N GLY A 121 2.88 24.28 16.81
CA GLY A 121 2.82 23.23 17.80
C GLY A 121 2.58 21.87 17.17
N HIS A 122 2.40 21.85 15.85
CA HIS A 122 2.15 20.61 15.13
C HIS A 122 2.94 20.54 13.83
N VAL A 123 3.93 21.42 13.69
CA VAL A 123 4.73 21.47 12.48
C VAL A 123 5.45 20.16 12.17
N ARG A 124 5.91 19.47 13.22
CA ARG A 124 6.61 18.22 12.98
C ARG A 124 5.64 17.24 12.31
N SER A 125 4.37 17.30 12.70
CA SER A 125 3.34 16.43 12.14
C SER A 125 3.18 16.69 10.64
N ILE A 126 3.33 17.95 10.25
CA ILE A 126 3.22 18.32 8.84
C ILE A 126 4.42 17.72 8.10
N VAL A 127 5.62 18.00 8.60
CA VAL A 127 6.84 17.50 7.97
C VAL A 127 6.81 15.99 7.81
N ASP A 128 6.20 15.27 8.74
CA ASP A 128 6.13 13.82 8.63
C ASP A 128 5.14 13.32 7.57
N ASN A 129 4.32 14.22 7.03
CA ASN A 129 3.36 13.84 6.00
C ASN A 129 3.99 13.87 4.63
N TRP A 130 5.17 14.49 4.53
CA TRP A 130 5.85 14.54 3.25
C TRP A 130 6.25 13.09 2.94
N PRO A 131 5.88 12.61 1.74
CA PRO A 131 6.18 11.26 1.27
C PRO A 131 7.64 10.83 1.17
N GLU A 132 8.52 11.74 0.74
CA GLU A 132 9.95 11.40 0.61
C GLU A 132 10.68 11.25 1.95
N ASN A 133 11.50 10.20 2.04
CA ASN A 133 12.25 9.87 3.25
C ASN A 133 13.62 10.51 3.38
N HIS A 134 14.31 10.73 2.27
CA HIS A 134 15.65 11.31 2.37
C HIS A 134 15.80 12.69 1.72
N VAL A 135 15.18 13.69 2.32
CA VAL A 135 15.27 15.04 1.78
C VAL A 135 16.65 15.63 2.06
N LYS A 136 17.24 16.27 1.06
CA LYS A 136 18.56 16.88 1.22
C LYS A 136 18.58 18.40 1.01
N ALA A 137 17.58 18.94 0.32
CA ALA A 137 17.54 20.37 0.07
C ALA A 137 16.14 20.98 0.09
N VAL A 138 15.96 21.94 0.98
CA VAL A 138 14.72 22.65 1.15
C VAL A 138 14.92 24.09 0.67
N VAL A 139 13.87 24.67 0.09
CA VAL A 139 13.90 26.05 -0.36
C VAL A 139 12.57 26.54 0.18
N VAL A 140 12.64 27.47 1.14
CA VAL A 140 11.46 27.96 1.83
C VAL A 140 11.21 29.42 1.63
N THR A 141 9.95 29.81 1.70
CA THR A 141 9.58 31.20 1.55
C THR A 141 8.31 31.49 2.32
N ASP A 142 8.13 32.75 2.70
CA ASP A 142 6.90 33.14 3.41
C ASP A 142 6.07 34.00 2.44
N GLY A 143 6.62 34.21 1.24
CA GLY A 143 5.93 34.98 0.21
C GLY A 143 5.72 36.46 0.48
N GLU A 144 6.58 37.09 1.27
CA GLU A 144 6.42 38.51 1.54
C GLU A 144 7.15 39.42 0.55
N ARG A 145 8.16 38.88 -0.11
CA ARG A 145 8.94 39.64 -1.06
C ARG A 145 9.21 38.78 -2.32
N ILE A 146 8.14 38.40 -3.01
CA ILE A 146 8.26 37.60 -4.22
C ILE A 146 8.74 38.51 -5.35
N LEU A 147 9.97 38.32 -5.79
CA LEU A 147 10.53 39.14 -6.85
C LEU A 147 10.24 40.59 -6.49
N GLY A 148 9.97 41.43 -7.48
CA GLY A 148 9.68 42.82 -7.20
C GLY A 148 8.18 43.04 -7.16
N LEU A 149 7.45 41.95 -6.95
CA LEU A 149 6.00 41.97 -6.92
C LEU A 149 5.38 42.23 -5.54
N GLY A 150 6.18 42.13 -4.48
CA GLY A 150 5.63 42.37 -3.16
C GLY A 150 5.05 41.16 -2.43
N ASP A 151 4.15 41.43 -1.50
CA ASP A 151 3.52 40.39 -0.69
C ASP A 151 2.46 39.57 -1.46
N LEU A 152 2.82 38.35 -1.86
CA LEU A 152 1.90 37.46 -2.59
C LEU A 152 1.40 36.29 -1.74
N GLY A 153 1.71 36.33 -0.45
CA GLY A 153 1.26 35.29 0.45
C GLY A 153 1.57 33.89 -0.05
N VAL A 154 0.63 32.96 0.12
CA VAL A 154 0.85 31.60 -0.32
C VAL A 154 0.98 31.47 -1.83
N TYR A 155 0.58 32.50 -2.58
CA TYR A 155 0.71 32.45 -4.03
C TYR A 155 2.18 32.39 -4.36
N GLY A 156 3.02 32.67 -3.37
CA GLY A 156 4.44 32.66 -3.59
C GLY A 156 5.07 31.28 -3.62
N GLY A 158 5.07 29.32 -5.74
CA GLY A 158 5.61 29.07 -7.05
C GLY A 158 7.10 29.35 -7.17
N ILE A 159 7.60 30.22 -6.32
CA ILE A 159 9.02 30.57 -6.37
C ILE A 159 9.91 29.39 -5.94
N PRO A 160 9.67 28.83 -4.74
CA PRO A 160 10.47 27.69 -4.25
C PRO A 160 10.41 26.54 -5.25
N VAL A 161 9.22 26.32 -5.81
CA VAL A 161 9.06 25.25 -6.78
C VAL A 161 9.96 25.51 -7.98
N GLY A 162 9.93 26.74 -8.48
CA GLY A 162 10.77 27.11 -9.62
C GLY A 162 12.25 26.99 -9.33
N LYS A 163 12.67 27.39 -8.13
CA LYS A 163 14.08 27.30 -7.76
C LYS A 163 14.54 25.84 -7.70
N LEU A 164 13.72 24.98 -7.09
CA LEU A 164 14.08 23.58 -6.97
C LEU A 164 14.15 22.86 -8.32
N CYS A 165 13.35 23.32 -9.29
CA CYS A 165 13.40 22.72 -10.62
C CYS A 165 14.79 22.92 -11.18
N LEU A 166 15.35 24.09 -10.90
CA LEU A 166 16.68 24.47 -11.37
C LEU A 166 17.78 23.72 -10.61
N TYR A 167 17.46 23.33 -9.38
CA TYR A 167 18.41 22.57 -8.59
C TYR A 167 18.74 21.35 -9.44
N THR A 168 17.69 20.70 -9.93
CA THR A 168 17.81 19.49 -10.73
C THR A 168 18.21 19.70 -12.18
N ALA A 169 17.53 20.61 -12.87
CA ALA A 169 17.82 20.84 -14.28
C ALA A 169 19.23 21.36 -14.51
N CYS A 170 19.70 22.21 -13.59
CA CYS A 170 21.03 22.79 -13.71
C CYS A 170 22.18 22.00 -13.06
N ALA A 171 21.99 21.58 -11.81
CA ALA A 171 23.05 20.90 -11.08
C ALA A 171 22.91 19.38 -10.85
N GLY A 172 21.87 18.78 -11.42
CA GLY A 172 21.68 17.35 -11.28
C GLY A 172 21.34 16.88 -9.89
N ILE A 173 20.81 17.77 -9.06
CA ILE A 173 20.40 17.41 -7.70
C ILE A 173 19.12 16.58 -7.84
N ARG A 174 19.00 15.51 -7.07
CA ARG A 174 17.84 14.63 -7.15
C ARG A 174 16.50 15.24 -6.78
N PRO A 175 15.53 15.17 -7.71
CA PRO A 175 14.17 15.70 -7.53
C PRO A 175 13.54 15.24 -6.21
N ASP A 176 13.57 13.94 -5.96
CA ASP A 176 12.97 13.40 -4.76
C ASP A 176 13.69 13.76 -3.46
N ARG A 177 14.75 14.54 -3.56
CA ARG A 177 15.48 14.96 -2.38
C ARG A 177 15.36 16.47 -2.15
N CYS A 178 14.49 17.09 -2.95
CA CYS A 178 14.24 18.52 -2.85
C CYS A 178 12.83 18.72 -2.30
N LEU A 179 12.66 19.71 -1.43
CA LEU A 179 11.36 19.97 -0.80
C LEU A 179 11.00 21.44 -0.79
N PRO A 180 10.05 21.86 -1.64
CA PRO A 180 9.63 23.26 -1.69
C PRO A 180 8.78 23.50 -0.45
N VAL A 181 8.94 24.65 0.20
CA VAL A 181 8.16 24.92 1.39
C VAL A 181 7.61 26.34 1.41
N CYS A 182 6.36 26.49 1.85
CA CYS A 182 5.77 27.81 1.95
C CYS A 182 5.23 27.99 3.37
N ILE A 183 5.76 28.99 4.07
CA ILE A 183 5.33 29.30 5.42
C ILE A 183 4.25 30.37 5.28
N ASP A 184 3.05 30.06 5.76
CA ASP A 184 1.92 30.98 5.67
C ASP A 184 1.45 31.54 7.01
N VAL A 185 1.64 32.83 7.21
CA VAL A 185 1.21 33.45 8.47
C VAL A 185 0.23 34.57 8.13
N GLY A 186 -0.27 34.53 6.89
CA GLY A 186 -1.18 35.55 6.42
C GLY A 186 -0.49 36.45 5.42
N THR A 187 -1.20 37.43 4.89
CA THR A 187 -0.63 38.34 3.93
C THR A 187 -1.24 39.70 4.15
N ASP A 188 -0.51 40.74 3.75
CA ASP A 188 -1.01 42.09 3.91
C ASP A 188 -1.65 42.55 2.60
N ASN A 189 -1.42 41.78 1.54
CA ASN A 189 -1.98 42.12 0.23
C ASN A 189 -3.50 42.15 0.32
N ILE A 190 -4.05 43.35 0.21
CA ILE A 190 -5.50 43.55 0.30
C ILE A 190 -6.23 42.87 -0.84
N ALA A 191 -5.62 42.86 -2.02
CA ALA A 191 -6.25 42.23 -3.18
C ALA A 191 -6.50 40.75 -2.93
N LEU A 192 -5.49 40.06 -2.42
CA LEU A 192 -5.63 38.64 -2.17
C LEU A 192 -6.60 38.35 -1.02
N LEU A 193 -6.65 39.25 -0.04
CA LEU A 193 -7.55 39.04 1.10
C LEU A 193 -9.02 39.06 0.66
N LYS A 194 -9.28 39.50 -0.56
CA LYS A 194 -10.65 39.50 -1.07
C LYS A 194 -10.79 38.65 -2.33
N ASP A 195 -9.79 37.78 -2.54
CA ASP A 195 -9.81 36.88 -3.70
C ASP A 195 -10.37 35.54 -3.26
N PRO A 196 -11.50 35.12 -3.85
CA PRO A 196 -12.11 33.83 -3.49
C PRO A 196 -11.24 32.62 -3.85
N PHE A 197 -10.26 32.82 -4.73
CA PHE A 197 -9.35 31.75 -5.13
C PHE A 197 -8.02 31.75 -4.35
N TYR A 198 -7.78 32.76 -3.53
CA TYR A 198 -6.53 32.81 -2.75
C TYR A 198 -6.35 31.50 -1.99
N GLY A 200 -4.14 30.91 0.61
CA GLY A 200 -3.64 30.98 1.98
C GLY A 200 -4.65 31.31 3.05
N LEU A 201 -4.14 31.68 4.22
CA LEU A 201 -4.96 32.06 5.36
C LEU A 201 -5.51 33.45 5.11
N TYR A 202 -6.76 33.68 5.45
CA TYR A 202 -7.32 35.01 5.23
C TYR A 202 -7.12 35.89 6.45
N GLN A 203 -5.92 36.45 6.56
CA GLN A 203 -5.57 37.32 7.67
C GLN A 203 -4.30 38.07 7.29
N LYS A 204 -4.11 39.25 7.89
CA LYS A 204 -2.90 40.02 7.60
C LYS A 204 -1.73 39.28 8.24
N ARG A 205 -0.50 39.60 7.85
CA ARG A 205 0.65 38.92 8.44
C ARG A 205 0.75 39.06 9.97
N ASP A 206 1.05 37.94 10.62
CA ASP A 206 1.23 37.91 12.06
C ASP A 206 2.70 38.25 12.27
N ARG A 207 2.98 39.34 12.97
CA ARG A 207 4.37 39.73 13.20
C ARG A 207 4.76 39.65 14.67
N THR A 208 3.97 38.94 15.46
CA THR A 208 4.28 38.80 16.88
C THR A 208 5.37 37.73 17.04
N GLN A 209 5.65 37.40 18.30
CA GLN A 209 6.64 36.37 18.65
C GLN A 209 6.28 35.05 17.96
N GLN A 210 4.98 34.85 17.71
CA GLN A 210 4.49 33.65 17.08
C GLN A 210 5.10 33.32 15.72
N TYR A 211 5.39 34.38 14.97
CA TYR A 211 5.99 34.21 13.67
C TYR A 211 7.35 33.56 13.87
N ASP A 212 8.19 34.21 14.65
CA ASP A 212 9.53 33.72 14.95
C ASP A 212 9.50 32.31 15.50
N ASP A 213 8.55 32.03 16.39
CA ASP A 213 8.43 30.69 16.96
C ASP A 213 8.06 29.66 15.91
N LEU A 214 7.25 30.06 14.94
CA LEU A 214 6.86 29.16 13.88
C LEU A 214 8.08 28.76 13.08
N ILE A 215 8.87 29.74 12.67
CA ILE A 215 10.07 29.44 11.88
C ILE A 215 11.02 28.55 12.69
N ASP A 216 11.26 28.91 13.95
CA ASP A 216 12.12 28.11 14.82
C ASP A 216 11.62 26.67 14.78
N GLU A 217 10.33 26.50 15.01
CA GLU A 217 9.70 25.19 15.03
C GLU A 217 9.94 24.44 13.73
N PHE A 218 9.82 25.17 12.62
CA PHE A 218 10.02 24.64 11.28
C PHE A 218 11.45 24.11 11.13
N LYS A 220 13.59 23.25 13.28
CA LYS A 220 13.84 22.10 14.14
C LYS A 220 13.14 20.84 13.63
N ALA A 221 11.92 20.99 13.14
CA ALA A 221 11.17 19.86 12.62
C ALA A 221 11.81 19.27 11.37
N ILE A 222 12.33 20.13 10.50
CA ILE A 222 12.96 19.68 9.28
C ILE A 222 14.21 18.89 9.57
N THR A 223 15.11 19.48 10.35
CA THR A 223 16.37 18.83 10.69
C THR A 223 16.14 17.60 11.55
N ASP A 224 15.11 17.62 12.39
CA ASP A 224 14.84 16.46 13.22
C ASP A 224 14.54 15.24 12.35
N ARG A 225 13.85 15.45 11.24
CA ARG A 225 13.53 14.32 10.40
C ARG A 225 14.58 14.00 9.33
N TYR A 226 15.21 15.01 8.75
CA TYR A 226 16.16 14.76 7.67
C TYR A 226 17.65 14.93 7.98
N GLY A 227 17.99 15.46 9.14
CA GLY A 227 19.38 15.64 9.46
C GLY A 227 19.76 17.07 9.70
N ARG A 228 20.68 17.32 10.61
CA ARG A 228 21.08 18.68 10.93
C ARG A 228 21.81 19.39 9.79
N ASN A 229 22.27 18.64 8.80
CA ASN A 229 22.97 19.27 7.68
C ASN A 229 22.10 19.43 6.43
N THR A 230 20.79 19.28 6.60
CA THR A 230 19.85 19.44 5.49
C THR A 230 20.01 20.89 4.98
N LEU A 231 20.35 21.05 3.71
CA LEU A 231 20.53 22.40 3.16
C LEU A 231 19.20 23.12 3.17
N ILE A 232 19.15 24.28 3.82
CA ILE A 232 17.92 25.07 3.87
C ILE A 232 18.16 26.45 3.28
N GLN A 233 17.60 26.67 2.09
CA GLN A 233 17.74 27.95 1.39
C GLN A 233 16.55 28.86 1.60
N PHE A 234 16.77 30.03 2.18
CA PHE A 234 15.71 31.01 2.37
C PHE A 234 15.49 31.76 1.07
N GLU A 235 14.22 31.93 0.68
CA GLU A 235 13.89 32.61 -0.56
C GLU A 235 12.74 33.61 -0.38
N ASP A 236 12.93 34.80 -0.96
CA ASP A 236 11.95 35.88 -0.92
C ASP A 236 11.21 36.19 0.39
N PHE A 237 11.98 36.40 1.47
CA PHE A 237 11.40 36.78 2.75
C PHE A 237 11.54 38.30 2.78
N GLY A 238 10.81 38.96 3.66
CA GLY A 238 10.92 40.41 3.78
C GLY A 238 12.32 40.81 4.21
N ASN A 239 12.68 42.07 3.97
CA ASN A 239 14.02 42.56 4.32
C ASN A 239 14.39 42.40 5.81
N HIS A 240 13.46 42.71 6.70
CA HIS A 240 13.74 42.58 8.12
C HIS A 240 13.98 41.12 8.55
N ASN A 241 13.19 40.21 7.99
CA ASN A 241 13.30 38.80 8.32
C ASN A 241 14.41 38.04 7.59
N ALA A 242 14.82 38.55 6.43
CA ALA A 242 15.86 37.90 5.64
C ALA A 242 17.20 37.89 6.37
N PHE A 243 17.68 39.07 6.73
CA PHE A 243 18.95 39.18 7.43
C PHE A 243 18.90 38.59 8.83
N ARG A 244 17.88 38.93 9.60
CA ARG A 244 17.81 38.43 10.96
C ARG A 244 17.75 36.92 11.06
N PHE A 245 17.00 36.27 10.18
CA PHE A 245 16.92 34.81 10.22
C PHE A 245 18.25 34.18 9.74
N LEU A 246 18.90 34.82 8.76
CA LEU A 246 20.17 34.32 8.26
C LEU A 246 21.22 34.39 9.38
N ARG A 247 21.20 35.49 10.11
CA ARG A 247 22.13 35.72 11.20
C ARG A 247 21.85 34.74 12.34
N LYS A 248 20.58 34.56 12.66
CA LYS A 248 20.17 33.68 13.73
C LYS A 248 20.44 32.21 13.47
N TYR A 249 20.47 31.80 12.21
CA TYR A 249 20.64 30.39 11.90
C TYR A 249 21.91 29.90 11.19
N ARG A 250 22.62 30.79 10.51
CA ARG A 250 23.81 30.36 9.76
C ARG A 250 24.91 29.61 10.53
N GLU A 251 24.82 29.62 11.85
CA GLU A 251 25.83 28.95 12.68
C GLU A 251 25.21 27.78 13.42
N LYS A 252 23.91 27.58 13.23
CA LYS A 252 23.21 26.49 13.90
C LYS A 252 22.73 25.43 12.91
N TYR A 253 22.54 25.85 11.66
CA TYR A 253 22.07 24.98 10.59
C TYR A 253 22.82 25.20 9.30
N CYS A 254 22.60 24.34 8.32
CA CYS A 254 23.26 24.46 7.02
C CYS A 254 22.28 25.26 6.22
N THR A 255 22.39 26.57 6.31
CA THR A 255 21.45 27.46 5.67
C THR A 255 22.11 28.70 5.08
N PHE A 256 21.39 29.34 4.16
CA PHE A 256 21.88 30.55 3.52
C PHE A 256 20.70 31.22 2.85
N ASN A 257 20.83 32.52 2.57
CA ASN A 257 19.76 33.24 1.92
C ASN A 257 20.15 33.52 0.47
N ASP A 258 19.34 32.99 -0.44
CA ASP A 258 19.58 33.14 -1.87
C ASP A 258 19.62 34.58 -2.33
N ASP A 259 18.74 35.40 -1.77
CA ASP A 259 18.64 36.79 -2.15
C ASP A 259 19.80 37.66 -1.69
N ILE A 260 20.33 37.35 -0.51
CA ILE A 260 21.43 38.14 0.02
C ILE A 260 22.78 37.63 -0.46
N GLN A 261 22.97 36.31 -0.39
CA GLN A 261 24.26 35.70 -0.76
C GLN A 261 24.43 35.20 -2.20
N GLY A 262 23.41 34.58 -2.77
CA GLY A 262 23.53 34.08 -4.13
C GLY A 262 23.74 35.23 -5.09
N THR A 263 22.91 36.26 -4.91
CA THR A 263 22.93 37.49 -5.70
C THR A 263 24.32 38.10 -5.60
N ALA A 264 24.80 38.19 -4.37
CA ALA A 264 26.11 38.75 -4.08
C ALA A 264 27.18 38.10 -4.93
N ALA A 265 27.11 36.78 -5.05
CA ALA A 265 28.09 36.03 -5.83
C ALA A 265 27.97 36.24 -7.33
N VAL A 266 26.73 36.28 -7.84
CA VAL A 266 26.55 36.46 -9.26
C VAL A 266 26.89 37.89 -9.67
N ALA A 267 26.48 38.85 -8.85
CA ALA A 267 26.75 40.25 -9.16
C ALA A 267 28.27 40.50 -9.18
N LEU A 268 28.95 40.07 -8.13
CA LEU A 268 30.40 40.25 -8.04
C LEU A 268 31.09 39.58 -9.23
N ALA A 269 30.63 38.38 -9.58
CA ALA A 269 31.21 37.64 -10.69
C ALA A 269 31.07 38.46 -11.97
N GLY A 270 30.00 39.25 -12.03
CA GLY A 270 29.77 40.09 -13.20
C GLY A 270 30.77 41.23 -13.25
N LEU A 271 31.06 41.79 -12.07
CA LEU A 271 32.02 42.86 -11.94
C LEU A 271 33.40 42.29 -12.26
N LEU A 272 33.74 41.13 -11.68
CA LEU A 272 35.04 40.52 -11.94
C LEU A 272 35.29 40.35 -13.43
N ALA A 273 34.25 40.02 -14.18
CA ALA A 273 34.35 39.85 -15.63
C ALA A 273 34.53 41.21 -16.28
N ALA A 274 33.84 42.20 -15.73
CA ALA A 274 33.90 43.57 -16.25
C ALA A 274 35.33 44.09 -16.14
N GLN A 275 35.96 43.89 -14.99
CA GLN A 275 37.32 44.34 -14.75
C GLN A 275 38.26 43.81 -15.84
N LYS A 276 37.90 42.70 -16.47
CA LYS A 276 38.73 42.12 -17.52
C LYS A 276 38.52 42.76 -18.89
N VAL A 277 37.66 43.76 -18.93
CA VAL A 277 37.41 44.47 -20.20
C VAL A 277 37.62 45.96 -19.96
N ILE A 278 38.05 46.30 -18.75
CA ILE A 278 38.29 47.69 -18.39
C ILE A 278 39.67 47.87 -17.77
N SER A 279 40.14 46.83 -17.07
CA SER A 279 41.45 46.88 -16.41
C SER A 279 41.57 48.14 -15.56
N LYS A 280 40.43 48.65 -15.11
CA LYS A 280 40.37 49.87 -14.31
C LYS A 280 41.04 49.68 -12.95
N PRO A 281 41.71 50.73 -12.44
CA PRO A 281 42.39 50.67 -11.14
C PRO A 281 41.36 50.66 -10.01
N ILE A 282 41.59 49.81 -9.01
CA ILE A 282 40.67 49.70 -7.88
C ILE A 282 40.39 51.08 -7.27
N SER A 283 41.43 51.89 -7.15
CA SER A 283 41.31 53.23 -6.58
C SER A 283 40.37 54.08 -7.42
N GLU A 284 39.94 53.54 -8.55
CA GLU A 284 39.03 54.25 -9.47
C GLU A 284 37.63 53.64 -9.39
N HIS A 285 37.50 52.49 -8.75
CA HIS A 285 36.19 51.85 -8.62
C HIS A 285 35.29 52.70 -7.70
N LYS A 286 34.13 53.07 -8.23
CA LYS A 286 33.16 53.87 -7.49
C LYS A 286 31.81 53.22 -7.79
N ILE A 287 31.19 52.68 -6.76
CA ILE A 287 29.93 51.98 -6.95
C ILE A 287 28.75 52.61 -6.23
N LEU A 288 27.66 52.79 -6.97
CA LEU A 288 26.44 53.35 -6.40
C LEU A 288 25.29 52.37 -6.62
N PHE A 289 24.60 52.05 -5.53
CA PHE A 289 23.48 51.14 -5.57
C PHE A 289 22.18 51.93 -5.58
N LEU A 290 21.22 51.42 -6.35
CA LEU A 290 19.88 51.99 -6.39
C LEU A 290 19.19 50.97 -5.51
N GLY A 291 18.92 51.36 -4.27
CA GLY A 291 18.32 50.43 -3.33
C GLY A 291 19.41 50.04 -2.34
N ALA A 292 19.00 49.66 -1.13
CA ALA A 292 19.94 49.27 -0.08
C ALA A 292 19.32 48.20 0.82
N GLY A 293 18.77 47.16 0.21
CA GLY A 293 18.13 46.11 0.98
C GLY A 293 18.88 44.80 0.92
N GLU A 294 18.14 43.69 0.98
CA GLU A 294 18.73 42.36 0.92
C GLU A 294 19.85 42.22 -0.13
N ALA A 295 19.46 42.34 -1.40
CA ALA A 295 20.40 42.21 -2.49
C ALA A 295 21.57 43.17 -2.45
N ALA A 296 21.29 44.46 -2.30
CA ALA A 296 22.32 45.49 -2.27
C ALA A 296 23.38 45.21 -1.21
N LEU A 297 22.94 45.09 0.04
CA LEU A 297 23.83 44.83 1.17
C LEU A 297 24.60 43.54 0.93
N GLY A 298 23.93 42.53 0.40
CA GLY A 298 24.59 41.27 0.13
C GLY A 298 25.72 41.44 -0.85
N ILE A 299 25.46 42.17 -1.94
CA ILE A 299 26.46 42.39 -2.97
C ILE A 299 27.61 43.26 -2.47
N ALA A 300 27.27 44.32 -1.74
CA ALA A 300 28.27 45.23 -1.21
C ALA A 300 29.31 44.47 -0.38
N ASN A 301 28.84 43.78 0.65
CA ASN A 301 29.72 43.04 1.53
C ASN A 301 30.57 42.01 0.81
N LEU A 302 30.07 41.45 -0.29
CA LEU A 302 30.85 40.47 -1.04
C LEU A 302 31.90 41.23 -1.86
N ILE A 303 31.53 42.40 -2.38
CA ILE A 303 32.48 43.22 -3.14
C ILE A 303 33.61 43.59 -2.18
N VAL A 304 33.23 44.04 -0.99
CA VAL A 304 34.17 44.43 0.06
C VAL A 304 35.17 43.32 0.36
N SER A 306 36.09 40.83 -1.73
CA SER A 306 36.96 40.65 -2.88
C SER A 306 38.07 41.69 -2.85
N VAL A 308 39.17 43.30 -0.16
CA VAL A 308 40.02 43.04 1.00
C VAL A 308 40.93 41.86 0.71
N GLU A 309 40.49 40.98 -0.19
CA GLU A 309 41.28 39.80 -0.56
C GLU A 309 42.37 40.26 -1.52
N ASN A 310 42.33 41.54 -1.88
CA ASN A 310 43.32 42.09 -2.79
C ASN A 310 44.07 43.30 -2.23
N GLY A 311 44.25 43.33 -0.93
CA GLY A 311 44.99 44.42 -0.32
C GLY A 311 44.20 45.43 0.48
N LEU A 312 43.40 46.26 -0.20
CA LEU A 312 42.61 47.28 0.47
C LEU A 312 42.03 46.77 1.78
N SER A 313 41.86 47.66 2.74
CA SER A 313 41.29 47.29 4.03
C SER A 313 39.77 47.38 3.94
N GLU A 314 39.09 46.86 4.95
CA GLU A 314 37.63 46.91 4.96
C GLU A 314 37.17 48.36 4.88
N GLN A 315 37.71 49.17 5.79
CA GLN A 315 37.38 50.59 5.87
C GLN A 315 37.48 51.34 4.54
N GLU A 316 38.62 51.20 3.84
CA GLU A 316 38.80 51.90 2.58
C GLU A 316 37.94 51.37 1.44
N ALA A 317 37.70 50.06 1.43
CA ALA A 317 36.89 49.46 0.39
C ALA A 317 35.44 49.92 0.58
N GLN A 318 34.97 49.87 1.83
CA GLN A 318 33.61 50.25 2.18
C GLN A 318 33.25 51.68 1.80
N LYS A 319 34.25 52.54 1.70
CA LYS A 319 33.99 53.92 1.35
C LYS A 319 33.86 54.13 -0.16
N LYS A 320 34.09 53.08 -0.92
CA LYS A 320 33.98 53.15 -2.39
C LYS A 320 32.54 52.80 -2.80
N ILE A 321 31.73 52.43 -1.83
CA ILE A 321 30.34 52.03 -2.07
C ILE A 321 29.29 52.97 -1.51
N TRP A 322 28.45 53.51 -2.39
CA TRP A 322 27.38 54.40 -1.96
C TRP A 322 26.04 53.75 -2.28
N PHE A 324 21.59 54.44 -2.48
CA PHE A 324 20.49 55.39 -2.59
C PHE A 324 19.17 54.61 -2.60
N ASP A 325 18.36 54.77 -1.55
CA ASP A 325 17.10 54.04 -1.49
C ASP A 325 15.88 54.91 -1.79
N LYS A 326 14.71 54.49 -1.33
CA LYS A 326 13.48 55.23 -1.61
C LYS A 326 13.35 56.54 -0.86
N TYR A 327 14.35 56.88 -0.06
CA TYR A 327 14.31 58.13 0.66
C TYR A 327 15.50 58.98 0.23
N GLY A 328 16.35 58.39 -0.60
CA GLY A 328 17.51 59.13 -1.08
C GLY A 328 18.83 58.50 -0.67
N LEU A 329 19.91 59.26 -0.89
CA LEU A 329 21.25 58.78 -0.57
C LEU A 329 21.37 58.50 0.93
N LEU A 330 22.02 57.42 1.28
CA LEU A 330 22.20 57.11 2.69
C LEU A 330 23.41 57.90 3.17
N VAL A 331 23.15 58.97 3.92
CA VAL A 331 24.21 59.81 4.47
C VAL A 331 23.96 59.90 5.97
N LYS A 332 25.04 59.91 6.74
CA LYS A 332 24.92 59.97 8.19
C LYS A 332 24.04 61.15 8.63
N GLY A 333 23.13 60.89 9.55
CA GLY A 333 22.27 61.94 10.05
C GLY A 333 20.98 62.20 9.28
N ARG A 334 20.87 61.68 8.06
CA ARG A 334 19.65 61.90 7.28
C ARG A 334 18.47 61.48 8.17
N LYS A 335 17.32 62.07 7.95
CA LYS A 335 16.16 61.74 8.77
C LYS A 335 15.68 60.29 8.63
N ALA A 336 15.82 59.72 7.44
CA ALA A 336 15.39 58.34 7.22
C ALA A 336 16.36 57.33 7.86
N LYS A 337 15.82 56.36 8.59
CA LYS A 337 16.61 55.34 9.27
C LYS A 337 17.73 54.71 8.45
N ILE A 338 18.71 54.17 9.15
CA ILE A 338 19.87 53.49 8.58
C ILE A 338 20.18 52.38 9.56
N ASP A 339 19.86 51.14 9.20
CA ASP A 339 20.09 50.02 10.11
C ASP A 339 21.57 49.67 10.24
N SER A 340 21.87 48.77 11.17
CA SER A 340 23.23 48.32 11.45
C SER A 340 24.00 47.86 10.22
N TYR A 341 23.36 47.10 9.35
CA TYR A 341 23.99 46.60 8.14
C TYR A 341 24.30 47.67 7.11
N GLN A 342 23.55 48.75 7.14
CA GLN A 342 23.74 49.84 6.18
C GLN A 342 24.78 50.85 6.62
N GLU A 343 25.01 50.94 7.92
CA GLU A 343 25.97 51.90 8.47
C GLU A 343 27.35 51.92 7.80
N PRO A 344 27.96 50.74 7.57
CA PRO A 344 29.28 50.70 6.92
C PRO A 344 29.28 51.33 5.54
N PHE A 345 28.10 51.50 4.95
CA PHE A 345 28.03 52.08 3.61
C PHE A 345 27.33 53.43 3.61
N THR A 346 27.13 53.98 4.79
CA THR A 346 26.50 55.29 4.94
C THR A 346 27.64 56.29 5.16
N HIS A 347 27.82 57.20 4.21
CA HIS A 347 28.89 58.18 4.29
C HIS A 347 28.43 59.49 4.93
N SER A 348 29.34 60.46 4.94
CA SER A 348 29.03 61.77 5.48
C SER A 348 28.49 62.55 4.30
N ALA A 349 27.40 63.27 4.54
CA ALA A 349 26.76 64.06 3.50
C ALA A 349 27.76 64.86 2.69
N PRO A 350 27.71 64.73 1.35
CA PRO A 350 28.67 65.48 0.54
C PRO A 350 28.30 66.96 0.54
N GLU A 351 29.06 67.76 -0.19
CA GLU A 351 28.83 69.19 -0.28
C GLU A 351 27.33 69.41 -0.49
N SER A 352 26.81 68.86 -1.59
CA SER A 352 25.41 68.98 -1.93
C SER A 352 24.77 67.59 -1.90
N ILE A 353 23.59 67.49 -1.28
CA ILE A 353 22.90 66.21 -1.19
C ILE A 353 22.04 66.02 -2.45
N PRO A 354 22.32 64.96 -3.22
CA PRO A 354 21.60 64.65 -4.46
C PRO A 354 20.13 64.33 -4.18
N ASP A 355 19.25 65.06 -4.85
CA ASP A 355 17.81 64.88 -4.67
C ASP A 355 17.30 63.66 -5.43
N THR A 356 17.81 63.44 -6.63
CA THR A 356 17.39 62.31 -7.45
C THR A 356 18.57 61.39 -7.71
N PHE A 357 18.30 60.20 -8.22
CA PHE A 357 19.38 59.29 -8.51
C PHE A 357 20.28 59.91 -9.59
N GLU A 358 19.71 60.79 -10.42
CA GLU A 358 20.50 61.44 -11.45
C GLU A 358 21.46 62.44 -10.80
N ASP A 359 20.99 63.12 -9.75
CA ASP A 359 21.84 64.07 -9.05
C ASP A 359 22.97 63.29 -8.35
N ALA A 360 22.68 62.07 -7.91
CA ALA A 360 23.68 61.25 -7.24
C ALA A 360 24.72 60.76 -8.24
N VAL A 361 24.28 60.45 -9.45
CA VAL A 361 25.20 59.99 -10.48
C VAL A 361 26.18 61.09 -10.87
N ASN A 362 25.67 62.32 -11.03
CA ASN A 362 26.50 63.46 -11.41
C ASN A 362 27.41 63.97 -10.28
N ILE A 363 26.91 63.93 -9.06
CA ILE A 363 27.66 64.40 -7.90
C ILE A 363 28.75 63.39 -7.47
N LEU A 364 28.36 62.15 -7.24
CA LEU A 364 29.29 61.11 -6.82
C LEU A 364 30.14 60.59 -7.97
N LYS A 365 29.60 60.68 -9.19
CA LYS A 365 30.29 60.19 -10.38
C LYS A 365 30.79 58.75 -10.30
N PRO A 366 29.92 57.81 -9.91
CA PRO A 366 30.35 56.42 -9.83
C PRO A 366 30.69 55.86 -11.22
N SER A 367 31.40 54.74 -11.24
CA SER A 367 31.78 54.10 -12.49
C SER A 367 30.93 52.84 -12.68
N THR A 368 30.25 52.44 -11.60
CA THR A 368 29.39 51.28 -11.63
C THR A 368 28.10 51.63 -10.93
N ILE A 369 27.00 51.23 -11.56
CA ILE A 369 25.67 51.48 -11.04
C ILE A 369 24.98 50.12 -11.03
N ILE A 370 24.36 49.79 -9.89
CA ILE A 370 23.68 48.51 -9.72
C ILE A 370 22.28 48.72 -9.16
N GLY A 371 21.29 48.30 -9.94
CA GLY A 371 19.90 48.46 -9.53
C GLY A 371 19.25 47.24 -8.92
N VAL A 372 18.81 47.39 -7.68
CA VAL A 372 18.13 46.33 -6.93
C VAL A 372 17.06 46.98 -6.05
N ALA A 373 16.21 47.79 -6.67
CA ALA A 373 15.15 48.48 -5.94
C ALA A 373 13.78 47.87 -6.24
N GLY A 374 13.73 47.06 -7.31
CA GLY A 374 12.50 46.42 -7.71
C GLY A 374 11.32 47.36 -7.84
N ALA A 375 11.62 48.61 -8.19
CA ALA A 375 10.60 49.64 -8.29
C ALA A 375 10.36 50.18 -9.70
N GLY A 376 10.84 49.48 -10.72
CA GLY A 376 10.63 49.94 -12.09
C GLY A 376 11.83 50.56 -12.77
N ARG A 377 11.56 51.30 -13.84
CA ARG A 377 12.61 51.93 -14.65
C ARG A 377 13.29 53.16 -14.04
N LEU A 378 13.95 52.99 -12.90
CA LEU A 378 14.61 54.13 -12.27
C LEU A 378 15.91 54.55 -12.99
N PHE A 379 16.44 53.71 -13.86
CA PHE A 379 17.64 54.08 -14.60
C PHE A 379 17.18 54.73 -15.90
N THR A 380 16.62 55.92 -15.73
CA THR A 380 16.09 56.73 -16.82
C THR A 380 17.16 57.00 -17.88
N PRO A 381 16.75 57.54 -19.04
CA PRO A 381 17.72 57.84 -20.10
C PRO A 381 18.73 58.89 -19.60
N ASP A 382 18.27 59.88 -18.85
CA ASP A 382 19.17 60.91 -18.34
C ASP A 382 20.24 60.26 -17.46
N VAL A 383 19.81 59.29 -16.65
CA VAL A 383 20.74 58.58 -15.77
C VAL A 383 21.77 57.83 -16.61
N ILE A 384 21.29 57.08 -17.60
CA ILE A 384 22.17 56.32 -18.46
C ILE A 384 23.11 57.25 -19.22
N ARG A 385 22.59 58.40 -19.65
CA ARG A 385 23.41 59.37 -20.38
C ARG A 385 24.52 59.92 -19.48
N ALA A 386 24.17 60.23 -18.23
CA ALA A 386 25.13 60.76 -17.29
C ALA A 386 26.27 59.76 -17.10
N ALA A 388 27.19 57.64 -19.27
CA ALA A 388 27.91 57.58 -20.54
C ALA A 388 28.95 58.69 -20.66
N SER A 389 28.65 59.84 -20.06
CA SER A 389 29.57 60.98 -20.12
C SER A 389 30.63 60.98 -19.01
N ILE A 390 30.31 60.41 -17.86
CA ILE A 390 31.27 60.35 -16.76
C ILE A 390 32.30 59.25 -16.99
N ASN A 391 31.84 58.11 -17.52
CA ASN A 391 32.69 56.96 -17.75
C ASN A 391 32.75 56.53 -19.22
N GLU A 392 33.92 56.12 -19.66
CA GLU A 392 34.11 55.66 -21.03
C GLU A 392 33.37 54.33 -21.21
N ARG A 393 33.51 53.43 -20.24
CA ARG A 393 32.84 52.13 -20.27
C ARG A 393 32.04 51.96 -18.98
N PRO A 394 30.89 52.65 -18.86
CA PRO A 394 30.04 52.58 -17.67
C PRO A 394 29.47 51.19 -17.40
N VAL A 395 29.52 50.78 -16.15
CA VAL A 395 28.99 49.49 -15.76
C VAL A 395 27.57 49.69 -15.28
N ILE A 396 26.62 49.08 -15.99
CA ILE A 396 25.22 49.22 -15.62
C ILE A 396 24.55 47.87 -15.36
N PHE A 397 24.13 47.65 -14.12
CA PHE A 397 23.46 46.42 -13.74
C PHE A 397 22.02 46.70 -13.27
N ALA A 398 21.04 46.27 -14.06
CA ALA A 398 19.63 46.46 -13.72
C ALA A 398 19.16 45.07 -13.28
N LEU A 399 19.35 44.78 -12.00
CA LEU A 399 19.03 43.46 -11.48
C LEU A 399 17.63 43.16 -10.96
N SER A 400 16.79 44.19 -10.80
CA SER A 400 15.43 43.95 -10.29
C SER A 400 14.57 43.04 -11.18
N ASN A 401 13.77 42.19 -10.52
CA ASN A 401 12.89 41.24 -11.20
C ASN A 401 11.42 41.39 -10.77
N PRO A 402 10.47 41.11 -11.69
CA PRO A 402 10.65 40.67 -13.08
C PRO A 402 10.92 41.85 -14.03
N THR A 403 10.82 41.60 -15.33
CA THR A 403 11.11 42.61 -16.35
C THR A 403 10.45 43.99 -16.20
N ALA A 404 9.21 44.05 -15.75
CA ALA A 404 8.56 45.34 -15.56
C ALA A 404 9.21 46.13 -14.41
N GLN A 405 9.82 45.43 -13.45
CA GLN A 405 10.44 46.11 -12.32
C GLN A 405 11.90 46.44 -12.58
N ALA A 406 12.44 45.99 -13.71
CA ALA A 406 13.83 46.26 -14.04
C ALA A 406 14.06 47.76 -14.13
N GLU A 407 15.28 48.19 -13.81
CA GLU A 407 15.66 49.61 -13.83
C GLU A 407 15.73 50.19 -15.26
N CYS A 408 16.03 49.33 -16.22
CA CYS A 408 16.10 49.73 -17.61
C CYS A 408 16.25 48.46 -18.43
N THR A 409 16.03 48.56 -19.73
CA THR A 409 16.16 47.40 -20.62
C THR A 409 17.54 47.38 -21.24
N ALA A 410 17.82 46.31 -21.98
CA ALA A 410 19.08 46.13 -22.66
C ALA A 410 19.20 47.12 -23.80
N GLU A 411 18.12 47.32 -24.53
CA GLU A 411 18.10 48.24 -25.66
C GLU A 411 18.49 49.65 -25.20
N GLU A 412 17.86 50.11 -24.13
CA GLU A 412 18.12 51.45 -23.58
C GLU A 412 19.55 51.65 -23.10
N ALA A 413 20.15 50.60 -22.56
CA ALA A 413 21.51 50.69 -22.06
C ALA A 413 22.54 50.86 -23.18
N TYR A 414 22.53 49.95 -24.14
CA TYR A 414 23.47 50.00 -25.26
C TYR A 414 23.25 51.20 -26.19
N THR A 415 22.00 51.50 -26.51
CA THR A 415 21.66 52.60 -27.39
C THR A 415 22.07 53.95 -26.80
N LEU A 416 21.64 54.19 -25.57
CA LEU A 416 21.95 55.44 -24.89
C LEU A 416 23.43 55.68 -24.58
N THR A 417 24.22 54.60 -24.49
CA THR A 417 25.64 54.77 -24.20
C THR A 417 26.46 54.49 -25.45
N GLU A 418 25.78 54.33 -26.58
CA GLU A 418 26.43 54.06 -27.85
C GLU A 418 27.31 52.82 -27.79
N GLY A 419 26.84 51.80 -27.08
CA GLY A 419 27.57 50.55 -26.96
C GLY A 419 28.82 50.57 -26.10
N ARG A 420 29.01 51.65 -25.35
CA ARG A 420 30.19 51.76 -24.48
C ARG A 420 29.98 51.26 -23.06
N CYS A 421 28.83 50.67 -22.79
CA CYS A 421 28.58 50.18 -21.44
C CYS A 421 28.63 48.65 -21.33
N LEU A 422 28.83 48.17 -20.11
CA LEU A 422 28.85 46.74 -19.81
C LEU A 422 27.53 46.52 -19.10
N PHE A 423 26.62 45.80 -19.74
CA PHE A 423 25.30 45.58 -19.18
C PHE A 423 24.97 44.16 -18.75
N ALA A 424 24.11 44.08 -17.73
CA ALA A 424 23.64 42.82 -17.20
C ALA A 424 22.30 43.12 -16.56
N SER A 425 21.39 42.16 -16.58
CA SER A 425 20.08 42.36 -15.99
C SER A 425 19.63 41.11 -15.25
N GLY A 426 18.72 41.27 -14.29
CA GLY A 426 18.21 40.15 -13.55
C GLY A 426 17.30 39.29 -14.42
N SER A 427 16.54 39.94 -15.32
CA SER A 427 15.63 39.25 -16.24
C SER A 427 16.19 39.27 -17.68
N PRO A 428 15.83 38.26 -18.50
CA PRO A 428 16.32 38.18 -19.88
C PRO A 428 15.82 39.21 -20.88
N PHE A 429 16.74 39.62 -21.76
CA PHE A 429 16.48 40.56 -22.85
C PHE A 429 17.23 39.93 -24.01
N GLY A 430 16.66 40.00 -25.21
CA GLY A 430 17.35 39.43 -26.35
C GLY A 430 18.52 40.29 -26.75
N PRO A 431 19.24 39.94 -27.83
CA PRO A 431 20.39 40.71 -28.30
C PRO A 431 19.97 42.12 -28.75
N VAL A 432 20.93 43.04 -28.77
CA VAL A 432 20.68 44.42 -29.20
C VAL A 432 21.53 44.77 -30.42
N LYS A 433 20.89 45.29 -31.47
CA LYS A 433 21.59 45.68 -32.69
C LYS A 433 21.42 47.17 -32.94
N LEU A 434 22.52 47.91 -32.86
CA LEU A 434 22.47 49.35 -33.08
C LEU A 434 22.35 49.66 -34.56
N THR A 435 21.91 50.88 -34.88
CA THR A 435 21.76 51.29 -36.27
C THR A 435 23.05 51.04 -37.05
N ASP A 436 24.19 51.30 -36.40
CA ASP A 436 25.46 51.10 -37.07
C ASP A 436 25.79 49.63 -37.32
N GLY A 437 24.83 48.76 -37.02
CA GLY A 437 25.03 47.33 -37.24
C GLY A 437 25.52 46.48 -36.07
N ARG A 438 26.43 47.03 -35.26
CA ARG A 438 26.98 46.30 -34.12
C ARG A 438 25.93 45.56 -33.27
N VAL A 439 26.27 44.34 -32.86
CA VAL A 439 25.37 43.53 -32.06
C VAL A 439 25.93 43.30 -30.66
N PHE A 440 25.06 43.42 -29.67
CA PHE A 440 25.44 43.23 -28.26
C PHE A 440 24.57 42.15 -27.63
N THR A 441 25.22 41.22 -26.94
CA THR A 441 24.53 40.12 -26.27
C THR A 441 24.68 40.32 -24.76
N PRO A 442 23.60 40.79 -24.11
CA PRO A 442 23.60 41.03 -22.65
C PRO A 442 23.62 39.78 -21.79
N GLY A 443 24.30 39.86 -20.66
CA GLY A 443 24.36 38.74 -19.74
C GLY A 443 23.26 38.90 -18.72
N GLN A 444 22.89 37.80 -18.08
CA GLN A 444 21.84 37.82 -17.09
C GLN A 444 22.39 37.60 -15.69
N GLY A 445 22.50 38.68 -14.92
CA GLY A 445 23.00 38.57 -13.56
C GLY A 445 21.88 38.14 -12.65
N ASN A 446 21.62 36.84 -12.62
CA ASN A 446 20.56 36.28 -11.79
C ASN A 446 21.20 35.20 -10.92
N ASN A 447 20.76 35.09 -9.67
CA ASN A 447 21.35 34.10 -8.78
C ASN A 447 21.21 32.65 -9.26
N VAL A 448 20.57 32.44 -10.40
CA VAL A 448 20.42 31.09 -10.93
C VAL A 448 21.78 30.51 -11.33
N TYR A 449 22.75 31.38 -11.56
CA TYR A 449 24.09 30.92 -11.93
C TYR A 449 24.86 30.46 -10.71
N ILE A 450 24.31 30.66 -9.52
CA ILE A 450 25.04 30.29 -8.34
C ILE A 450 24.42 29.18 -7.49
N PHE A 451 23.25 29.44 -6.92
CA PHE A 451 22.65 28.45 -6.03
C PHE A 451 22.69 26.98 -6.45
N PRO A 452 22.51 26.66 -7.74
CA PRO A 452 22.54 25.24 -8.11
C PRO A 452 23.89 24.57 -7.79
N GLY A 453 24.98 25.12 -8.32
CA GLY A 453 26.30 24.57 -8.07
C GLY A 453 26.70 24.62 -6.61
N VAL A 454 26.45 25.75 -5.97
CA VAL A 454 26.77 25.90 -4.56
C VAL A 454 26.03 24.86 -3.73
N ALA A 455 24.73 24.71 -3.97
CA ALA A 455 23.93 23.75 -3.22
C ALA A 455 24.41 22.31 -3.48
N LEU A 456 24.79 22.02 -4.71
CA LEU A 456 25.25 20.69 -5.07
C LEU A 456 26.50 20.33 -4.29
N ALA A 457 27.45 21.27 -4.23
CA ALA A 457 28.70 21.04 -3.52
C ALA A 457 28.47 20.89 -2.03
N VAL A 458 27.63 21.76 -1.47
CA VAL A 458 27.32 21.73 -0.05
C VAL A 458 26.66 20.41 0.38
N ILE A 459 25.89 19.84 -0.54
CA ILE A 459 25.19 18.59 -0.28
C ILE A 459 26.15 17.40 -0.37
N LEU A 460 26.92 17.34 -1.45
CA LEU A 460 27.84 16.24 -1.66
C LEU A 460 28.96 16.17 -0.60
N CYS A 461 29.34 17.31 -0.02
CA CYS A 461 30.40 17.34 0.98
C CYS A 461 29.90 17.22 2.42
N ASN A 462 28.58 17.12 2.60
CA ASN A 462 28.01 17.02 3.94
C ASN A 462 28.41 18.21 4.79
N THR A 463 28.51 19.38 4.15
CA THR A 463 28.86 20.62 4.84
C THR A 463 27.83 20.99 5.91
N ARG A 464 28.30 21.38 7.09
CA ARG A 464 27.43 21.73 8.22
C ARG A 464 26.98 23.19 8.24
N HIS A 465 27.82 24.06 7.72
CA HIS A 465 27.50 25.48 7.68
C HIS A 465 28.13 26.13 6.46
N ILE A 466 27.50 27.20 5.98
CA ILE A 466 27.98 27.92 4.81
C ILE A 466 28.41 29.34 5.19
N SER A 467 29.67 29.65 4.91
CA SER A 467 30.21 30.98 5.21
C SER A 467 30.19 31.80 3.93
N ASP A 468 30.31 33.13 4.07
CA ASP A 468 30.30 34.00 2.91
C ASP A 468 31.47 33.68 1.99
N SER A 469 32.51 33.07 2.54
CA SER A 469 33.69 32.68 1.78
C SER A 469 33.29 31.77 0.62
N VAL A 470 32.35 30.86 0.87
CA VAL A 470 31.90 29.94 -0.14
C VAL A 470 31.41 30.71 -1.38
N PHE A 471 30.58 31.70 -1.15
CA PHE A 471 30.06 32.49 -2.26
C PHE A 471 31.12 33.30 -2.95
N LEU A 472 32.12 33.74 -2.21
CA LEU A 472 33.22 34.51 -2.80
C LEU A 472 33.89 33.57 -3.83
N GLU A 473 34.02 32.31 -3.45
CA GLU A 473 34.62 31.29 -4.31
C GLU A 473 33.74 30.92 -5.48
N ALA A 474 32.44 30.83 -5.23
CA ALA A 474 31.52 30.51 -6.29
C ALA A 474 31.63 31.64 -7.31
N ALA A 475 31.67 32.87 -6.81
CA ALA A 475 31.78 34.05 -7.66
C ALA A 475 32.98 33.91 -8.58
N LYS A 476 34.12 33.54 -8.01
CA LYS A 476 35.33 33.37 -8.80
C LYS A 476 35.20 32.20 -9.77
N ALA A 477 34.59 31.11 -9.30
CA ALA A 477 34.43 29.92 -10.13
C ALA A 477 33.57 30.16 -11.36
N LEU A 478 32.54 31.00 -11.22
CA LEU A 478 31.65 31.31 -12.33
C LEU A 478 32.33 32.12 -13.43
N THR A 479 32.89 33.26 -13.05
CA THR A 479 33.55 34.12 -14.03
C THR A 479 34.76 33.50 -14.69
N SER A 480 35.39 32.53 -14.02
CA SER A 480 36.57 31.87 -14.59
C SER A 480 36.23 30.98 -15.77
N GLN A 481 34.94 30.68 -15.94
CA GLN A 481 34.50 29.83 -17.03
C GLN A 481 34.17 30.66 -18.28
N LEU A 482 34.27 31.97 -18.15
CA LEU A 482 33.99 32.88 -19.25
C LEU A 482 35.15 32.87 -20.24
N THR A 483 34.84 32.69 -21.52
CA THR A 483 35.87 32.69 -22.54
C THR A 483 35.86 34.01 -23.29
N ASP A 484 37.05 34.59 -23.47
CA ASP A 484 37.24 35.86 -24.16
C ASP A 484 36.21 36.15 -25.26
N GLU A 485 36.03 35.19 -26.17
CA GLU A 485 35.07 35.35 -27.26
C GLU A 485 33.76 35.89 -26.70
N GLU A 486 33.19 35.12 -25.78
CA GLU A 486 31.92 35.47 -25.14
C GLU A 486 31.97 36.84 -24.49
N LEU A 487 33.10 37.15 -23.86
CA LEU A 487 33.28 38.43 -23.19
C LEU A 487 33.27 39.52 -24.25
N ALA A 488 33.76 39.18 -25.44
CA ALA A 488 33.81 40.11 -26.56
C ALA A 488 32.44 40.35 -27.17
N GLN A 489 31.49 39.49 -26.83
CA GLN A 489 30.11 39.64 -27.34
C GLN A 489 29.32 40.54 -26.40
N GLY A 490 29.90 40.84 -25.24
CA GLY A 490 29.22 41.68 -24.27
C GLY A 490 28.71 40.84 -23.11
N ARG A 491 29.27 39.64 -22.99
CA ARG A 491 28.88 38.71 -21.94
C ARG A 491 29.73 38.88 -20.69
N LEU A 492 29.06 39.06 -19.56
CA LEU A 492 29.73 39.19 -18.27
C LEU A 492 29.48 37.89 -17.52
N TYR A 493 28.86 36.95 -18.23
CA TYR A 493 28.55 35.63 -17.69
C TYR A 493 28.53 34.62 -18.83
N PRO A 494 28.82 33.35 -18.52
CA PRO A 494 28.83 32.26 -19.51
C PRO A 494 27.43 32.02 -20.07
N PRO A 495 27.35 31.60 -21.35
CA PRO A 495 26.09 31.33 -22.04
C PRO A 495 25.09 30.48 -21.24
N LEU A 496 23.92 31.04 -21.00
CA LEU A 496 22.86 30.37 -20.25
C LEU A 496 22.60 28.97 -20.81
N ALA A 497 22.83 28.79 -22.10
CA ALA A 497 22.61 27.51 -22.75
C ALA A 497 23.51 26.43 -22.17
N ASN A 498 24.54 26.82 -21.44
CA ASN A 498 25.46 25.87 -20.87
C ASN A 498 25.44 25.90 -19.36
N ILE A 499 24.34 26.37 -18.80
CA ILE A 499 24.25 26.46 -17.36
C ILE A 499 24.41 25.09 -16.67
N GLN A 500 24.25 23.99 -17.41
CA GLN A 500 24.41 22.67 -16.79
C GLN A 500 25.89 22.43 -16.51
N GLU A 501 26.73 22.60 -17.53
CA GLU A 501 28.17 22.41 -17.38
C GLU A 501 28.75 23.43 -16.40
N VAL A 502 28.34 24.68 -16.54
CA VAL A 502 28.81 25.75 -15.67
C VAL A 502 28.50 25.45 -14.21
N SER A 503 27.25 25.07 -13.93
CA SER A 503 26.86 24.74 -12.57
C SER A 503 27.77 23.66 -11.99
N ILE A 504 27.96 22.59 -12.75
CA ILE A 504 28.80 21.48 -12.30
C ILE A 504 30.23 21.95 -12.02
N ASN A 505 30.75 22.83 -12.86
CA ASN A 505 32.10 23.32 -12.62
C ASN A 505 32.14 24.11 -11.31
N ILE A 506 31.09 24.88 -11.03
CA ILE A 506 31.06 25.65 -9.80
C ILE A 506 31.00 24.68 -8.61
N ALA A 507 30.26 23.59 -8.79
CA ALA A 507 30.11 22.58 -7.76
C ALA A 507 31.48 21.97 -7.43
N ILE A 508 32.23 21.65 -8.47
CA ILE A 508 33.55 21.05 -8.30
C ILE A 508 34.49 21.97 -7.53
N LYS A 509 34.67 23.19 -8.04
CA LYS A 509 35.55 24.16 -7.40
C LYS A 509 35.13 24.39 -5.95
N VAL A 510 33.83 24.50 -5.70
CA VAL A 510 33.35 24.73 -4.35
C VAL A 510 33.62 23.53 -3.42
N THR A 511 33.50 22.32 -3.95
CA THR A 511 33.75 21.14 -3.12
C THR A 511 35.22 21.10 -2.75
N GLU A 512 36.08 21.47 -3.69
CA GLU A 512 37.52 21.49 -3.44
C GLU A 512 37.82 22.54 -2.38
N TYR A 513 37.08 23.64 -2.41
CA TYR A 513 37.27 24.72 -1.46
C TYR A 513 36.77 24.31 -0.07
N LEU A 514 35.65 23.62 0.00
CA LEU A 514 35.10 23.20 1.28
C LEU A 514 36.04 22.22 1.99
N TYR A 515 36.60 21.29 1.24
CA TYR A 515 37.52 20.32 1.79
C TYR A 515 38.84 20.99 2.19
N ALA A 516 39.39 21.78 1.28
CA ALA A 516 40.64 22.48 1.54
C ALA A 516 40.56 23.30 2.82
N ASN A 517 39.37 23.77 3.17
CA ASN A 517 39.21 24.57 4.37
C ASN A 517 38.54 23.82 5.50
N LYS A 518 38.58 22.49 5.42
CA LYS A 518 38.02 21.61 6.43
C LYS A 518 36.59 21.94 6.84
N ALA A 520 34.11 20.51 4.79
CA ALA A 520 33.47 19.32 4.24
C ALA A 520 33.64 18.14 5.19
N PHE A 521 32.56 17.42 5.46
CA PHE A 521 32.64 16.28 6.35
C PHE A 521 32.32 14.92 5.72
N ARG A 522 32.31 14.89 4.39
CA ARG A 522 32.04 13.64 3.68
C ARG A 522 33.34 12.82 3.68
N TYR A 523 33.30 11.62 4.25
CA TYR A 523 34.51 10.79 4.30
C TYR A 523 34.29 9.45 3.60
N PRO A 524 35.35 8.93 2.96
CA PRO A 524 36.69 9.53 2.87
C PRO A 524 36.66 10.71 1.91
N GLU A 525 37.73 11.50 1.89
CA GLU A 525 37.77 12.63 0.98
C GLU A 525 38.08 12.16 -0.43
N PRO A 526 37.21 12.47 -1.39
CA PRO A 526 37.48 12.02 -2.75
C PRO A 526 38.81 12.59 -3.24
N GLU A 527 39.53 11.77 -3.99
CA GLU A 527 40.83 12.13 -4.54
C GLU A 527 40.66 13.08 -5.72
N ASP A 528 39.72 12.75 -6.61
CA ASP A 528 39.43 13.56 -7.80
C ASP A 528 38.04 14.19 -7.62
N LYS A 529 38.00 15.44 -7.17
CA LYS A 529 36.73 16.13 -6.94
C LYS A 529 35.84 16.18 -8.18
N ALA A 530 36.47 16.25 -9.35
CA ALA A 530 35.73 16.31 -10.61
C ALA A 530 34.94 15.03 -10.89
N LYS A 531 35.60 13.88 -10.83
CA LYS A 531 34.94 12.60 -11.08
C LYS A 531 33.91 12.32 -9.98
N TYR A 532 34.18 12.84 -8.80
CA TYR A 532 33.29 12.67 -7.66
C TYR A 532 31.94 13.35 -7.91
N VAL A 533 31.99 14.59 -8.40
CA VAL A 533 30.77 15.32 -8.65
C VAL A 533 30.03 14.82 -9.89
N LYS A 534 30.74 14.67 -11.00
CA LYS A 534 30.13 14.20 -12.23
C LYS A 534 29.43 12.85 -12.08
N GLU A 535 29.94 12.00 -11.20
CA GLU A 535 29.36 10.68 -10.96
C GLU A 535 28.06 10.72 -10.17
N ARG A 536 27.89 11.76 -9.37
CA ARG A 536 26.70 11.85 -8.53
C ARG A 536 25.55 12.69 -9.04
N THR A 537 25.69 13.24 -10.23
CA THR A 537 24.60 14.04 -10.77
C THR A 537 23.49 13.13 -11.29
N TRP A 538 22.27 13.43 -10.88
CA TRP A 538 21.09 12.70 -11.28
C TRP A 538 20.92 12.88 -12.78
N ARG A 539 20.33 11.88 -13.43
CA ARG A 539 20.12 11.93 -14.87
C ARG A 539 18.64 11.84 -15.20
N SER A 540 18.27 12.30 -16.37
CA SER A 540 16.87 12.28 -16.80
C SER A 540 16.48 11.08 -17.66
N GLU A 541 17.46 10.32 -18.14
CA GLU A 541 17.14 9.14 -18.94
C GLU A 541 16.45 8.12 -18.04
N TYR A 542 15.53 7.35 -18.62
CA TYR A 542 14.80 6.34 -17.86
C TYR A 542 15.68 5.23 -17.28
N ASP A 543 15.32 4.76 -16.09
CA ASP A 543 16.03 3.67 -15.45
C ASP A 543 15.13 2.45 -15.64
N SER A 544 15.72 1.27 -15.61
CA SER A 544 14.90 0.06 -15.76
C SER A 544 14.24 -0.14 -14.41
N LEU A 545 12.97 -0.53 -14.41
CA LEU A 545 12.27 -0.76 -13.16
C LEU A 545 12.15 -2.26 -12.94
N LEU A 546 12.80 -3.02 -13.82
CA LEU A 546 12.77 -4.46 -13.76
C LEU A 546 13.41 -5.02 -12.51
N PRO A 547 12.82 -6.09 -11.94
CA PRO A 547 13.34 -6.74 -10.74
C PRO A 547 14.63 -7.42 -11.15
N ASP A 548 15.49 -7.71 -10.17
CA ASP A 548 16.74 -8.38 -10.47
C ASP A 548 16.49 -9.89 -10.63
N VAL A 549 16.34 -10.36 -11.87
CA VAL A 549 16.09 -11.77 -12.13
C VAL A 549 17.33 -12.48 -12.68
N TYR A 550 17.83 -13.45 -11.93
CA TYR A 550 19.02 -14.20 -12.33
C TYR A 550 18.91 -15.66 -11.93
N GLU A 551 19.65 -16.52 -12.62
CA GLU A 551 19.62 -17.94 -12.33
C GLU A 551 20.73 -18.34 -11.36
N TRP A 552 20.47 -19.37 -10.57
CA TRP A 552 21.44 -19.87 -9.60
C TRP A 552 22.31 -20.99 -10.20
N PRO A 553 23.62 -20.97 -9.90
CA PRO A 553 24.55 -21.98 -10.41
C PRO A 553 24.19 -23.42 -10.03
N ILE B 1 -12.39 4.10 1.26
CA ILE B 1 -10.99 4.07 0.85
C ILE B 1 -10.13 3.34 1.86
N LYS B 2 -9.09 2.68 1.38
CA LYS B 2 -8.20 1.92 2.25
C LYS B 2 -6.91 2.69 2.58
N GLU B 3 -6.47 3.57 1.67
CA GLU B 3 -5.24 4.33 1.88
C GLU B 3 -5.42 5.71 2.51
N LYS B 4 -4.29 6.29 2.92
CA LYS B 4 -4.27 7.61 3.52
C LYS B 4 -2.98 8.28 3.03
N GLY B 5 -2.93 9.60 3.07
CA GLY B 5 -1.74 10.29 2.60
C GLY B 5 -1.80 10.60 1.12
N LYS B 6 -0.66 10.98 0.57
CA LYS B 6 -0.50 11.37 -0.84
C LYS B 6 -1.31 10.53 -1.84
N PRO B 7 -1.31 9.19 -1.68
CA PRO B 7 -2.08 8.38 -2.62
C PRO B 7 -3.54 8.86 -2.80
N LEU B 8 -4.12 9.45 -1.76
CA LEU B 8 -5.49 9.95 -1.84
C LEU B 8 -5.58 11.10 -2.86
N LEU B 10 -3.25 11.41 -5.36
CA LEU B 10 -2.75 10.94 -6.65
C LEU B 10 -3.85 10.19 -7.43
N ASN B 11 -4.84 9.68 -6.71
CA ASN B 11 -5.94 8.97 -7.36
C ASN B 11 -7.11 9.93 -7.59
N PRO B 12 -7.46 10.19 -8.85
CA PRO B 12 -8.58 11.10 -9.16
C PRO B 12 -9.91 10.69 -8.53
N ARG B 13 -10.10 9.38 -8.34
CA ARG B 13 -11.32 8.86 -7.77
C ARG B 13 -11.54 9.45 -6.36
N THR B 14 -10.47 9.67 -5.61
CA THR B 14 -10.63 10.22 -4.26
C THR B 14 -10.18 11.66 -4.10
N ASN B 15 -9.29 12.13 -4.95
CA ASN B 15 -8.79 13.49 -4.82
C ASN B 15 -9.87 14.58 -4.82
N LYS B 16 -9.82 15.45 -3.80
CA LYS B 16 -10.76 16.54 -3.67
C LYS B 16 -10.03 17.88 -3.75
N GLY B 17 -8.71 17.84 -3.89
CA GLY B 17 -7.96 19.08 -3.94
C GLY B 17 -8.19 19.84 -2.65
N ALA B 19 -10.69 20.83 -1.40
CA ALA B 19 -12.01 20.53 -0.86
C ALA B 19 -11.95 19.58 0.33
N PHE B 20 -10.78 18.99 0.58
CA PHE B 20 -10.61 18.10 1.73
C PHE B 20 -10.78 18.98 2.96
N THR B 21 -11.72 18.65 3.83
CA THR B 21 -11.94 19.46 5.02
C THR B 21 -10.72 19.38 5.94
N LEU B 22 -10.64 20.32 6.88
CA LEU B 22 -9.53 20.35 7.82
C LEU B 22 -9.40 19.04 8.58
N GLN B 23 -10.51 18.52 9.05
CA GLN B 23 -10.50 17.28 9.82
C GLN B 23 -10.11 16.06 8.98
N GLU B 24 -10.42 16.10 7.69
CA GLU B 24 -10.07 15.00 6.79
C GLU B 24 -8.56 14.99 6.57
N ARG B 25 -8.00 16.18 6.40
CA ARG B 25 -6.57 16.32 6.17
C ARG B 25 -5.73 15.86 7.36
N GLN B 26 -6.19 16.18 8.55
CA GLN B 26 -5.44 15.80 9.74
C GLN B 26 -5.46 14.29 9.95
N LEU B 28 -6.14 11.93 7.77
CA LEU B 28 -5.73 11.11 6.64
C LEU B 28 -4.27 11.30 6.23
N GLY B 29 -3.58 12.24 6.88
CA GLY B 29 -2.19 12.50 6.57
C GLY B 29 -1.94 13.45 5.41
N LEU B 30 -2.83 14.42 5.24
CA LEU B 30 -2.68 15.40 4.16
C LEU B 30 -2.29 16.80 4.64
N GLN B 31 -2.34 17.04 5.96
CA GLN B 31 -1.96 18.35 6.49
C GLN B 31 -0.62 18.79 5.96
N GLY B 32 -0.58 19.99 5.38
CA GLY B 32 0.66 20.49 4.85
C GLY B 32 0.92 20.08 3.42
N LEU B 33 0.21 19.09 2.93
CA LEU B 33 0.40 18.66 1.55
C LEU B 33 -0.53 19.46 0.66
N LEU B 34 -1.42 20.21 1.30
CA LEU B 34 -2.39 21.06 0.62
C LEU B 34 -2.28 22.47 1.21
N PRO B 35 -2.65 23.49 0.44
CA PRO B 35 -2.59 24.87 0.93
C PRO B 35 -3.55 25.06 2.09
N PRO B 36 -3.28 26.03 2.98
CA PRO B 36 -4.12 26.31 4.15
C PRO B 36 -5.60 26.49 3.81
N LYS B 37 -5.88 27.00 2.61
CA LYS B 37 -7.23 27.23 2.14
C LYS B 37 -8.14 26.00 2.00
N ILE B 38 -9.35 26.12 2.55
CA ILE B 38 -10.36 25.06 2.47
C ILE B 38 -11.36 25.57 1.42
N GLU B 39 -11.53 24.86 0.30
CA GLU B 39 -12.47 25.31 -0.72
C GLU B 39 -13.70 24.43 -0.82
N THR B 40 -14.71 24.96 -1.51
CA THR B 40 -15.94 24.20 -1.73
C THR B 40 -15.88 23.76 -3.18
N GLN B 41 -16.71 22.79 -3.54
CA GLN B 41 -16.72 22.33 -4.91
C GLN B 41 -17.21 23.47 -5.79
N ASP B 42 -18.05 24.32 -5.20
CA ASP B 42 -18.60 25.48 -5.90
C ASP B 42 -17.49 26.41 -6.38
N ILE B 43 -16.48 26.61 -5.53
CA ILE B 43 -15.36 27.47 -5.86
C ILE B 43 -14.50 26.85 -6.95
N GLN B 44 -14.31 25.55 -6.85
CA GLN B 44 -13.52 24.81 -7.83
C GLN B 44 -14.19 24.94 -9.18
N ALA B 45 -15.52 24.86 -9.17
CA ALA B 45 -16.33 24.98 -10.37
C ALA B 45 -16.05 26.34 -11.04
N LEU B 46 -16.06 27.42 -10.26
CA LEU B 46 -15.79 28.76 -10.79
C LEU B 46 -14.43 28.84 -11.47
N ARG B 47 -13.40 28.39 -10.78
CA ARG B 47 -12.04 28.40 -11.31
C ARG B 47 -12.05 27.80 -12.72
N PHE B 48 -12.70 26.64 -12.84
CA PHE B 48 -12.80 25.96 -14.12
C PHE B 48 -13.41 26.86 -15.20
N HIS B 49 -14.63 27.31 -14.96
CA HIS B 49 -15.33 28.16 -15.93
C HIS B 49 -14.59 29.45 -16.26
N ARG B 50 -13.82 29.96 -15.30
CA ARG B 50 -13.04 31.16 -15.52
C ARG B 50 -11.97 30.90 -16.57
N ASN B 51 -11.32 29.73 -16.46
CA ASN B 51 -10.26 29.36 -17.40
C ASN B 51 -10.79 28.95 -18.78
N LEU B 52 -11.90 28.23 -18.81
CA LEU B 52 -12.50 27.75 -20.05
C LEU B 52 -12.90 28.91 -20.95
N LYS B 53 -13.55 29.91 -20.37
CA LYS B 53 -13.99 31.10 -21.10
C LYS B 53 -12.84 31.84 -21.78
N LYS B 54 -11.63 31.69 -21.26
CA LYS B 54 -10.47 32.34 -21.84
C LYS B 54 -9.99 31.52 -23.05
N THR B 56 -9.73 29.35 -26.49
CA THR B 56 -10.19 29.59 -27.85
C THR B 56 -10.68 28.41 -28.71
N SER B 57 -9.93 27.32 -28.79
CA SER B 57 -10.36 26.20 -29.62
C SER B 57 -11.05 25.05 -28.89
N PRO B 58 -11.96 24.35 -29.58
CA PRO B 58 -12.69 23.23 -28.98
C PRO B 58 -11.75 22.12 -28.50
N LEU B 59 -10.73 21.82 -29.28
CA LEU B 59 -9.78 20.79 -28.90
C LEU B 59 -9.06 21.17 -27.60
N GLU B 60 -8.69 22.44 -27.50
CA GLU B 60 -8.01 22.96 -26.32
C GLU B 60 -8.91 22.76 -25.09
N LYS B 61 -10.21 23.02 -25.26
CA LYS B 61 -11.16 22.85 -24.17
C LYS B 61 -11.28 21.37 -23.86
N TYR B 62 -11.07 20.52 -24.87
CA TYR B 62 -11.16 19.08 -24.69
C TYR B 62 -10.03 18.60 -23.79
N ILE B 63 -8.82 18.98 -24.14
CA ILE B 63 -7.65 18.59 -23.39
C ILE B 63 -7.81 19.01 -21.94
N TYR B 64 -8.18 20.26 -21.73
CA TYR B 64 -8.35 20.80 -20.40
C TYR B 64 -9.37 20.05 -19.55
N ILE B 65 -10.61 19.99 -20.00
CA ILE B 65 -11.64 19.32 -19.23
C ILE B 65 -11.39 17.83 -19.05
N GLY B 67 -8.62 16.52 -18.86
CA GLY B 67 -7.51 16.42 -17.94
C GLY B 67 -8.03 16.35 -16.52
N ILE B 68 -9.14 17.05 -16.27
CA ILE B 68 -9.75 17.08 -14.95
C ILE B 68 -10.26 15.72 -14.53
N GLN B 69 -10.68 14.91 -15.49
CA GLN B 69 -11.19 13.59 -15.17
C GLN B 69 -10.09 12.74 -14.56
N GLU B 70 -8.85 13.06 -14.91
CA GLU B 70 -7.69 12.34 -14.40
C GLU B 70 -7.04 13.00 -13.17
N ARG B 71 -7.71 13.99 -12.58
CA ARG B 71 -7.17 14.67 -11.39
C ARG B 71 -8.19 14.69 -10.26
N ASN B 72 -9.43 14.98 -10.60
CA ASN B 72 -10.51 15.07 -9.61
C ASN B 72 -11.83 14.62 -10.26
N GLU B 73 -12.06 13.32 -10.24
CA GLU B 73 -13.25 12.77 -10.84
C GLU B 73 -14.53 13.50 -10.45
N LYS B 74 -14.77 13.65 -9.15
CA LYS B 74 -15.96 14.33 -8.68
C LYS B 74 -16.11 15.71 -9.31
N LEU B 75 -15.02 16.47 -9.39
CA LEU B 75 -15.09 17.80 -9.98
C LEU B 75 -15.42 17.77 -11.46
N PHE B 76 -14.83 16.81 -12.17
CA PHE B 76 -15.04 16.63 -13.60
C PHE B 76 -16.55 16.55 -13.87
N TYR B 77 -17.20 15.59 -13.23
CA TYR B 77 -18.64 15.43 -13.42
C TYR B 77 -19.48 16.61 -12.91
N ARG B 78 -18.99 17.35 -11.91
CA ARG B 78 -19.74 18.49 -11.42
C ARG B 78 -19.71 19.54 -12.53
N ILE B 79 -18.56 19.64 -13.19
CA ILE B 79 -18.38 20.59 -14.28
C ILE B 79 -19.33 20.31 -15.45
N LEU B 80 -19.43 19.04 -15.84
CA LEU B 80 -20.34 18.66 -16.92
C LEU B 80 -21.77 19.00 -16.47
N GLN B 81 -22.13 18.51 -15.28
CA GLN B 81 -23.45 18.75 -14.72
C GLN B 81 -23.80 20.23 -14.72
N ASP B 82 -22.80 21.09 -14.59
CA ASP B 82 -23.02 22.54 -14.56
C ASP B 82 -23.70 23.02 -15.85
N ASP B 83 -23.22 22.55 -17.00
CA ASP B 83 -23.81 22.96 -18.26
C ASP B 83 -23.54 21.91 -19.34
N ILE B 84 -24.25 20.80 -19.24
CA ILE B 84 -24.08 19.69 -20.17
C ILE B 84 -24.27 20.15 -21.62
N GLU B 85 -25.28 20.97 -21.86
CA GLU B 85 -25.57 21.47 -23.19
C GLU B 85 -24.37 22.07 -23.92
N SER B 86 -23.66 22.98 -23.29
CA SER B 86 -22.51 23.58 -23.96
C SER B 86 -21.24 22.74 -23.96
N LEU B 87 -21.10 21.83 -23.00
CA LEU B 87 -19.91 21.00 -22.95
C LEU B 87 -20.02 19.74 -23.80
N PRO B 89 -20.70 19.31 -26.95
CA PRO B 89 -19.95 19.41 -28.22
C PRO B 89 -18.44 19.30 -28.04
N ILE B 90 -17.99 19.39 -26.79
CA ILE B 90 -16.56 19.34 -26.51
C ILE B 90 -16.09 17.95 -26.07
N VAL B 91 -16.78 17.36 -25.10
CA VAL B 91 -16.41 16.04 -24.62
C VAL B 91 -16.99 14.96 -25.51
N TYR B 92 -18.12 15.28 -26.14
CA TYR B 92 -18.79 14.34 -27.02
C TYR B 92 -18.62 14.82 -28.47
N THR B 93 -19.49 14.37 -29.38
CA THR B 93 -19.39 14.76 -30.79
C THR B 93 -19.80 16.23 -30.98
N PRO B 94 -19.14 16.94 -31.92
CA PRO B 94 -18.07 16.54 -32.85
C PRO B 94 -16.60 16.60 -32.39
N THR B 95 -16.31 17.30 -31.29
CA THR B 95 -14.91 17.41 -30.86
C THR B 95 -14.28 16.06 -30.50
N VAL B 96 -15.05 15.17 -29.88
CA VAL B 96 -14.48 13.88 -29.53
C VAL B 96 -13.86 13.24 -30.76
N GLY B 97 -14.47 13.47 -31.93
CA GLY B 97 -13.96 12.93 -33.17
C GLY B 97 -12.65 13.58 -33.53
N LEU B 98 -12.61 14.88 -33.32
CA LEU B 98 -11.41 15.65 -33.57
C LEU B 98 -10.29 15.11 -32.67
N ALA B 99 -10.63 14.84 -31.40
CA ALA B 99 -9.65 14.32 -30.46
C ALA B 99 -9.11 12.97 -30.96
N CYS B 100 -10.00 12.06 -31.34
CA CYS B 100 -9.57 10.76 -31.84
C CYS B 100 -8.61 10.85 -33.03
N SER B 101 -8.93 11.67 -34.01
CA SER B 101 -8.05 11.77 -35.18
C SER B 101 -6.70 12.31 -34.79
N GLN B 102 -6.59 12.80 -33.56
CA GLN B 102 -5.33 13.34 -33.09
C GLN B 102 -4.95 12.79 -31.71
N TYR B 103 -5.50 11.63 -31.36
CA TYR B 103 -5.23 11.02 -30.06
C TYR B 103 -3.75 10.92 -29.71
N GLY B 104 -2.92 10.63 -30.69
CA GLY B 104 -1.49 10.50 -30.43
C GLY B 104 -0.71 11.80 -30.20
N HIS B 105 -1.28 12.94 -30.58
CA HIS B 105 -0.58 14.20 -30.41
C HIS B 105 -0.88 14.87 -29.08
N ILE B 106 -2.06 14.60 -28.55
CA ILE B 106 -2.52 15.20 -27.30
C ILE B 106 -2.46 14.26 -26.08
N PHE B 107 -1.91 13.08 -26.28
CA PHE B 107 -1.80 12.07 -25.22
C PHE B 107 -1.04 12.53 -23.99
N ARG B 108 -1.61 12.29 -22.83
CA ARG B 108 -0.94 12.63 -21.58
C ARG B 108 -0.96 11.41 -20.67
N ARG B 109 -2.16 10.90 -20.42
CA ARG B 109 -2.33 9.70 -19.60
C ARG B 109 -3.30 8.79 -20.35
N PRO B 110 -3.12 7.47 -20.21
CA PRO B 110 -4.04 6.55 -20.90
C PRO B 110 -5.30 6.40 -20.08
N LYS B 111 -6.37 5.94 -20.72
CA LYS B 111 -7.65 5.72 -20.05
C LYS B 111 -8.17 4.39 -20.56
N GLY B 112 -8.80 3.61 -19.68
CA GLY B 112 -9.34 2.32 -20.08
C GLY B 112 -8.32 1.23 -20.40
N LEU B 113 -8.83 0.04 -20.69
CA LEU B 113 -8.01 -1.13 -21.00
C LEU B 113 -7.78 -1.34 -22.50
N PHE B 114 -6.54 -1.65 -22.86
CA PHE B 114 -6.21 -1.92 -24.25
C PHE B 114 -5.86 -3.40 -24.38
N ILE B 115 -6.60 -4.11 -25.22
CA ILE B 115 -6.35 -5.54 -25.44
C ILE B 115 -5.96 -5.71 -26.90
N SER B 116 -4.72 -6.13 -27.15
CA SER B 116 -4.28 -6.30 -28.54
C SER B 116 -4.21 -7.74 -29.01
N ILE B 117 -4.28 -7.94 -30.32
CA ILE B 117 -4.22 -9.26 -30.91
C ILE B 117 -2.98 -10.00 -30.39
N SER B 118 -1.92 -9.24 -30.13
CA SER B 118 -0.67 -9.79 -29.63
C SER B 118 -0.78 -10.30 -28.19
N ASP B 119 -1.91 -10.04 -27.55
CA ASP B 119 -2.11 -10.50 -26.18
C ASP B 119 -3.04 -11.72 -26.17
N ARG B 120 -3.28 -12.30 -27.36
CA ARG B 120 -4.16 -13.46 -27.45
C ARG B 120 -3.68 -14.57 -26.52
N GLY B 121 -4.62 -15.21 -25.83
CA GLY B 121 -4.27 -16.28 -24.91
C GLY B 121 -3.87 -15.76 -23.54
N HIS B 122 -3.70 -14.45 -23.42
CA HIS B 122 -3.30 -13.81 -22.17
C HIS B 122 -4.23 -12.66 -21.83
N VAL B 123 -5.42 -12.65 -22.41
CA VAL B 123 -6.37 -11.56 -22.16
C VAL B 123 -6.89 -11.52 -20.72
N ARG B 124 -7.06 -12.67 -20.08
CA ARG B 124 -7.55 -12.67 -18.72
C ARG B 124 -6.59 -11.93 -17.77
N SER B 125 -5.29 -12.08 -17.98
CA SER B 125 -4.32 -11.43 -17.12
C SER B 125 -4.36 -9.92 -17.32
N ILE B 126 -4.79 -9.47 -18.49
CA ILE B 126 -4.88 -8.05 -18.76
C ILE B 126 -6.09 -7.49 -18.00
N VAL B 127 -7.20 -8.22 -18.05
CA VAL B 127 -8.40 -7.79 -17.36
C VAL B 127 -8.11 -7.70 -15.85
N ASP B 128 -7.37 -8.67 -15.33
CA ASP B 128 -7.02 -8.67 -13.89
C ASP B 128 -6.13 -7.49 -13.51
N ASN B 129 -5.49 -6.86 -14.50
CA ASN B 129 -4.64 -5.71 -14.23
C ASN B 129 -5.46 -4.43 -13.98
N TRP B 130 -6.74 -4.46 -14.31
CA TRP B 130 -7.59 -3.29 -14.10
C TRP B 130 -7.82 -3.13 -12.60
N PRO B 131 -7.55 -1.91 -12.08
CA PRO B 131 -7.71 -1.58 -10.65
C PRO B 131 -9.08 -1.81 -10.02
N GLU B 132 -10.15 -1.44 -10.72
CA GLU B 132 -11.49 -1.57 -10.15
C GLU B 132 -12.03 -2.99 -10.06
N ASN B 133 -12.64 -3.28 -8.92
CA ASN B 133 -13.16 -4.60 -8.62
C ASN B 133 -14.62 -4.88 -8.93
N HIS B 134 -15.45 -3.84 -8.99
CA HIS B 134 -16.85 -4.07 -9.26
C HIS B 134 -17.32 -3.41 -10.54
N VAL B 135 -16.80 -3.85 -11.67
CA VAL B 135 -17.20 -3.28 -12.97
C VAL B 135 -18.57 -3.79 -13.38
N LYS B 136 -19.47 -2.87 -13.75
CA LYS B 136 -20.82 -3.25 -14.17
C LYS B 136 -21.09 -2.95 -15.64
N ALA B 137 -20.33 -2.04 -16.23
CA ALA B 137 -20.54 -1.66 -17.63
C ALA B 137 -19.27 -1.43 -18.43
N VAL B 138 -19.27 -1.98 -19.64
CA VAL B 138 -18.12 -1.87 -20.54
C VAL B 138 -18.53 -1.33 -21.89
N VAL B 139 -17.75 -0.40 -22.42
CA VAL B 139 -17.99 0.12 -23.74
C VAL B 139 -16.69 -0.20 -24.43
N VAL B 140 -16.78 -0.98 -25.50
CA VAL B 140 -15.60 -1.41 -26.24
C VAL B 140 -15.72 -1.12 -27.73
N THR B 141 -14.58 -0.85 -28.36
CA THR B 141 -14.49 -0.57 -29.80
C THR B 141 -13.20 -1.19 -30.33
N ASP B 142 -13.09 -1.26 -31.66
CA ASP B 142 -11.87 -1.76 -32.26
C ASP B 142 -11.40 -0.67 -33.20
N GLY B 143 -12.07 0.48 -33.11
CA GLY B 143 -11.74 1.64 -33.92
C GLY B 143 -11.84 1.53 -35.43
N GLU B 144 -12.66 0.62 -35.93
CA GLU B 144 -12.79 0.46 -37.36
C GLU B 144 -13.73 1.50 -37.99
N ARG B 145 -14.80 1.85 -37.28
CA ARG B 145 -15.76 2.85 -37.77
C ARG B 145 -16.03 3.93 -36.73
N ILE B 146 -15.03 4.78 -36.50
CA ILE B 146 -15.15 5.87 -35.53
C ILE B 146 -15.94 7.00 -36.16
N LEU B 147 -17.16 7.23 -35.64
CA LEU B 147 -18.03 8.24 -36.22
C LEU B 147 -18.03 7.98 -37.73
N GLY B 148 -18.02 9.04 -38.54
CA GLY B 148 -17.97 8.87 -39.98
C GLY B 148 -16.57 9.15 -40.44
N LEU B 149 -15.64 9.08 -39.49
CA LEU B 149 -14.23 9.36 -39.72
C LEU B 149 -13.46 8.17 -40.30
N GLY B 150 -13.98 6.96 -40.11
CA GLY B 150 -13.31 5.78 -40.64
C GLY B 150 -12.54 4.94 -39.65
N ASP B 151 -11.50 4.27 -40.14
CA ASP B 151 -10.63 3.41 -39.35
C ASP B 151 -9.55 4.24 -38.66
N LEU B 152 -9.63 4.35 -37.33
CA LEU B 152 -8.62 5.13 -36.61
C LEU B 152 -7.81 4.30 -35.63
N GLY B 153 -8.02 2.98 -35.66
CA GLY B 153 -7.29 2.09 -34.78
C GLY B 153 -7.45 2.45 -33.32
N VAL B 154 -6.32 2.42 -32.60
CA VAL B 154 -6.32 2.74 -31.18
C VAL B 154 -6.67 4.21 -30.91
N TYR B 155 -6.53 5.08 -31.91
CA TYR B 155 -6.89 6.48 -31.73
C TYR B 155 -8.40 6.55 -31.44
N GLY B 156 -9.10 5.46 -31.73
CA GLY B 156 -10.52 5.43 -31.48
C GLY B 156 -10.89 5.20 -30.03
N GLY B 158 -10.79 7.12 -27.82
CA GLY B 158 -11.50 8.31 -27.39
C GLY B 158 -13.00 8.15 -27.32
N ILE B 159 -13.53 7.29 -28.19
CA ILE B 159 -14.97 7.06 -28.23
C ILE B 159 -15.53 6.35 -26.99
N PRO B 160 -14.94 5.22 -26.61
CA PRO B 160 -15.44 4.51 -25.41
C PRO B 160 -15.29 5.40 -24.18
N VAL B 161 -14.22 6.18 -24.14
CA VAL B 161 -14.00 7.09 -23.03
C VAL B 161 -15.13 8.13 -23.03
N GLY B 162 -15.35 8.77 -24.17
CA GLY B 162 -16.40 9.77 -24.26
C GLY B 162 -17.77 9.20 -23.91
N LYS B 163 -18.06 7.99 -24.38
CA LYS B 163 -19.35 7.36 -24.11
C LYS B 163 -19.60 7.13 -22.63
N LEU B 164 -18.59 6.64 -21.93
CA LEU B 164 -18.74 6.35 -20.50
C LEU B 164 -18.94 7.58 -19.64
N CYS B 165 -18.36 8.71 -20.05
CA CYS B 165 -18.54 9.94 -19.28
C CYS B 165 -20.01 10.27 -19.25
N LEU B 166 -20.70 9.97 -20.36
CA LEU B 166 -22.12 10.25 -20.46
C LEU B 166 -22.97 9.28 -19.64
N TYR B 167 -22.46 8.07 -19.44
CA TYR B 167 -23.13 7.07 -18.62
C TYR B 167 -23.35 7.68 -17.25
N THR B 168 -22.32 8.39 -16.80
CA THR B 168 -22.31 9.04 -15.50
C THR B 168 -22.97 10.42 -15.54
N ALA B 169 -22.52 11.26 -16.46
CA ALA B 169 -23.06 12.60 -16.59
C ALA B 169 -24.55 12.59 -16.77
N CYS B 170 -25.05 11.76 -17.67
CA CYS B 170 -26.47 11.70 -17.97
C CYS B 170 -27.33 10.80 -17.05
N ALA B 171 -26.93 9.55 -16.89
CA ALA B 171 -27.71 8.60 -16.10
C ALA B 171 -27.23 8.28 -14.69
N GLY B 172 -26.16 8.91 -14.25
CA GLY B 172 -25.69 8.65 -12.90
C GLY B 172 -25.17 7.25 -12.66
N ILE B 173 -24.48 6.68 -13.65
CA ILE B 173 -23.89 5.37 -13.50
C ILE B 173 -22.52 5.58 -12.86
N ARG B 174 -22.27 4.91 -11.73
CA ARG B 174 -21.00 5.05 -11.02
C ARG B 174 -19.80 4.89 -11.94
N PRO B 175 -18.92 5.91 -11.97
CA PRO B 175 -17.70 5.95 -12.78
C PRO B 175 -16.76 4.77 -12.55
N ASP B 176 -16.51 4.40 -11.29
CA ASP B 176 -15.61 3.29 -11.02
C ASP B 176 -16.20 1.98 -11.52
N ARG B 177 -17.51 1.98 -11.74
CA ARG B 177 -18.19 0.78 -12.23
C ARG B 177 -18.16 0.73 -13.77
N CYS B 178 -17.46 1.67 -14.40
CA CYS B 178 -17.37 1.73 -15.87
C CYS B 178 -15.99 1.41 -16.42
N LEU B 179 -15.94 0.73 -17.57
CA LEU B 179 -14.65 0.37 -18.16
C LEU B 179 -14.57 0.56 -19.68
N PRO B 180 -13.82 1.55 -20.14
CA PRO B 180 -13.71 1.75 -21.60
C PRO B 180 -12.68 0.76 -22.14
N VAL B 181 -12.98 0.13 -23.27
CA VAL B 181 -12.05 -0.87 -23.81
C VAL B 181 -11.75 -0.71 -25.29
N CYS B 182 -10.49 -0.88 -25.64
CA CYS B 182 -10.09 -0.79 -27.03
C CYS B 182 -9.39 -2.09 -27.45
N ILE B 183 -9.95 -2.75 -28.45
CA ILE B 183 -9.39 -3.99 -28.99
C ILE B 183 -8.54 -3.60 -30.20
N ASP B 184 -7.23 -3.77 -30.09
CA ASP B 184 -6.34 -3.41 -31.18
C ASP B 184 -5.80 -4.60 -31.97
N VAL B 185 -6.34 -4.84 -33.15
CA VAL B 185 -5.86 -5.95 -33.98
C VAL B 185 -5.17 -5.36 -35.20
N GLY B 186 -4.75 -4.10 -35.09
CA GLY B 186 -4.09 -3.42 -36.20
C GLY B 186 -5.06 -2.42 -36.85
N THR B 187 -4.61 -1.72 -37.88
CA THR B 187 -5.47 -0.76 -38.58
C THR B 187 -5.10 -0.62 -40.05
N ASP B 188 -6.10 -0.36 -40.90
CA ASP B 188 -5.85 -0.19 -42.33
C ASP B 188 -5.58 1.24 -42.73
N ASN B 189 -5.69 2.14 -41.76
CA ASN B 189 -5.45 3.56 -41.98
C ASN B 189 -3.99 3.74 -42.35
N ILE B 190 -3.73 3.82 -43.66
CA ILE B 190 -2.36 3.96 -44.16
C ILE B 190 -1.54 5.08 -43.50
N ALA B 191 -2.20 6.20 -43.20
CA ALA B 191 -1.52 7.33 -42.58
C ALA B 191 -1.08 7.02 -41.17
N LEU B 192 -1.99 6.49 -40.35
CA LEU B 192 -1.63 6.17 -38.98
C LEU B 192 -0.43 5.24 -38.95
N LEU B 193 -0.40 4.27 -39.87
CA LEU B 193 0.71 3.32 -39.93
C LEU B 193 2.03 4.00 -40.23
N LYS B 194 1.98 5.30 -40.55
CA LYS B 194 3.20 6.06 -40.84
C LYS B 194 3.48 7.12 -39.77
N ASP B 195 2.53 7.32 -38.87
CA ASP B 195 2.64 8.32 -37.80
C ASP B 195 3.47 7.77 -36.63
N PRO B 196 4.53 8.52 -36.22
CA PRO B 196 5.40 8.11 -35.11
C PRO B 196 4.73 8.20 -33.74
N PHE B 197 3.56 8.83 -33.71
CA PHE B 197 2.82 8.99 -32.47
C PHE B 197 1.66 8.01 -32.34
N TYR B 198 1.48 7.15 -33.34
CA TYR B 198 0.39 6.18 -33.31
C TYR B 198 0.54 5.35 -32.03
N GLY B 200 -1.14 2.40 -31.47
CA GLY B 200 -1.45 0.99 -31.69
C GLY B 200 -0.32 0.20 -32.30
N LEU B 201 -0.62 -1.05 -32.61
CA LEU B 201 0.35 -1.97 -33.23
C LEU B 201 0.48 -1.60 -34.71
N TYR B 202 1.71 -1.52 -35.21
CA TYR B 202 1.90 -1.18 -36.62
C TYR B 202 1.72 -2.39 -37.53
N GLN B 203 0.48 -2.62 -37.94
CA GLN B 203 0.12 -3.72 -38.83
C GLN B 203 -1.31 -3.47 -39.28
N LYS B 204 -1.70 -4.04 -40.42
CA LYS B 204 -3.06 -3.86 -40.91
C LYS B 204 -3.97 -4.80 -40.11
N ARG B 205 -5.28 -4.56 -40.17
CA ARG B 205 -6.22 -5.37 -39.42
C ARG B 205 -6.14 -6.87 -39.66
N ASP B 206 -6.30 -7.61 -38.56
CA ASP B 206 -6.29 -9.07 -38.58
C ASP B 206 -7.76 -9.44 -38.69
N ARG B 207 -8.17 -9.93 -39.85
CA ARG B 207 -9.57 -10.32 -40.08
C ARG B 207 -9.78 -11.82 -40.09
N THR B 208 -8.80 -12.57 -39.57
CA THR B 208 -8.89 -14.02 -39.51
C THR B 208 -9.67 -14.49 -38.29
N GLN B 209 -9.72 -15.80 -38.09
CA GLN B 209 -10.43 -16.38 -36.94
C GLN B 209 -9.82 -15.89 -35.62
N GLN B 210 -8.57 -15.45 -35.66
CA GLN B 210 -7.91 -14.95 -34.46
C GLN B 210 -8.61 -13.70 -33.93
N TYR B 211 -9.08 -12.86 -34.85
CA TYR B 211 -9.81 -11.66 -34.46
C TYR B 211 -11.05 -12.13 -33.67
N ASP B 212 -11.79 -13.05 -34.28
CA ASP B 212 -12.99 -13.63 -33.68
C ASP B 212 -12.71 -14.19 -32.30
N ASP B 213 -11.64 -14.97 -32.20
CA ASP B 213 -11.29 -15.59 -30.93
C ASP B 213 -10.84 -14.57 -29.89
N LEU B 214 -10.18 -13.52 -30.34
CA LEU B 214 -9.73 -12.48 -29.44
C LEU B 214 -10.97 -11.90 -28.80
N ILE B 215 -11.96 -11.59 -29.63
CA ILE B 215 -13.21 -11.04 -29.14
C ILE B 215 -13.88 -12.03 -28.20
N ASP B 216 -13.76 -13.31 -28.54
CA ASP B 216 -14.34 -14.36 -27.71
C ASP B 216 -13.65 -14.35 -26.35
N GLU B 217 -12.32 -14.33 -26.37
CA GLU B 217 -11.50 -14.33 -25.16
C GLU B 217 -11.84 -13.15 -24.27
N PHE B 218 -12.05 -11.99 -24.91
CA PHE B 218 -12.38 -10.75 -24.21
C PHE B 218 -13.73 -10.86 -23.50
N LYS B 220 -15.21 -13.56 -22.53
CA LYS B 220 -15.07 -14.53 -21.47
C LYS B 220 -14.30 -13.97 -20.26
N ALA B 221 -13.21 -13.26 -20.52
CA ALA B 221 -12.40 -12.66 -19.46
C ALA B 221 -13.20 -11.67 -18.60
N ILE B 222 -13.84 -10.70 -19.26
CA ILE B 222 -14.64 -9.69 -18.57
C ILE B 222 -15.75 -10.29 -17.73
N THR B 223 -16.51 -11.21 -18.33
CA THR B 223 -17.61 -11.86 -17.66
C THR B 223 -17.13 -12.68 -16.46
N ASP B 224 -16.07 -13.46 -16.66
CA ASP B 224 -15.51 -14.29 -15.61
C ASP B 224 -15.03 -13.49 -14.40
N ARG B 225 -14.49 -12.30 -14.63
CA ARG B 225 -14.01 -11.53 -13.50
C ARG B 225 -15.08 -10.67 -12.82
N TYR B 226 -16.00 -10.11 -13.59
CA TYR B 226 -17.00 -9.23 -13.01
C TYR B 226 -18.43 -9.76 -12.97
N GLY B 227 -18.68 -10.92 -13.56
CA GLY B 227 -20.02 -11.47 -13.56
C GLY B 227 -20.55 -11.52 -14.98
N ARG B 228 -21.28 -12.57 -15.31
CA ARG B 228 -21.83 -12.72 -16.65
C ARG B 228 -23.00 -11.78 -16.90
N ASN B 229 -23.28 -10.95 -15.91
CA ASN B 229 -24.36 -9.99 -16.00
C ASN B 229 -23.82 -8.63 -16.46
N THR B 230 -22.50 -8.48 -16.47
CA THR B 230 -21.88 -7.23 -16.86
C THR B 230 -22.32 -6.75 -18.25
N LEU B 231 -22.79 -5.50 -18.31
CA LEU B 231 -23.26 -4.90 -19.54
C LEU B 231 -22.12 -4.61 -20.50
N ILE B 232 -22.18 -5.17 -21.70
CA ILE B 232 -21.13 -4.91 -22.67
C ILE B 232 -21.70 -4.16 -23.87
N GLN B 233 -21.34 -2.90 -24.00
CA GLN B 233 -21.81 -2.06 -25.10
C GLN B 233 -20.79 -2.00 -26.22
N PHE B 234 -21.16 -2.49 -27.41
CA PHE B 234 -20.29 -2.47 -28.57
C PHE B 234 -20.45 -1.12 -29.27
N GLU B 235 -19.33 -0.45 -29.52
CA GLU B 235 -19.38 0.85 -30.13
C GLU B 235 -18.44 1.02 -31.30
N ASP B 236 -18.96 1.63 -32.36
CA ASP B 236 -18.20 1.91 -33.55
C ASP B 236 -17.38 0.76 -34.14
N PHE B 237 -18.00 -0.42 -34.18
CA PHE B 237 -17.37 -1.58 -34.79
C PHE B 237 -17.74 -1.51 -36.28
N GLY B 238 -16.86 -2.01 -37.15
CA GLY B 238 -17.15 -2.01 -38.58
C GLY B 238 -18.48 -2.68 -38.88
N ASN B 239 -19.00 -2.44 -40.08
CA ASN B 239 -20.29 -2.99 -40.51
C ASN B 239 -20.49 -4.50 -40.31
N HIS B 240 -19.66 -5.30 -40.97
CA HIS B 240 -19.77 -6.75 -40.86
C HIS B 240 -19.77 -7.26 -39.42
N ASN B 241 -18.68 -6.96 -38.71
CA ASN B 241 -18.51 -7.37 -37.32
C ASN B 241 -19.62 -6.91 -36.39
N ALA B 242 -20.10 -5.69 -36.58
CA ALA B 242 -21.14 -5.17 -35.72
C ALA B 242 -22.36 -6.08 -35.62
N PHE B 243 -22.88 -6.53 -36.76
CA PHE B 243 -24.05 -7.40 -36.74
C PHE B 243 -23.77 -8.79 -36.21
N ARG B 244 -22.78 -9.46 -36.79
CA ARG B 244 -22.44 -10.81 -36.38
C ARG B 244 -22.19 -10.97 -34.89
N PHE B 245 -21.46 -10.02 -34.29
CA PHE B 245 -21.20 -10.11 -32.86
C PHE B 245 -22.49 -9.88 -32.08
N LEU B 246 -23.32 -8.96 -32.55
CA LEU B 246 -24.58 -8.72 -31.86
C LEU B 246 -25.41 -10.01 -31.82
N ARG B 247 -25.54 -10.65 -32.98
CA ARG B 247 -26.31 -11.88 -33.07
C ARG B 247 -25.68 -12.97 -32.19
N LYS B 248 -24.38 -13.13 -32.33
CA LYS B 248 -23.62 -14.14 -31.59
C LYS B 248 -23.68 -13.97 -30.06
N TYR B 249 -23.62 -12.74 -29.56
CA TYR B 249 -23.59 -12.56 -28.11
C TYR B 249 -24.84 -12.09 -27.38
N ARG B 250 -25.79 -11.49 -28.06
CA ARG B 250 -26.98 -11.00 -27.36
C ARG B 250 -27.72 -12.10 -26.62
N GLU B 251 -27.44 -13.34 -27.01
CA GLU B 251 -28.08 -14.51 -26.42
C GLU B 251 -27.30 -15.05 -25.23
N LYS B 252 -25.98 -14.95 -25.30
CA LYS B 252 -25.09 -15.46 -24.27
C LYS B 252 -24.74 -14.46 -23.17
N TYR B 253 -24.59 -13.20 -23.55
CA TYR B 253 -24.21 -12.15 -22.60
C TYR B 253 -25.23 -11.01 -22.55
N CYS B 254 -25.01 -10.07 -21.63
CA CYS B 254 -25.86 -8.90 -21.49
C CYS B 254 -25.21 -7.80 -22.31
N THR B 255 -25.29 -7.94 -23.63
CA THR B 255 -24.67 -7.01 -24.56
C THR B 255 -25.67 -6.40 -25.55
N PHE B 256 -25.19 -5.41 -26.30
CA PHE B 256 -26.00 -4.72 -27.29
C PHE B 256 -25.10 -3.76 -28.04
N ASN B 257 -25.46 -3.46 -29.28
CA ASN B 257 -24.66 -2.56 -30.09
C ASN B 257 -25.36 -1.21 -30.20
N ASP B 258 -24.68 -0.18 -29.70
CA ASP B 258 -25.19 1.19 -29.68
C ASP B 258 -25.48 1.81 -31.05
N ASP B 259 -24.62 1.51 -32.02
CA ASP B 259 -24.77 2.03 -33.36
C ASP B 259 -25.95 1.45 -34.11
N ILE B 260 -26.42 0.30 -33.64
CA ILE B 260 -27.54 -0.37 -34.27
C ILE B 260 -28.82 -0.17 -33.49
N GLN B 261 -28.80 -0.54 -32.22
CA GLN B 261 -29.98 -0.46 -31.37
C GLN B 261 -30.24 0.86 -30.66
N GLY B 262 -29.17 1.51 -30.20
CA GLY B 262 -29.34 2.78 -29.51
C GLY B 262 -29.89 3.80 -30.50
N THR B 263 -29.30 3.85 -31.68
CA THR B 263 -29.73 4.75 -32.73
C THR B 263 -31.17 4.50 -33.11
N ALA B 264 -31.49 3.21 -33.29
CA ALA B 264 -32.84 2.80 -33.67
C ALA B 264 -33.88 3.47 -32.81
N ALA B 265 -33.65 3.50 -31.50
CA ALA B 265 -34.59 4.10 -30.57
C ALA B 265 -34.61 5.63 -30.68
N VAL B 266 -33.48 6.24 -31.00
CA VAL B 266 -33.46 7.69 -31.11
C VAL B 266 -34.23 8.10 -32.36
N ALA B 267 -33.86 7.52 -33.49
CA ALA B 267 -34.54 7.82 -34.75
C ALA B 267 -36.04 7.55 -34.63
N LEU B 268 -36.42 6.41 -34.06
CA LEU B 268 -37.83 6.08 -33.90
C LEU B 268 -38.53 7.09 -33.00
N ALA B 269 -37.87 7.45 -31.90
CA ALA B 269 -38.45 8.42 -30.97
C ALA B 269 -38.68 9.73 -31.70
N GLY B 270 -37.86 9.99 -32.70
CA GLY B 270 -38.01 11.21 -33.46
C GLY B 270 -39.28 11.15 -34.28
N LEU B 271 -39.43 10.09 -35.05
CA LEU B 271 -40.62 9.91 -35.88
C LEU B 271 -41.87 9.97 -35.02
N LEU B 272 -41.85 9.32 -33.87
CA LEU B 272 -43.00 9.35 -32.96
C LEU B 272 -43.35 10.78 -32.59
N ALA B 273 -42.33 11.62 -32.50
CA ALA B 273 -42.51 13.03 -32.17
C ALA B 273 -43.15 13.73 -33.36
N ALA B 274 -42.71 13.36 -34.56
CA ALA B 274 -43.23 13.94 -35.79
C ALA B 274 -44.74 13.70 -35.89
N GLN B 275 -45.16 12.47 -35.64
CA GLN B 275 -46.57 12.11 -35.71
C GLN B 275 -47.50 13.07 -34.97
N LYS B 276 -47.09 13.52 -33.79
CA LYS B 276 -47.92 14.45 -33.02
C LYS B 276 -48.00 15.81 -33.71
N VAL B 277 -47.36 15.91 -34.87
CA VAL B 277 -47.36 17.13 -35.67
C VAL B 277 -48.17 16.87 -36.94
N ILE B 278 -47.68 15.94 -37.77
CA ILE B 278 -48.35 15.59 -39.01
C ILE B 278 -49.67 14.85 -38.74
N SER B 279 -49.70 14.06 -37.67
CA SER B 279 -50.87 13.26 -37.31
C SER B 279 -51.05 12.19 -38.37
N LYS B 280 -50.25 12.30 -39.43
CA LYS B 280 -50.26 11.36 -40.55
C LYS B 280 -50.21 9.91 -40.07
N PRO B 281 -51.17 9.08 -40.53
CA PRO B 281 -51.27 7.66 -40.17
C PRO B 281 -49.99 6.88 -40.45
N ILE B 282 -50.04 5.57 -40.25
CA ILE B 282 -48.90 4.71 -40.51
C ILE B 282 -49.07 4.08 -41.89
N SER B 283 -50.31 4.17 -42.40
CA SER B 283 -50.62 3.68 -43.75
C SER B 283 -49.98 4.74 -44.63
N GLU B 284 -49.48 5.76 -43.95
CA GLU B 284 -48.80 6.90 -44.55
C GLU B 284 -47.31 6.75 -44.28
N HIS B 285 -46.53 7.76 -44.65
CA HIS B 285 -45.10 7.73 -44.44
C HIS B 285 -44.40 6.68 -45.29
N LYS B 286 -43.66 7.16 -46.27
CA LYS B 286 -42.89 6.29 -47.15
C LYS B 286 -41.46 6.71 -46.82
N ILE B 287 -40.74 5.82 -46.15
CA ILE B 287 -39.37 6.12 -45.71
C ILE B 287 -38.26 5.71 -46.65
N LEU B 288 -37.33 6.63 -46.86
CA LEU B 288 -36.18 6.38 -47.71
C LEU B 288 -34.91 6.66 -46.92
N PHE B 289 -34.00 5.69 -46.89
CA PHE B 289 -32.74 5.81 -46.17
C PHE B 289 -31.60 6.09 -47.14
N LEU B 290 -30.66 6.94 -46.74
CA LEU B 290 -29.47 7.20 -47.55
C LEU B 290 -28.46 6.38 -46.77
N GLY B 291 -28.00 5.29 -47.37
CA GLY B 291 -27.08 4.40 -46.69
C GLY B 291 -27.92 3.28 -46.14
N ALA B 292 -27.36 2.08 -46.08
CA ALA B 292 -28.12 0.93 -45.58
C ALA B 292 -27.28 0.11 -44.60
N GLY B 293 -26.43 0.80 -43.84
CA GLY B 293 -25.58 0.10 -42.91
C GLY B 293 -26.17 -0.19 -41.55
N GLU B 294 -25.32 -0.10 -40.53
CA GLU B 294 -25.70 -0.39 -39.15
C GLU B 294 -26.91 0.36 -38.63
N ALA B 295 -26.87 1.68 -38.71
CA ALA B 295 -27.96 2.50 -38.20
C ALA B 295 -29.25 2.41 -39.01
N ALA B 296 -29.12 2.44 -40.34
CA ALA B 296 -30.31 2.35 -41.20
C ALA B 296 -31.07 1.06 -40.87
N LEU B 297 -30.36 -0.07 -40.99
CA LEU B 297 -30.95 -1.38 -40.72
C LEU B 297 -31.52 -1.46 -39.32
N GLY B 298 -30.87 -0.78 -38.38
CA GLY B 298 -31.36 -0.79 -37.02
C GLY B 298 -32.62 0.03 -36.85
N ILE B 299 -32.65 1.20 -37.45
CA ILE B 299 -33.82 2.06 -37.37
C ILE B 299 -34.98 1.39 -38.11
N ALA B 300 -34.69 0.87 -39.30
CA ALA B 300 -35.72 0.20 -40.10
C ALA B 300 -36.43 -0.87 -39.26
N ASN B 301 -35.65 -1.78 -38.69
CA ASN B 301 -36.18 -2.86 -37.86
C ASN B 301 -37.01 -2.40 -36.68
N LEU B 302 -36.63 -1.29 -36.06
CA LEU B 302 -37.41 -0.84 -34.92
C LEU B 302 -38.66 -0.13 -35.40
N ILE B 303 -38.57 0.52 -36.56
CA ILE B 303 -39.75 1.19 -37.10
C ILE B 303 -40.78 0.11 -37.37
N VAL B 304 -40.38 -0.89 -38.15
CA VAL B 304 -41.26 -1.99 -38.50
C VAL B 304 -41.98 -2.52 -37.26
N SER B 306 -42.74 -1.06 -34.54
CA SER B 306 -43.72 -0.13 -34.01
C SER B 306 -44.98 -0.16 -34.86
N VAL B 308 -45.96 -2.77 -36.69
CA VAL B 308 -46.55 -4.07 -36.43
C VAL B 308 -47.26 -4.05 -35.09
N GLU B 309 -46.85 -3.13 -34.22
CA GLU B 309 -47.47 -3.00 -32.91
C GLU B 309 -48.76 -2.22 -33.03
N ASN B 310 -48.94 -1.56 -34.17
CA ASN B 310 -50.16 -0.77 -34.41
C ASN B 310 -50.94 -1.29 -35.63
N GLY B 311 -51.43 -2.53 -35.53
CA GLY B 311 -52.20 -3.08 -36.63
C GLY B 311 -51.44 -3.70 -37.79
N LEU B 312 -50.71 -2.88 -38.55
CA LEU B 312 -49.96 -3.36 -39.70
C LEU B 312 -49.19 -4.64 -39.44
N SER B 313 -48.94 -5.40 -40.51
CA SER B 313 -48.19 -6.64 -40.40
C SER B 313 -46.77 -6.35 -40.83
N GLU B 314 -45.85 -7.24 -40.49
CA GLU B 314 -44.44 -7.05 -40.83
C GLU B 314 -44.16 -6.95 -42.32
N GLN B 315 -44.85 -7.74 -43.13
CA GLN B 315 -44.62 -7.72 -44.57
C GLN B 315 -45.04 -6.40 -45.22
N GLU B 316 -46.18 -5.87 -44.81
CA GLU B 316 -46.69 -4.62 -45.37
C GLU B 316 -46.01 -3.39 -44.76
N ALA B 317 -45.32 -3.61 -43.65
CA ALA B 317 -44.61 -2.52 -42.99
C ALA B 317 -43.27 -2.33 -43.69
N GLN B 318 -42.51 -3.42 -43.82
CA GLN B 318 -41.20 -3.40 -44.46
C GLN B 318 -41.24 -2.83 -45.88
N LYS B 319 -42.43 -2.78 -46.46
CA LYS B 319 -42.55 -2.28 -47.82
C LYS B 319 -42.59 -0.75 -47.86
N LYS B 320 -43.00 -0.16 -46.74
CA LYS B 320 -43.08 1.28 -46.60
C LYS B 320 -41.66 1.85 -46.40
N ILE B 321 -40.65 0.98 -46.46
CA ILE B 321 -39.26 1.39 -46.25
C ILE B 321 -38.32 1.07 -47.42
N TRP B 322 -37.62 2.09 -47.90
CA TRP B 322 -36.65 1.96 -49.00
C TRP B 322 -35.27 2.44 -48.58
N PHE B 324 -31.18 3.51 -50.03
CA PHE B 324 -30.31 3.87 -51.14
C PHE B 324 -28.90 3.98 -50.58
N ASP B 325 -28.04 3.05 -50.97
CA ASP B 325 -26.66 3.05 -50.49
C ASP B 325 -25.68 3.57 -51.53
N LYS B 326 -24.39 3.43 -51.25
CA LYS B 326 -23.37 3.92 -52.17
C LYS B 326 -23.49 3.30 -53.55
N TYR B 327 -24.35 2.28 -53.68
CA TYR B 327 -24.52 1.61 -54.95
C TYR B 327 -25.87 1.88 -55.62
N GLY B 328 -26.64 2.82 -55.06
CA GLY B 328 -27.92 3.15 -55.63
C GLY B 328 -29.10 2.57 -54.87
N LEU B 329 -30.29 2.64 -55.47
CA LEU B 329 -31.48 2.11 -54.81
C LEU B 329 -31.33 0.61 -54.65
N LEU B 330 -31.63 0.12 -53.44
CA LEU B 330 -31.53 -1.31 -53.15
C LEU B 330 -32.80 -2.00 -53.61
N VAL B 331 -32.70 -2.67 -54.75
CA VAL B 331 -33.84 -3.38 -55.34
C VAL B 331 -33.47 -4.83 -55.65
N LYS B 332 -34.46 -5.72 -55.58
CA LYS B 332 -34.22 -7.14 -55.87
C LYS B 332 -33.56 -7.29 -57.22
N GLY B 333 -32.57 -8.17 -57.29
CA GLY B 333 -31.87 -8.41 -58.54
C GLY B 333 -30.90 -7.35 -59.02
N ARG B 334 -30.58 -6.37 -58.19
CA ARG B 334 -29.63 -5.34 -58.60
C ARG B 334 -28.22 -5.95 -58.62
N LYS B 335 -27.23 -5.22 -59.13
CA LYS B 335 -25.87 -5.73 -59.19
C LYS B 335 -25.17 -5.82 -57.83
N ALA B 336 -25.32 -4.77 -57.02
CA ALA B 336 -24.71 -4.72 -55.71
C ALA B 336 -25.26 -5.77 -54.75
N LYS B 337 -24.39 -6.27 -53.88
CA LYS B 337 -24.78 -7.30 -52.91
C LYS B 337 -25.92 -6.81 -52.01
N ILE B 338 -26.66 -7.76 -51.44
CA ILE B 338 -27.77 -7.46 -50.54
C ILE B 338 -27.74 -8.45 -49.38
N ASP B 339 -27.17 -8.03 -48.26
CA ASP B 339 -27.05 -8.90 -47.09
C ASP B 339 -28.39 -9.37 -46.54
N SER B 340 -28.34 -10.35 -45.65
CA SER B 340 -29.56 -10.91 -45.05
C SER B 340 -30.43 -9.87 -44.34
N TYR B 341 -29.80 -8.92 -43.66
CA TYR B 341 -30.56 -7.89 -42.94
C TYR B 341 -31.25 -6.91 -43.89
N GLN B 342 -30.68 -6.71 -45.07
CA GLN B 342 -31.24 -5.79 -46.05
C GLN B 342 -32.34 -6.39 -46.92
N GLU B 343 -32.33 -7.71 -47.07
CA GLU B 343 -33.33 -8.40 -47.88
C GLU B 343 -34.75 -7.93 -47.60
N PRO B 344 -35.17 -7.88 -46.33
CA PRO B 344 -36.54 -7.44 -45.99
C PRO B 344 -36.94 -6.05 -46.48
N PHE B 345 -35.95 -5.24 -46.86
CA PHE B 345 -36.22 -3.88 -47.33
C PHE B 345 -35.82 -3.69 -48.79
N THR B 346 -35.49 -4.79 -49.45
CA THR B 346 -35.11 -4.75 -50.85
C THR B 346 -36.32 -5.15 -51.69
N HIS B 347 -37.03 -4.14 -52.17
CA HIS B 347 -38.23 -4.36 -52.98
C HIS B 347 -37.94 -4.42 -54.48
N SER B 348 -38.96 -4.84 -55.23
CA SER B 348 -38.85 -4.96 -56.69
C SER B 348 -38.57 -3.60 -57.32
N ALA B 349 -37.58 -3.56 -58.22
CA ALA B 349 -37.20 -2.33 -58.90
C ALA B 349 -38.44 -1.57 -59.38
N PRO B 350 -38.46 -0.24 -59.16
CA PRO B 350 -39.60 0.60 -59.58
C PRO B 350 -39.68 0.75 -61.09
N GLU B 351 -40.72 1.45 -61.54
CA GLU B 351 -40.94 1.69 -62.96
C GLU B 351 -39.67 2.24 -63.61
N SER B 352 -38.98 3.10 -62.87
CA SER B 352 -37.72 3.70 -63.32
C SER B 352 -36.66 3.43 -62.26
N ILE B 353 -35.41 3.35 -62.68
CA ILE B 353 -34.31 3.08 -61.75
C ILE B 353 -33.57 4.38 -61.37
N PRO B 354 -33.78 4.85 -60.13
CA PRO B 354 -33.16 6.07 -59.60
C PRO B 354 -31.65 6.12 -59.81
N ASP B 355 -31.21 7.09 -60.60
CA ASP B 355 -29.79 7.26 -60.91
C ASP B 355 -29.02 7.87 -59.74
N THR B 356 -29.60 8.88 -59.11
CA THR B 356 -28.99 9.56 -57.96
C THR B 356 -30.00 9.64 -56.82
N PHE B 357 -29.55 10.11 -55.66
CA PHE B 357 -30.44 10.19 -54.52
C PHE B 357 -31.56 11.21 -54.69
N GLU B 358 -31.32 12.25 -55.48
CA GLU B 358 -32.35 13.26 -55.73
C GLU B 358 -33.45 12.59 -56.55
N ASP B 359 -33.05 11.80 -57.54
CA ASP B 359 -34.00 11.09 -58.39
C ASP B 359 -34.84 10.13 -57.57
N ALA B 360 -34.20 9.35 -56.71
CA ALA B 360 -34.94 8.40 -55.89
C ALA B 360 -36.03 9.11 -55.10
N VAL B 361 -35.79 10.36 -54.74
CA VAL B 361 -36.77 11.15 -53.98
C VAL B 361 -38.00 11.54 -54.83
N ASN B 362 -37.78 11.89 -56.09
CA ASN B 362 -38.89 12.27 -56.95
C ASN B 362 -39.71 11.05 -57.38
N ILE B 363 -39.02 10.02 -57.83
CA ILE B 363 -39.68 8.78 -58.25
C ILE B 363 -40.45 8.16 -57.09
N LEU B 364 -39.74 7.84 -56.02
CA LEU B 364 -40.34 7.22 -54.85
C LEU B 364 -41.20 8.16 -54.00
N LYS B 365 -40.88 9.46 -54.06
CA LYS B 365 -41.64 10.46 -53.30
C LYS B 365 -41.85 10.12 -51.81
N PRO B 366 -40.76 9.96 -51.05
CA PRO B 366 -40.86 9.64 -49.62
C PRO B 366 -41.35 10.83 -48.80
N SER B 367 -41.94 10.55 -47.64
CA SER B 367 -42.43 11.62 -46.77
C SER B 367 -41.42 11.84 -45.63
N THR B 368 -40.48 10.91 -45.51
CA THR B 368 -39.45 10.94 -44.48
C THR B 368 -38.12 10.51 -45.09
N ILE B 369 -37.12 11.37 -44.96
CA ILE B 369 -35.81 11.08 -45.50
C ILE B 369 -34.83 10.92 -44.31
N ILE B 370 -34.11 9.81 -44.26
CA ILE B 370 -33.15 9.58 -43.18
C ILE B 370 -31.74 9.34 -43.73
N GLY B 371 -30.82 10.21 -43.34
CA GLY B 371 -29.43 10.11 -43.79
C GLY B 371 -28.51 9.58 -42.71
N VAL B 372 -27.79 8.52 -43.06
CA VAL B 372 -26.88 7.87 -42.14
C VAL B 372 -25.86 7.10 -42.98
N ALA B 373 -25.13 7.83 -43.81
CA ALA B 373 -24.14 7.27 -44.71
C ALA B 373 -22.75 7.84 -44.44
N GLY B 374 -22.64 8.70 -43.44
CA GLY B 374 -21.36 9.31 -43.09
C GLY B 374 -20.52 9.65 -44.31
N ALA B 375 -21.15 10.22 -45.33
CA ALA B 375 -20.43 10.55 -46.56
C ALA B 375 -20.46 12.03 -46.95
N GLY B 376 -21.18 12.85 -46.22
CA GLY B 376 -21.19 14.27 -46.55
C GLY B 376 -22.50 14.89 -46.97
N ARG B 377 -22.40 16.08 -47.55
CA ARG B 377 -23.54 16.87 -48.00
C ARG B 377 -24.28 16.19 -49.15
N LEU B 378 -24.99 15.10 -48.88
CA LEU B 378 -25.72 14.40 -49.91
C LEU B 378 -27.20 14.78 -49.92
N PHE B 379 -27.66 15.41 -48.85
CA PHE B 379 -29.03 15.90 -48.79
C PHE B 379 -28.89 17.32 -49.33
N THR B 380 -28.49 17.38 -50.59
CA THR B 380 -28.25 18.63 -51.31
C THR B 380 -29.49 19.51 -51.44
N PRO B 381 -29.30 20.79 -51.77
CA PRO B 381 -30.38 21.77 -51.95
C PRO B 381 -31.53 21.20 -52.77
N ASP B 382 -31.20 20.65 -53.93
CA ASP B 382 -32.18 20.05 -54.82
C ASP B 382 -32.97 18.97 -54.08
N VAL B 383 -32.25 18.11 -53.39
CA VAL B 383 -32.86 17.04 -52.62
C VAL B 383 -33.85 17.63 -51.61
N ILE B 384 -33.43 18.69 -50.92
CA ILE B 384 -34.27 19.33 -49.92
C ILE B 384 -35.48 20.04 -50.53
N ARG B 385 -35.29 20.71 -51.66
CA ARG B 385 -36.39 21.40 -52.32
C ARG B 385 -37.41 20.33 -52.76
N ALA B 386 -36.89 19.28 -53.38
CA ALA B 386 -37.73 18.18 -53.84
C ALA B 386 -38.62 17.70 -52.71
N ALA B 388 -39.56 19.34 -50.35
CA ALA B 388 -40.46 20.45 -50.04
C ALA B 388 -41.64 20.45 -50.98
N SER B 389 -41.36 20.34 -52.28
CA SER B 389 -42.39 20.32 -53.30
C SER B 389 -43.29 19.10 -53.11
N ILE B 390 -42.69 17.97 -52.77
CA ILE B 390 -43.41 16.72 -52.57
C ILE B 390 -44.17 16.60 -51.25
N ASN B 391 -43.73 17.32 -50.23
CA ASN B 391 -44.41 17.24 -48.93
C ASN B 391 -44.75 18.59 -48.34
N GLU B 392 -45.70 18.60 -47.41
CA GLU B 392 -46.09 19.83 -46.76
C GLU B 392 -45.15 19.96 -45.56
N ARG B 393 -45.07 18.88 -44.79
CA ARG B 393 -44.21 18.83 -43.62
C ARG B 393 -43.26 17.63 -43.78
N PRO B 394 -42.21 17.78 -44.59
CA PRO B 394 -41.25 16.70 -44.82
C PRO B 394 -40.32 16.44 -43.62
N VAL B 395 -40.01 15.16 -43.40
CA VAL B 395 -39.12 14.77 -42.32
C VAL B 395 -37.73 14.57 -42.88
N ILE B 396 -36.77 15.33 -42.36
CA ILE B 396 -35.40 15.24 -42.83
C ILE B 396 -34.42 14.98 -41.69
N PHE B 397 -33.87 13.77 -41.66
CA PHE B 397 -32.90 13.39 -40.64
C PHE B 397 -31.54 13.17 -41.25
N ALA B 398 -30.58 14.01 -40.88
CA ALA B 398 -29.19 13.89 -41.35
C ALA B 398 -28.41 13.52 -40.10
N LEU B 399 -28.45 12.24 -39.73
CA LEU B 399 -27.80 11.76 -38.51
C LEU B 399 -26.30 11.49 -38.55
N SER B 400 -25.68 11.58 -39.71
CA SER B 400 -24.27 11.31 -39.78
C SER B 400 -23.38 12.28 -38.97
N ASN B 401 -22.34 11.71 -38.35
CA ASN B 401 -21.39 12.45 -37.53
C ASN B 401 -19.97 12.16 -38.00
N PRO B 402 -19.05 13.10 -37.77
CA PRO B 402 -19.29 14.39 -37.10
C PRO B 402 -19.87 15.42 -38.07
N THR B 403 -19.89 16.68 -37.63
CA THR B 403 -20.43 17.79 -38.39
C THR B 403 -20.19 17.79 -39.90
N ALA B 404 -18.93 17.65 -40.32
CA ALA B 404 -18.61 17.68 -41.75
C ALA B 404 -19.14 16.51 -42.59
N GLN B 405 -19.64 15.46 -41.94
CA GLN B 405 -20.16 14.34 -42.69
C GLN B 405 -21.68 14.28 -42.65
N ALA B 406 -22.29 15.24 -41.96
CA ALA B 406 -23.74 15.29 -41.88
C ALA B 406 -24.28 15.53 -43.31
N GLU B 407 -25.50 15.07 -43.58
CA GLU B 407 -26.09 15.22 -44.92
C GLU B 407 -26.46 16.64 -45.31
N CYS B 408 -26.86 17.44 -44.32
CA CYS B 408 -27.21 18.84 -44.54
C CYS B 408 -27.18 19.56 -43.20
N THR B 409 -27.17 20.88 -43.21
CA THR B 409 -27.14 21.65 -41.96
C THR B 409 -28.57 22.03 -41.56
N ALA B 410 -28.73 22.43 -40.30
CA ALA B 410 -30.05 22.82 -39.81
C ALA B 410 -30.55 24.02 -40.59
N GLU B 411 -29.64 24.93 -40.91
CA GLU B 411 -30.01 26.12 -41.66
C GLU B 411 -30.40 25.74 -43.09
N GLU B 412 -29.54 24.98 -43.77
CA GLU B 412 -29.81 24.55 -45.14
C GLU B 412 -31.18 23.91 -45.29
N ALA B 413 -31.55 23.06 -44.35
CA ALA B 413 -32.82 22.37 -44.39
C ALA B 413 -34.04 23.25 -44.09
N TYR B 414 -33.91 24.13 -43.11
CA TYR B 414 -35.01 25.01 -42.74
C TYR B 414 -35.27 26.11 -43.77
N THR B 415 -34.22 26.77 -44.22
CA THR B 415 -34.42 27.83 -45.19
C THR B 415 -34.91 27.28 -46.52
N LEU B 416 -34.33 26.18 -46.98
CA LEU B 416 -34.73 25.58 -48.26
C LEU B 416 -36.14 24.98 -48.32
N THR B 417 -36.79 24.83 -47.17
CA THR B 417 -38.14 24.28 -47.13
C THR B 417 -39.07 25.31 -46.51
N GLU B 418 -38.63 26.56 -46.51
CA GLU B 418 -39.41 27.66 -45.96
C GLU B 418 -39.95 27.35 -44.56
N GLY B 419 -39.17 26.61 -43.78
CA GLY B 419 -39.56 26.29 -42.43
C GLY B 419 -40.66 25.26 -42.24
N ARG B 420 -40.85 24.37 -43.21
CA ARG B 420 -41.89 23.37 -43.08
C ARG B 420 -41.32 21.99 -42.75
N CYS B 421 -40.01 21.84 -42.91
CA CYS B 421 -39.34 20.57 -42.63
C CYS B 421 -39.27 20.28 -41.14
N LEU B 422 -39.26 18.99 -40.80
CA LEU B 422 -39.15 18.53 -39.42
C LEU B 422 -37.75 17.91 -39.41
N PHE B 423 -36.80 18.67 -38.87
CA PHE B 423 -35.38 18.29 -38.86
C PHE B 423 -34.75 17.76 -37.56
N ALA B 424 -33.72 16.96 -37.74
CA ALA B 424 -32.97 16.37 -36.64
C ALA B 424 -31.63 16.02 -37.24
N SER B 425 -30.56 16.16 -36.46
CA SER B 425 -29.21 15.85 -36.93
C SER B 425 -28.43 15.05 -35.88
N GLY B 426 -27.34 14.42 -36.32
CA GLY B 426 -26.53 13.63 -35.42
C GLY B 426 -25.66 14.49 -34.52
N SER B 427 -25.07 15.53 -35.09
CA SER B 427 -24.23 16.46 -34.38
C SER B 427 -25.05 17.72 -34.06
N PRO B 428 -24.65 18.50 -33.04
CA PRO B 428 -25.37 19.72 -32.66
C PRO B 428 -25.35 20.86 -33.69
N PHE B 429 -26.46 21.59 -33.77
CA PHE B 429 -26.61 22.73 -34.66
C PHE B 429 -27.32 23.82 -33.88
N GLY B 430 -26.81 25.04 -33.95
CA GLY B 430 -27.46 26.13 -33.25
C GLY B 430 -28.77 26.53 -33.90
N PRO B 431 -29.68 27.20 -33.16
CA PRO B 431 -30.99 27.66 -33.63
C PRO B 431 -30.90 28.37 -34.97
N VAL B 432 -31.96 28.26 -35.75
CA VAL B 432 -31.99 28.88 -37.07
C VAL B 432 -33.04 29.97 -37.13
N LYS B 433 -32.64 31.12 -37.66
CA LYS B 433 -33.54 32.26 -37.79
C LYS B 433 -33.70 32.58 -39.29
N LEU B 434 -34.95 32.53 -39.74
CA LEU B 434 -35.27 32.80 -41.15
C LEU B 434 -35.46 34.30 -41.42
N THR B 435 -35.33 34.70 -42.68
CA THR B 435 -35.50 36.10 -43.06
C THR B 435 -36.78 36.71 -42.50
N ASP B 436 -37.82 35.89 -42.31
CA ASP B 436 -39.08 36.39 -41.78
C ASP B 436 -39.12 36.39 -40.25
N GLY B 437 -37.94 36.34 -39.64
CA GLY B 437 -37.85 36.37 -38.19
C GLY B 437 -38.35 35.12 -37.52
N ARG B 438 -38.64 34.08 -38.29
CA ARG B 438 -39.12 32.83 -37.71
C ARG B 438 -37.91 32.04 -37.21
N VAL B 439 -38.00 31.54 -35.97
CA VAL B 439 -36.89 30.81 -35.37
C VAL B 439 -37.19 29.34 -35.07
N PHE B 440 -36.31 28.47 -35.57
CA PHE B 440 -36.44 27.03 -35.39
C PHE B 440 -35.25 26.42 -34.65
N THR B 441 -35.53 25.72 -33.56
CA THR B 441 -34.51 25.05 -32.76
C THR B 441 -34.54 23.55 -33.04
N PRO B 442 -33.60 23.06 -33.86
CA PRO B 442 -33.46 21.66 -34.24
C PRO B 442 -32.98 20.73 -33.15
N GLY B 443 -33.56 19.54 -33.08
CA GLY B 443 -33.17 18.57 -32.08
C GLY B 443 -31.98 17.76 -32.57
N GLN B 444 -31.36 16.99 -31.68
CA GLN B 444 -30.22 16.18 -32.07
C GLN B 444 -30.59 14.69 -32.02
N GLY B 445 -30.60 14.07 -33.20
CA GLY B 445 -30.92 12.67 -33.28
C GLY B 445 -29.64 11.89 -33.05
N ASN B 446 -29.28 11.77 -31.78
CA ASN B 446 -28.05 11.08 -31.40
C ASN B 446 -28.40 10.09 -30.28
N ASN B 447 -27.82 8.89 -30.34
CA ASN B 447 -28.11 7.85 -29.35
C ASN B 447 -27.78 8.21 -27.91
N VAL B 448 -27.18 9.38 -27.69
CA VAL B 448 -26.86 9.80 -26.34
C VAL B 448 -28.12 9.87 -25.51
N TYR B 449 -29.26 10.07 -26.17
CA TYR B 449 -30.53 10.12 -25.45
C TYR B 449 -30.96 8.72 -25.04
N ILE B 450 -30.37 7.70 -25.66
CA ILE B 450 -30.76 6.33 -25.38
C ILE B 450 -29.88 5.47 -24.47
N PHE B 451 -28.67 5.15 -24.91
CA PHE B 451 -27.81 4.27 -24.11
C PHE B 451 -27.63 4.54 -22.61
N PRO B 452 -27.66 5.82 -22.17
CA PRO B 452 -27.49 6.05 -20.73
C PRO B 452 -28.64 5.54 -19.87
N GLY B 453 -29.86 5.93 -20.24
CA GLY B 453 -31.03 5.52 -19.49
C GLY B 453 -31.27 4.03 -19.55
N VAL B 454 -30.95 3.43 -20.69
CA VAL B 454 -31.13 2.00 -20.85
C VAL B 454 -30.08 1.25 -20.02
N ALA B 455 -28.83 1.69 -20.13
CA ALA B 455 -27.74 1.08 -19.38
C ALA B 455 -28.04 1.08 -17.89
N LEU B 456 -28.49 2.22 -17.36
CA LEU B 456 -28.83 2.31 -15.94
C LEU B 456 -29.88 1.28 -15.53
N ALA B 457 -30.90 1.10 -16.37
CA ALA B 457 -31.98 0.16 -16.06
C ALA B 457 -31.51 -1.29 -16.09
N VAL B 458 -30.81 -1.66 -17.16
CA VAL B 458 -30.30 -3.02 -17.31
C VAL B 458 -29.48 -3.44 -16.09
N ILE B 459 -28.57 -2.56 -15.69
CA ILE B 459 -27.69 -2.78 -14.56
C ILE B 459 -28.44 -2.85 -13.23
N LEU B 460 -29.35 -1.91 -12.99
CA LEU B 460 -30.11 -1.88 -11.76
C LEU B 460 -31.04 -3.07 -11.61
N CYS B 461 -31.56 -3.57 -12.73
CA CYS B 461 -32.47 -4.71 -12.67
C CYS B 461 -31.77 -6.06 -12.70
N ASN B 462 -30.44 -6.04 -12.84
CA ASN B 462 -29.66 -7.27 -12.92
C ASN B 462 -30.11 -8.08 -14.13
N THR B 463 -30.41 -7.38 -15.22
CA THR B 463 -30.84 -8.01 -16.46
C THR B 463 -29.73 -8.83 -17.08
N ARG B 464 -30.07 -9.98 -17.65
CA ARG B 464 -29.07 -10.85 -18.27
C ARG B 464 -29.05 -10.75 -19.80
N HIS B 465 -30.17 -10.37 -20.40
CA HIS B 465 -30.21 -10.23 -21.86
C HIS B 465 -31.07 -9.06 -22.33
N ILE B 466 -30.62 -8.40 -23.38
CA ILE B 466 -31.32 -7.23 -23.90
C ILE B 466 -32.04 -7.48 -25.22
N SER B 467 -33.37 -7.48 -25.16
CA SER B 467 -34.19 -7.71 -26.36
C SER B 467 -34.47 -6.38 -27.02
N ASP B 468 -34.65 -6.41 -28.34
CA ASP B 468 -34.94 -5.19 -29.09
C ASP B 468 -36.18 -4.51 -28.53
N SER B 469 -37.06 -5.28 -27.93
CA SER B 469 -38.29 -4.71 -27.37
C SER B 469 -37.98 -3.71 -26.27
N VAL B 470 -36.80 -3.81 -25.68
CA VAL B 470 -36.42 -2.88 -24.61
C VAL B 470 -36.21 -1.51 -25.27
N PHE B 471 -35.63 -1.53 -26.46
CA PHE B 471 -35.39 -0.30 -27.19
C PHE B 471 -36.68 0.36 -27.67
N LEU B 472 -37.67 -0.44 -28.03
CA LEU B 472 -38.95 0.10 -28.50
C LEU B 472 -39.56 0.93 -27.37
N GLU B 473 -39.52 0.40 -26.15
CA GLU B 473 -40.06 1.11 -25.00
C GLU B 473 -39.16 2.28 -24.63
N ALA B 474 -37.89 2.20 -25.04
CA ALA B 474 -36.94 3.27 -24.78
C ALA B 474 -37.39 4.47 -25.60
N ALA B 475 -37.69 4.23 -26.87
CA ALA B 475 -38.15 5.27 -27.77
C ALA B 475 -39.42 5.91 -27.21
N LYS B 476 -40.40 5.09 -26.86
CA LYS B 476 -41.64 5.59 -26.31
C LYS B 476 -41.36 6.44 -25.07
N ALA B 477 -40.46 5.94 -24.22
CA ALA B 477 -40.12 6.63 -22.98
C ALA B 477 -39.51 7.99 -23.24
N LEU B 478 -38.69 8.09 -24.27
CA LEU B 478 -38.08 9.36 -24.62
C LEU B 478 -39.16 10.33 -25.09
N THR B 479 -39.88 9.94 -26.14
CA THR B 479 -40.92 10.79 -26.70
C THR B 479 -42.01 11.14 -25.70
N SER B 480 -42.31 10.24 -24.78
CA SER B 480 -43.35 10.51 -23.78
C SER B 480 -42.97 11.67 -22.88
N GLN B 481 -41.85 12.31 -23.19
CA GLN B 481 -41.38 13.43 -22.39
C GLN B 481 -41.36 14.74 -23.17
N LEU B 482 -41.67 14.66 -24.46
CA LEU B 482 -41.71 15.84 -25.31
C LEU B 482 -43.01 16.57 -25.03
N THR B 483 -42.93 17.74 -24.38
CA THR B 483 -44.13 18.52 -24.10
C THR B 483 -44.63 19.21 -25.37
N ASP B 484 -45.87 19.68 -25.35
CA ASP B 484 -46.43 20.35 -26.53
C ASP B 484 -45.62 21.58 -26.93
N GLU B 485 -45.36 22.46 -25.97
CA GLU B 485 -44.60 23.69 -26.22
C GLU B 485 -43.32 23.43 -26.98
N GLU B 486 -42.63 22.33 -26.63
CA GLU B 486 -41.37 21.97 -27.27
C GLU B 486 -41.59 21.51 -28.70
N LEU B 487 -42.77 20.94 -28.97
CA LEU B 487 -43.10 20.47 -30.31
C LEU B 487 -43.09 21.70 -31.22
N ALA B 488 -43.79 22.73 -30.78
CA ALA B 488 -43.92 23.99 -31.50
C ALA B 488 -42.58 24.61 -31.93
N GLN B 489 -41.66 24.77 -30.99
CA GLN B 489 -40.36 25.37 -31.27
C GLN B 489 -39.61 24.66 -32.41
N GLY B 490 -40.04 23.45 -32.74
CA GLY B 490 -39.41 22.69 -33.80
C GLY B 490 -38.56 21.58 -33.21
N ARG B 491 -38.85 21.24 -31.95
CA ARG B 491 -38.12 20.21 -31.23
C ARG B 491 -38.75 18.83 -31.31
N LEU B 492 -38.03 17.90 -31.92
CA LEU B 492 -38.50 16.54 -32.05
C LEU B 492 -38.02 15.74 -30.82
N TYR B 493 -37.19 16.39 -29.99
CA TYR B 493 -36.66 15.74 -28.79
C TYR B 493 -36.61 16.66 -27.58
N PRO B 494 -36.58 16.08 -26.38
CA PRO B 494 -36.51 16.91 -25.17
C PRO B 494 -35.23 17.73 -25.24
N PRO B 495 -35.23 18.92 -24.63
CA PRO B 495 -34.02 19.75 -24.68
C PRO B 495 -32.79 19.03 -24.13
N LEU B 496 -31.71 19.09 -24.88
CA LEU B 496 -30.46 18.44 -24.50
C LEU B 496 -29.98 18.88 -23.14
N ALA B 497 -30.48 20.03 -22.69
CA ALA B 497 -30.11 20.56 -21.39
C ALA B 497 -30.73 19.77 -20.25
N ASN B 498 -31.75 18.99 -20.55
CA ASN B 498 -32.41 18.19 -19.52
C ASN B 498 -32.09 16.71 -19.67
N ILE B 499 -31.08 16.39 -20.47
CA ILE B 499 -30.71 15.01 -20.70
C ILE B 499 -30.54 14.16 -19.45
N GLN B 500 -30.35 14.78 -18.29
CA GLN B 500 -30.19 13.99 -17.07
C GLN B 500 -31.54 13.46 -16.62
N GLU B 501 -32.52 14.35 -16.42
CA GLU B 501 -33.85 13.94 -15.99
C GLU B 501 -34.48 13.02 -17.03
N VAL B 502 -34.23 13.31 -18.31
CA VAL B 502 -34.77 12.48 -19.38
C VAL B 502 -34.27 11.05 -19.22
N SER B 503 -32.96 10.90 -19.04
CA SER B 503 -32.36 9.58 -18.86
C SER B 503 -32.91 8.82 -17.67
N ILE B 504 -33.04 9.49 -16.52
CA ILE B 504 -33.58 8.88 -15.32
C ILE B 504 -35.02 8.44 -15.62
N ASN B 505 -35.79 9.31 -16.25
CA ASN B 505 -37.16 8.99 -16.60
C ASN B 505 -37.23 7.77 -17.49
N ILE B 506 -36.32 7.68 -18.45
CA ILE B 506 -36.27 6.54 -19.36
C ILE B 506 -35.94 5.29 -18.56
N ALA B 507 -34.89 5.37 -17.75
CA ALA B 507 -34.45 4.25 -16.93
C ALA B 507 -35.60 3.67 -16.10
N ILE B 508 -36.44 4.55 -15.57
CA ILE B 508 -37.56 4.09 -14.76
C ILE B 508 -38.55 3.28 -15.60
N LYS B 509 -38.88 3.77 -16.79
CA LYS B 509 -39.80 3.06 -17.66
C LYS B 509 -39.25 1.66 -17.96
N VAL B 510 -38.02 1.63 -18.46
CA VAL B 510 -37.40 0.36 -18.81
C VAL B 510 -37.32 -0.64 -17.65
N THR B 511 -37.05 -0.17 -16.44
CA THR B 511 -36.97 -1.12 -15.33
C THR B 511 -38.36 -1.70 -15.05
N GLU B 512 -39.38 -0.86 -15.19
CA GLU B 512 -40.74 -1.33 -14.96
C GLU B 512 -41.11 -2.29 -16.07
N TYR B 513 -40.63 -1.97 -17.27
CA TYR B 513 -40.86 -2.81 -18.43
C TYR B 513 -40.19 -4.16 -18.18
N LEU B 514 -38.90 -4.12 -17.83
CA LEU B 514 -38.13 -5.33 -17.59
C LEU B 514 -38.76 -6.26 -16.57
N TYR B 515 -39.21 -5.70 -15.45
CA TYR B 515 -39.84 -6.50 -14.40
C TYR B 515 -41.18 -7.02 -14.90
N ALA B 516 -42.01 -6.12 -15.41
CA ALA B 516 -43.33 -6.46 -15.92
C ALA B 516 -43.23 -7.58 -16.94
N ASN B 517 -42.05 -7.77 -17.52
CA ASN B 517 -41.83 -8.82 -18.51
C ASN B 517 -40.85 -9.89 -18.05
N LYS B 518 -40.78 -10.06 -16.74
CA LYS B 518 -39.93 -11.06 -16.13
C LYS B 518 -38.51 -11.13 -16.68
N ALA B 520 -36.15 -8.94 -15.27
CA ALA B 520 -35.37 -8.40 -14.17
C ALA B 520 -35.15 -9.46 -13.10
N PHE B 521 -33.95 -9.50 -12.53
CA PHE B 521 -33.64 -10.49 -11.51
C PHE B 521 -33.18 -9.89 -10.20
N ARG B 522 -33.35 -8.59 -10.06
CA ARG B 522 -32.96 -7.89 -8.85
C ARG B 522 -34.07 -8.08 -7.79
N TYR B 523 -33.80 -8.90 -6.78
CA TYR B 523 -34.79 -9.15 -5.74
C TYR B 523 -34.38 -8.48 -4.43
N PRO B 524 -35.36 -8.00 -3.64
CA PRO B 524 -36.79 -8.08 -3.95
C PRO B 524 -37.16 -7.03 -4.98
N GLU B 525 -38.23 -7.27 -5.74
CA GLU B 525 -38.66 -6.27 -6.72
C GLU B 525 -39.13 -5.04 -5.95
N PRO B 526 -38.65 -3.85 -6.35
CA PRO B 526 -39.05 -2.62 -5.66
C PRO B 526 -40.49 -2.21 -6.01
N GLU B 527 -41.24 -1.79 -5.00
CA GLU B 527 -42.61 -1.36 -5.21
C GLU B 527 -42.58 -0.14 -6.13
N ASP B 528 -41.95 0.92 -5.62
CA ASP B 528 -41.81 2.18 -6.31
C ASP B 528 -40.52 2.21 -7.12
N LYS B 529 -40.63 1.94 -8.42
CA LYS B 529 -39.46 1.93 -9.30
C LYS B 529 -38.79 3.30 -9.39
N ALA B 530 -39.60 4.35 -9.48
CA ALA B 530 -39.06 5.70 -9.57
C ALA B 530 -38.14 5.93 -8.37
N LYS B 531 -38.69 5.75 -7.18
CA LYS B 531 -37.95 5.93 -5.94
C LYS B 531 -36.71 5.05 -5.94
N TYR B 532 -36.84 3.87 -6.53
CA TYR B 532 -35.77 2.89 -6.62
C TYR B 532 -34.58 3.39 -7.45
N VAL B 533 -34.85 3.88 -8.64
CA VAL B 533 -33.78 4.37 -9.52
C VAL B 533 -33.09 5.65 -9.07
N LYS B 534 -33.85 6.61 -8.57
CA LYS B 534 -33.29 7.89 -8.13
C LYS B 534 -32.44 7.74 -6.87
N GLU B 535 -32.75 6.74 -6.05
CA GLU B 535 -31.98 6.48 -4.83
C GLU B 535 -30.61 5.90 -5.17
N ARG B 536 -30.49 5.32 -6.37
CA ARG B 536 -29.23 4.69 -6.75
C ARG B 536 -28.35 5.37 -7.78
N THR B 537 -28.61 6.64 -8.07
CA THR B 537 -27.77 7.33 -9.05
C THR B 537 -26.60 7.98 -8.30
N TRP B 538 -25.43 7.93 -8.91
CA TRP B 538 -24.24 8.50 -8.31
C TRP B 538 -24.26 10.03 -8.38
N ARG B 539 -23.91 10.68 -7.27
CA ARG B 539 -23.91 12.14 -7.21
C ARG B 539 -22.49 12.69 -7.37
N SER B 540 -22.38 13.91 -7.87
CA SER B 540 -21.07 14.52 -8.04
C SER B 540 -20.62 15.29 -6.78
N GLU B 541 -21.51 15.38 -5.78
CA GLU B 541 -21.18 16.08 -4.55
C GLU B 541 -20.11 15.27 -3.81
N TYR B 542 -19.27 15.95 -3.05
CA TYR B 542 -18.20 15.29 -2.31
C TYR B 542 -18.74 14.47 -1.14
N ASP B 543 -18.17 13.28 -0.93
CA ASP B 543 -18.58 12.42 0.19
C ASP B 543 -17.55 12.63 1.29
N SER B 544 -17.96 12.48 2.55
CA SER B 544 -17.01 12.62 3.64
C SER B 544 -16.10 11.39 3.64
N LEU B 545 -14.82 11.59 3.89
CA LEU B 545 -13.87 10.48 3.94
C LEU B 545 -13.42 10.23 5.37
N LEU B 546 -14.12 10.87 6.31
CA LEU B 546 -13.81 10.72 7.72
C LEU B 546 -14.09 9.34 8.25
N PRO B 547 -13.23 8.83 9.14
CA PRO B 547 -13.45 7.51 9.72
C PRO B 547 -14.64 7.65 10.69
N ASP B 548 -15.31 6.55 10.98
CA ASP B 548 -16.46 6.57 11.88
C ASP B 548 -16.02 6.68 13.35
N VAL B 549 -15.95 7.89 13.88
CA VAL B 549 -15.52 8.07 15.27
C VAL B 549 -16.72 8.31 16.18
N TYR B 550 -16.73 7.65 17.34
CA TYR B 550 -17.83 7.78 18.29
C TYR B 550 -17.51 7.20 19.67
N GLU B 551 -18.14 7.76 20.69
CA GLU B 551 -17.93 7.35 22.08
C GLU B 551 -18.73 6.13 22.50
N TRP B 552 -18.10 5.29 23.32
CA TRP B 552 -18.70 4.07 23.85
C TRP B 552 -19.40 4.34 25.19
N PRO B 553 -20.41 3.54 25.52
CA PRO B 553 -21.15 3.69 26.78
C PRO B 553 -20.33 3.09 27.94
N ILE C 1 -2.24 -11.18 -7.16
CA ILE C 1 -2.29 -10.31 -6.01
C ILE C 1 -1.86 -8.88 -6.39
N LYS C 2 -2.09 -7.95 -5.48
CA LYS C 2 -1.77 -6.55 -5.71
C LYS C 2 -0.35 -6.13 -5.25
N GLU C 3 0.02 -6.52 -4.03
CA GLU C 3 1.32 -6.14 -3.46
C GLU C 3 2.47 -7.14 -3.60
N LYS C 4 3.68 -6.64 -3.44
CA LYS C 4 4.88 -7.45 -3.51
C LYS C 4 5.77 -7.12 -2.31
N GLY C 5 6.84 -7.88 -2.14
CA GLY C 5 7.72 -7.64 -1.02
C GLY C 5 7.15 -8.16 0.29
N LYS C 6 7.81 -7.81 1.38
CA LYS C 6 7.44 -8.24 2.73
C LYS C 6 5.94 -8.43 2.97
N PRO C 7 5.11 -7.51 2.48
CA PRO C 7 3.66 -7.68 2.70
C PRO C 7 3.15 -9.06 2.31
N LEU C 8 3.74 -9.66 1.29
CA LEU C 8 3.32 -10.99 0.84
C LEU C 8 3.53 -12.04 1.93
N LEU C 10 3.81 -11.35 5.26
CA LEU C 10 3.07 -11.01 6.49
C LEU C 10 1.60 -11.40 6.41
N ASN C 11 1.09 -11.57 5.20
CA ASN C 11 -0.31 -11.96 5.02
C ASN C 11 -0.38 -13.48 4.82
N PRO C 12 -0.98 -14.20 5.78
CA PRO C 12 -1.10 -15.66 5.69
C PRO C 12 -1.87 -16.20 4.48
N ARG C 13 -2.73 -15.38 3.90
CA ARG C 13 -3.51 -15.79 2.74
C ARG C 13 -2.55 -16.02 1.58
N THR C 14 -1.42 -15.31 1.58
CA THR C 14 -0.44 -15.44 0.50
C THR C 14 0.91 -16.03 0.90
N ASN C 15 1.31 -15.92 2.17
CA ASN C 15 2.61 -16.44 2.59
C ASN C 15 2.80 -17.93 2.30
N LYS C 16 3.94 -18.29 1.71
CA LYS C 16 4.25 -19.67 1.39
C LYS C 16 5.50 -20.12 2.12
N GLY C 17 6.10 -19.22 2.89
CA GLY C 17 7.33 -19.58 3.58
C GLY C 17 8.40 -19.85 2.53
N ALA C 19 8.45 -22.01 0.34
CA ALA C 19 7.89 -22.63 -0.87
C ALA C 19 7.77 -21.60 -1.99
N PHE C 20 8.20 -20.38 -1.71
CA PHE C 20 8.19 -19.33 -2.71
C PHE C 20 9.32 -19.74 -3.64
N THR C 21 9.02 -19.97 -4.91
CA THR C 21 10.07 -20.39 -5.85
C THR C 21 11.10 -19.30 -6.05
N LEU C 22 12.24 -19.64 -6.64
CA LEU C 22 13.29 -18.66 -6.86
C LEU C 22 12.77 -17.48 -7.70
N GLN C 23 12.09 -17.80 -8.80
CA GLN C 23 11.56 -16.74 -9.65
C GLN C 23 10.59 -15.83 -8.91
N GLU C 24 9.72 -16.42 -8.09
CA GLU C 24 8.76 -15.62 -7.35
C GLU C 24 9.48 -14.66 -6.41
N ARG C 25 10.53 -15.16 -5.76
CA ARG C 25 11.30 -14.34 -4.85
C ARG C 25 11.93 -13.15 -5.57
N GLN C 26 12.59 -13.41 -6.69
CA GLN C 26 13.24 -12.35 -7.45
C GLN C 26 12.26 -11.36 -8.05
N LEU C 28 9.11 -10.81 -7.09
CA LEU C 28 8.21 -10.19 -6.14
C LEU C 28 8.91 -9.50 -4.97
N GLY C 29 10.22 -9.28 -5.11
CA GLY C 29 11.00 -8.61 -4.07
C GLY C 29 11.19 -9.36 -2.77
N LEU C 30 11.36 -10.67 -2.84
CA LEU C 30 11.55 -11.46 -1.62
C LEU C 30 12.96 -12.05 -1.45
N GLN C 31 13.80 -11.95 -2.47
CA GLN C 31 15.16 -12.49 -2.37
C GLN C 31 15.87 -11.92 -1.17
N GLY C 32 16.44 -12.79 -0.34
CA GLY C 32 17.14 -12.33 0.84
C GLY C 32 16.25 -12.31 2.08
N LEU C 33 14.94 -12.24 1.89
CA LEU C 33 14.04 -12.22 3.03
C LEU C 33 13.70 -13.65 3.45
N LEU C 34 14.09 -14.60 2.62
CA LEU C 34 13.85 -16.01 2.89
C LEU C 34 15.20 -16.72 2.84
N PRO C 35 15.34 -17.85 3.55
CA PRO C 35 16.58 -18.62 3.56
C PRO C 35 16.81 -19.13 2.14
N PRO C 36 18.08 -19.33 1.74
CA PRO C 36 18.40 -19.81 0.40
C PRO C 36 17.61 -21.05 -0.05
N LYS C 37 17.27 -21.91 0.90
CA LYS C 37 16.53 -23.13 0.63
C LYS C 37 15.12 -22.92 0.02
N ILE C 38 14.78 -23.77 -0.94
CA ILE C 38 13.46 -23.74 -1.58
C ILE C 38 12.77 -25.02 -1.06
N GLU C 39 11.54 -24.90 -0.55
CA GLU C 39 10.86 -26.10 -0.07
C GLU C 39 9.56 -26.39 -0.80
N THR C 40 9.07 -27.60 -0.61
CA THR C 40 7.82 -28.05 -1.21
C THR C 40 6.83 -28.02 -0.07
N GLN C 41 5.53 -28.04 -0.36
CA GLN C 41 4.55 -28.04 0.70
C GLN C 41 4.69 -29.33 1.50
N ASP C 42 5.18 -30.38 0.85
CA ASP C 42 5.34 -31.68 1.49
C ASP C 42 6.37 -31.65 2.61
N ILE C 43 7.48 -30.95 2.37
CA ILE C 43 8.53 -30.83 3.38
C ILE C 43 7.95 -30.08 4.57
N GLN C 44 7.16 -29.06 4.28
CA GLN C 44 6.53 -28.24 5.32
C GLN C 44 5.55 -29.05 6.15
N ALA C 45 4.79 -29.94 5.51
CA ALA C 45 3.83 -30.77 6.22
C ALA C 45 4.61 -31.68 7.17
N LEU C 46 5.73 -32.22 6.69
CA LEU C 46 6.58 -33.09 7.52
C LEU C 46 7.05 -32.35 8.75
N ARG C 47 7.41 -31.08 8.57
CA ARG C 47 7.87 -30.28 9.70
C ARG C 47 6.74 -30.26 10.71
N PHE C 48 5.53 -29.97 10.24
CA PHE C 48 4.39 -29.91 11.11
C PHE C 48 4.17 -31.18 11.91
N HIS C 49 3.94 -32.30 11.22
CA HIS C 49 3.69 -33.56 11.92
C HIS C 49 4.83 -33.97 12.83
N ARG C 50 6.05 -33.60 12.46
CA ARG C 50 7.22 -33.91 13.26
C ARG C 50 7.05 -33.26 14.62
N ASN C 51 6.77 -31.96 14.63
CA ASN C 51 6.58 -31.22 15.88
C ASN C 51 5.30 -31.56 16.63
N LEU C 52 4.25 -31.94 15.91
CA LEU C 52 2.98 -32.27 16.54
C LEU C 52 3.08 -33.57 17.33
N LYS C 53 3.85 -34.51 16.78
CA LYS C 53 4.06 -35.82 17.39
C LYS C 53 4.64 -35.66 18.79
N LYS C 54 5.51 -34.67 18.95
CA LYS C 54 6.17 -34.42 20.22
C LYS C 54 5.32 -33.67 21.25
N THR C 56 2.18 -32.76 23.87
CA THR C 56 1.46 -33.57 24.86
C THR C 56 -0.03 -33.36 25.06
N SER C 57 -0.49 -32.11 25.12
CA SER C 57 -1.90 -31.87 25.34
C SER C 57 -2.66 -31.38 24.14
N PRO C 58 -3.94 -31.75 24.03
CA PRO C 58 -4.76 -31.33 22.91
C PRO C 58 -4.74 -29.80 22.75
N LEU C 59 -4.89 -29.08 23.86
CA LEU C 59 -4.90 -27.63 23.80
C LEU C 59 -3.61 -27.11 23.16
N GLU C 60 -2.48 -27.66 23.57
CA GLU C 60 -1.21 -27.24 23.00
C GLU C 60 -1.22 -27.44 21.48
N LYS C 61 -1.80 -28.55 21.04
CA LYS C 61 -1.89 -28.85 19.61
C LYS C 61 -2.80 -27.85 18.91
N TYR C 62 -3.88 -27.44 19.57
CA TYR C 62 -4.83 -26.46 19.04
C TYR C 62 -4.11 -25.15 18.77
N ILE C 63 -3.44 -24.64 19.81
CA ILE C 63 -2.73 -23.38 19.73
C ILE C 63 -1.71 -23.38 18.59
N TYR C 64 -1.09 -24.53 18.37
CA TYR C 64 -0.08 -24.67 17.34
C TYR C 64 -0.67 -24.73 15.93
N ILE C 65 -1.62 -25.64 15.70
CA ILE C 65 -2.19 -25.72 14.36
C ILE C 65 -2.96 -24.45 14.05
N GLY C 67 -2.34 -21.58 15.04
CA GLY C 67 -1.39 -20.51 14.78
C GLY C 67 -0.91 -20.53 13.32
N ILE C 68 -0.91 -21.72 12.72
CA ILE C 68 -0.49 -21.87 11.34
C ILE C 68 -1.48 -21.16 10.43
N GLN C 69 -2.77 -21.22 10.77
CA GLN C 69 -3.76 -20.53 9.96
C GLN C 69 -3.45 -19.04 9.89
N GLU C 70 -2.78 -18.52 10.91
CA GLU C 70 -2.44 -17.10 10.93
C GLU C 70 -1.06 -16.78 10.33
N ARG C 71 -0.37 -17.81 9.85
CA ARG C 71 0.95 -17.60 9.25
C ARG C 71 0.99 -18.06 7.80
N ASN C 72 0.38 -19.21 7.52
CA ASN C 72 0.36 -19.78 6.18
C ASN C 72 -0.95 -20.54 5.94
N GLU C 73 -1.93 -19.86 5.37
CA GLU C 73 -3.23 -20.44 5.12
C GLU C 73 -3.25 -21.73 4.29
N LYS C 74 -2.53 -21.72 3.17
CA LYS C 74 -2.47 -22.90 2.30
C LYS C 74 -2.00 -24.12 3.06
N LEU C 75 -0.91 -23.97 3.81
CA LEU C 75 -0.34 -25.05 4.58
C LEU C 75 -1.27 -25.48 5.72
N PHE C 76 -1.97 -24.51 6.32
CA PHE C 76 -2.88 -24.85 7.41
C PHE C 76 -3.87 -25.90 6.92
N TYR C 77 -4.45 -25.67 5.74
CA TYR C 77 -5.40 -26.60 5.18
C TYR C 77 -4.76 -27.87 4.60
N ARG C 78 -3.51 -27.77 4.18
CA ARG C 78 -2.84 -28.95 3.65
C ARG C 78 -2.70 -29.90 4.84
N ILE C 79 -2.46 -29.32 6.02
CA ILE C 79 -2.29 -30.09 7.24
C ILE C 79 -3.60 -30.77 7.66
N LEU C 80 -4.73 -30.07 7.57
CA LEU C 80 -6.00 -30.68 7.93
C LEU C 80 -6.32 -31.79 6.92
N GLN C 81 -6.03 -31.50 5.65
CA GLN C 81 -6.27 -32.45 4.57
C GLN C 81 -5.53 -33.76 4.82
N ASP C 82 -4.28 -33.66 5.23
CA ASP C 82 -3.48 -34.86 5.48
C ASP C 82 -4.14 -35.85 6.43
N ASP C 83 -4.82 -35.36 7.47
CA ASP C 83 -5.46 -36.27 8.41
C ASP C 83 -6.59 -35.61 9.20
N ILE C 84 -7.70 -35.36 8.52
CA ILE C 84 -8.85 -34.71 9.14
C ILE C 84 -9.44 -35.48 10.32
N GLU C 85 -9.37 -36.81 10.32
CA GLU C 85 -9.93 -37.58 11.42
C GLU C 85 -9.21 -37.37 12.74
N SER C 86 -7.88 -37.41 12.71
CA SER C 86 -7.12 -37.24 13.95
C SER C 86 -7.03 -35.80 14.42
N LEU C 87 -7.17 -34.84 13.51
CA LEU C 87 -7.08 -33.44 13.88
C LEU C 87 -8.44 -32.81 14.22
N PRO C 89 -10.76 -33.61 16.43
CA PRO C 89 -10.94 -33.47 17.88
C PRO C 89 -10.14 -32.30 18.44
N ILE C 90 -9.11 -31.90 17.71
CA ILE C 90 -8.23 -30.82 18.12
C ILE C 90 -8.75 -29.47 17.68
N VAL C 91 -9.01 -29.33 16.39
CA VAL C 91 -9.50 -28.08 15.84
C VAL C 91 -10.99 -27.90 16.10
N TYR C 92 -11.69 -29.01 16.24
CA TYR C 92 -13.13 -28.96 16.46
C TYR C 92 -13.48 -29.55 17.84
N THR C 93 -14.69 -30.05 17.99
CA THR C 93 -15.13 -30.64 19.25
C THR C 93 -14.27 -31.87 19.55
N PRO C 94 -13.86 -32.05 20.82
CA PRO C 94 -14.09 -31.26 22.03
C PRO C 94 -13.10 -30.15 22.38
N THR C 95 -11.88 -30.25 21.87
CA THR C 95 -10.84 -29.27 22.17
C THR C 95 -11.21 -27.82 21.89
N VAL C 96 -12.04 -27.57 20.89
CA VAL C 96 -12.43 -26.20 20.59
C VAL C 96 -13.19 -25.62 21.78
N GLY C 97 -13.95 -26.47 22.47
CA GLY C 97 -14.69 -26.00 23.64
C GLY C 97 -13.69 -25.66 24.72
N LEU C 98 -12.62 -26.44 24.80
CA LEU C 98 -11.60 -26.17 25.80
C LEU C 98 -10.97 -24.82 25.44
N ALA C 99 -10.59 -24.64 24.18
CA ALA C 99 -9.99 -23.39 23.75
C ALA C 99 -10.91 -22.20 24.10
N CYS C 100 -12.19 -22.35 23.80
CA CYS C 100 -13.14 -21.28 24.09
C CYS C 100 -13.23 -20.89 25.56
N SER C 101 -13.33 -21.87 26.45
CA SER C 101 -13.41 -21.52 27.87
C SER C 101 -12.11 -20.86 28.35
N GLN C 102 -11.07 -20.90 27.51
CA GLN C 102 -9.79 -20.30 27.84
C GLN C 102 -9.30 -19.33 26.76
N TYR C 103 -10.20 -18.95 25.87
CA TYR C 103 -9.87 -18.04 24.76
C TYR C 103 -9.05 -16.83 25.19
N GLY C 104 -9.35 -16.26 26.35
CA GLY C 104 -8.60 -15.10 26.81
C GLY C 104 -7.21 -15.38 27.37
N HIS C 105 -6.92 -16.64 27.67
CA HIS C 105 -5.60 -17.00 28.21
C HIS C 105 -4.63 -17.32 27.09
N ILE C 106 -5.16 -17.81 25.99
CA ILE C 106 -4.33 -18.20 24.84
C ILE C 106 -4.36 -17.24 23.66
N PHE C 107 -5.03 -16.10 23.81
CA PHE C 107 -5.11 -15.13 22.73
C PHE C 107 -3.72 -14.75 22.20
N ARG C 108 -3.61 -14.62 20.88
CA ARG C 108 -2.35 -14.23 20.24
C ARG C 108 -2.68 -13.20 19.16
N ARG C 109 -3.66 -13.53 18.33
CA ARG C 109 -4.12 -12.63 17.29
C ARG C 109 -5.63 -12.81 17.22
N PRO C 110 -6.35 -11.77 16.81
CA PRO C 110 -7.81 -11.92 16.72
C PRO C 110 -8.16 -12.57 15.38
N LYS C 111 -9.36 -13.11 15.27
CA LYS C 111 -9.81 -13.73 14.03
C LYS C 111 -11.29 -13.42 13.90
N GLY C 112 -11.70 -12.87 12.77
CA GLY C 112 -13.10 -12.55 12.57
C GLY C 112 -13.51 -11.17 13.04
N LEU C 113 -14.80 -10.87 12.96
CA LEU C 113 -15.36 -9.56 13.36
C LEU C 113 -16.03 -9.53 14.71
N PHE C 114 -15.83 -8.45 15.44
CA PHE C 114 -16.47 -8.31 16.73
C PHE C 114 -17.37 -7.07 16.68
N ILE C 115 -18.67 -7.30 16.81
CA ILE C 115 -19.64 -6.23 16.78
C ILE C 115 -20.30 -6.23 18.15
N SER C 116 -20.07 -5.18 18.94
CA SER C 116 -20.67 -5.13 20.26
C SER C 116 -21.87 -4.20 20.34
N ILE C 117 -22.65 -4.35 21.42
CA ILE C 117 -23.83 -3.54 21.64
C ILE C 117 -23.42 -2.06 21.70
N SER C 118 -22.18 -1.80 22.10
CA SER C 118 -21.66 -0.45 22.16
C SER C 118 -21.42 0.14 20.77
N ASP C 119 -21.48 -0.69 19.74
CA ASP C 119 -21.28 -0.20 18.38
C ASP C 119 -22.61 0.04 17.69
N ARG C 120 -23.71 -0.12 18.43
CA ARG C 120 -25.04 0.05 17.85
C ARG C 120 -25.18 1.40 17.13
N GLY C 121 -25.58 1.35 15.87
CA GLY C 121 -25.72 2.55 15.07
C GLY C 121 -24.57 2.73 14.12
N HIS C 122 -23.46 2.05 14.40
CA HIS C 122 -22.26 2.16 13.57
C HIS C 122 -21.77 0.80 13.09
N VAL C 123 -22.67 -0.17 13.02
CA VAL C 123 -22.29 -1.51 12.59
C VAL C 123 -21.78 -1.58 11.15
N ARG C 124 -22.38 -0.80 10.27
CA ARG C 124 -21.95 -0.81 8.88
C ARG C 124 -20.47 -0.46 8.74
N SER C 125 -20.00 0.49 9.53
CA SER C 125 -18.60 0.90 9.45
C SER C 125 -17.66 -0.20 9.93
N ILE C 126 -18.15 -1.05 10.83
CA ILE C 126 -17.35 -2.16 11.33
C ILE C 126 -17.21 -3.20 10.22
N VAL C 127 -18.29 -3.43 9.49
CA VAL C 127 -18.28 -4.39 8.40
C VAL C 127 -17.40 -3.93 7.25
N ASP C 128 -17.22 -2.62 7.11
CA ASP C 128 -16.36 -2.09 6.04
C ASP C 128 -14.90 -2.19 6.44
N ASN C 129 -14.64 -2.46 7.72
CA ASN C 129 -13.26 -2.59 8.15
C ASN C 129 -12.67 -3.95 7.80
N TRP C 130 -13.52 -4.92 7.46
CA TRP C 130 -13.06 -6.26 7.08
C TRP C 130 -12.40 -6.14 5.71
N PRO C 131 -11.15 -6.63 5.58
CA PRO C 131 -10.28 -6.64 4.39
C PRO C 131 -10.82 -7.31 3.13
N GLU C 132 -11.52 -8.42 3.31
CA GLU C 132 -12.05 -9.16 2.17
C GLU C 132 -13.27 -8.50 1.57
N ASN C 133 -13.23 -8.40 0.24
CA ASN C 133 -14.26 -7.75 -0.53
C ASN C 133 -15.39 -8.61 -1.04
N HIS C 134 -15.22 -9.92 -0.99
CA HIS C 134 -16.23 -10.78 -1.52
C HIS C 134 -16.63 -11.94 -0.61
N VAL C 135 -17.14 -11.62 0.57
CA VAL C 135 -17.56 -12.64 1.53
C VAL C 135 -18.86 -13.32 1.12
N LYS C 136 -18.84 -14.65 1.05
CA LYS C 136 -20.01 -15.42 0.67
C LYS C 136 -20.67 -16.17 1.84
N ALA C 137 -19.92 -16.36 2.93
CA ALA C 137 -20.45 -17.08 4.07
C ALA C 137 -20.04 -16.53 5.42
N VAL C 138 -21.03 -16.31 6.29
CA VAL C 138 -20.80 -15.79 7.62
C VAL C 138 -21.33 -16.78 8.65
N VAL C 139 -20.56 -17.01 9.71
CA VAL C 139 -21.02 -17.84 10.81
C VAL C 139 -20.96 -16.92 12.00
N VAL C 140 -22.11 -16.69 12.62
CA VAL C 140 -22.21 -15.77 13.75
C VAL C 140 -22.74 -16.40 15.05
N THR C 141 -22.19 -15.92 16.17
CA THR C 141 -22.61 -16.37 17.48
C THR C 141 -22.65 -15.16 18.42
N ASP C 142 -23.42 -15.26 19.50
CA ASP C 142 -23.45 -14.18 20.47
C ASP C 142 -22.88 -14.84 21.74
N GLY C 143 -22.41 -16.07 21.56
CA GLY C 143 -21.80 -16.82 22.65
C GLY C 143 -22.60 -17.14 23.90
N GLU C 144 -23.92 -17.30 23.78
CA GLU C 144 -24.72 -17.60 24.96
C GLU C 144 -24.84 -19.12 25.20
N ARG C 145 -24.77 -19.92 24.15
CA ARG C 145 -24.84 -21.37 24.30
C ARG C 145 -23.70 -22.07 23.58
N ILE C 146 -22.47 -21.90 24.07
CA ILE C 146 -21.31 -22.53 23.45
C ILE C 146 -21.28 -24.01 23.80
N LEU C 147 -21.56 -24.85 22.80
CA LEU C 147 -21.61 -26.30 23.03
C LEU C 147 -22.45 -26.46 24.29
N GLY C 148 -22.09 -27.40 25.16
CA GLY C 148 -22.87 -27.58 26.38
C GLY C 148 -22.20 -26.87 27.54
N LEU C 149 -21.37 -25.89 27.22
CA LEU C 149 -20.63 -25.15 28.23
C LEU C 149 -21.37 -23.92 28.67
N GLY C 150 -22.51 -23.64 28.04
CA GLY C 150 -23.27 -22.46 28.43
C GLY C 150 -22.75 -21.13 27.89
N ASP C 151 -23.00 -20.06 28.64
CA ASP C 151 -22.63 -18.70 28.27
C ASP C 151 -21.16 -18.36 28.52
N LEU C 152 -20.40 -18.22 27.43
CA LEU C 152 -18.98 -17.88 27.52
C LEU C 152 -18.67 -16.51 26.91
N GLY C 153 -19.71 -15.75 26.62
CA GLY C 153 -19.54 -14.42 26.04
C GLY C 153 -18.70 -14.42 24.79
N VAL C 154 -17.81 -13.43 24.68
CA VAL C 154 -16.93 -13.30 23.54
C VAL C 154 -15.89 -14.45 23.45
N TYR C 155 -15.75 -15.24 24.52
CA TYR C 155 -14.80 -16.35 24.49
C TYR C 155 -15.33 -17.39 23.50
N GLY C 156 -16.58 -17.23 23.11
CA GLY C 156 -17.19 -18.15 22.17
C GLY C 156 -16.78 -17.90 20.73
N GLY C 158 -14.41 -18.70 19.42
CA GLY C 158 -13.73 -19.92 18.98
C GLY C 158 -14.60 -20.83 18.13
N ILE C 159 -15.91 -20.85 18.41
CA ILE C 159 -16.81 -21.70 17.62
C ILE C 159 -16.95 -21.26 16.15
N PRO C 160 -17.30 -19.99 15.90
CA PRO C 160 -17.43 -19.58 14.49
C PRO C 160 -16.14 -19.84 13.70
N VAL C 161 -15.00 -19.58 14.34
CA VAL C 161 -13.70 -19.81 13.72
C VAL C 161 -13.54 -21.28 13.34
N GLY C 162 -13.88 -22.17 14.27
CA GLY C 162 -13.77 -23.59 13.99
C GLY C 162 -14.70 -24.06 12.88
N LYS C 163 -15.94 -23.59 12.91
CA LYS C 163 -16.92 -23.96 11.89
C LYS C 163 -16.41 -23.60 10.50
N LEU C 164 -15.89 -22.39 10.36
CA LEU C 164 -15.40 -21.96 9.06
C LEU C 164 -14.21 -22.77 8.58
N CYS C 165 -13.34 -23.18 9.50
CA CYS C 165 -12.19 -24.01 9.12
C CYS C 165 -12.74 -25.23 8.40
N LEU C 166 -13.87 -25.75 8.88
CA LEU C 166 -14.51 -26.92 8.32
C LEU C 166 -15.23 -26.62 7.00
N TYR C 167 -15.67 -25.37 6.81
CA TYR C 167 -16.31 -24.97 5.56
C TYR C 167 -15.28 -25.23 4.46
N THR C 168 -14.04 -24.90 4.74
CA THR C 168 -12.92 -25.06 3.80
C THR C 168 -12.29 -26.47 3.80
N ALA C 169 -12.04 -27.02 4.98
CA ALA C 169 -11.41 -28.33 5.08
C ALA C 169 -12.31 -29.45 4.56
N CYS C 170 -13.61 -29.31 4.81
CA CYS C 170 -14.56 -30.32 4.39
C CYS C 170 -15.21 -30.10 3.01
N ALA C 171 -15.73 -28.90 2.77
CA ALA C 171 -16.42 -28.62 1.50
C ALA C 171 -15.70 -27.79 0.44
N GLY C 172 -14.43 -27.45 0.66
CA GLY C 172 -13.70 -26.68 -0.33
C GLY C 172 -14.16 -25.24 -0.56
N ILE C 173 -14.80 -24.65 0.43
CA ILE C 173 -15.25 -23.26 0.33
C ILE C 173 -14.03 -22.38 0.55
N ARG C 174 -13.83 -21.37 -0.31
CA ARG C 174 -12.69 -20.46 -0.20
C ARG C 174 -12.66 -19.74 1.14
N PRO C 175 -11.56 -19.91 1.90
CA PRO C 175 -11.45 -19.24 3.21
C PRO C 175 -11.57 -17.73 3.17
N ASP C 176 -11.13 -17.11 2.07
CA ASP C 176 -11.19 -15.65 1.95
C ASP C 176 -12.62 -15.18 1.71
N ARG C 177 -13.53 -16.11 1.52
CA ARG C 177 -14.94 -15.78 1.30
C ARG C 177 -15.72 -16.09 2.57
N CYS C 178 -15.00 -16.41 3.64
CA CYS C 178 -15.63 -16.75 4.90
C CYS C 178 -15.38 -15.70 5.99
N LEU C 179 -16.38 -15.43 6.81
CA LEU C 179 -16.24 -14.44 7.87
C LEU C 179 -16.84 -14.89 9.19
N PRO C 180 -15.99 -15.10 10.23
CA PRO C 180 -16.55 -15.53 11.52
C PRO C 180 -17.02 -14.26 12.24
N VAL C 181 -18.16 -14.31 12.91
CA VAL C 181 -18.64 -13.12 13.57
C VAL C 181 -19.09 -13.37 15.00
N CYS C 182 -18.77 -12.42 15.87
CA CYS C 182 -19.19 -12.53 17.26
C CYS C 182 -19.95 -11.28 17.68
N ILE C 183 -21.16 -11.48 18.17
CA ILE C 183 -22.01 -10.37 18.62
C ILE C 183 -21.89 -10.29 20.14
N ASP C 184 -21.29 -9.22 20.63
CA ASP C 184 -21.11 -9.07 22.07
C ASP C 184 -22.10 -8.09 22.69
N VAL C 185 -23.07 -8.62 23.42
CA VAL C 185 -24.05 -7.76 24.07
C VAL C 185 -23.93 -7.96 25.57
N GLY C 186 -22.80 -8.53 25.98
CA GLY C 186 -22.53 -8.79 27.39
C GLY C 186 -22.53 -10.28 27.63
N THR C 187 -22.32 -10.68 28.88
CA THR C 187 -22.31 -12.09 29.26
C THR C 187 -22.83 -12.22 30.68
N ASP C 188 -23.63 -13.25 30.94
CA ASP C 188 -24.19 -13.48 32.27
C ASP C 188 -23.22 -14.34 33.10
N ASN C 189 -22.09 -14.67 32.50
CA ASN C 189 -21.09 -15.50 33.16
C ASN C 189 -20.33 -14.73 34.25
N ILE C 190 -20.77 -14.91 35.49
CA ILE C 190 -20.17 -14.24 36.64
C ILE C 190 -18.66 -14.38 36.71
N ALA C 191 -18.16 -15.59 36.45
CA ALA C 191 -16.72 -15.82 36.50
C ALA C 191 -15.99 -14.96 35.48
N LEU C 192 -16.49 -14.93 34.24
CA LEU C 192 -15.84 -14.14 33.19
C LEU C 192 -15.83 -12.64 33.45
N LEU C 193 -16.89 -12.12 34.06
CA LEU C 193 -16.94 -10.71 34.37
C LEU C 193 -15.86 -10.39 35.39
N LYS C 194 -15.30 -11.43 36.00
CA LYS C 194 -14.25 -11.25 37.00
C LYS C 194 -12.89 -11.66 36.47
N ASP C 195 -12.84 -12.04 35.20
CA ASP C 195 -11.60 -12.45 34.54
C ASP C 195 -10.94 -11.22 33.89
N PRO C 196 -9.70 -10.88 34.29
CA PRO C 196 -9.03 -9.70 33.70
C PRO C 196 -8.59 -9.96 32.25
N PHE C 197 -8.78 -11.18 31.79
CA PHE C 197 -8.42 -11.57 30.43
C PHE C 197 -9.64 -11.65 29.52
N TYR C 198 -10.84 -11.49 30.08
CA TYR C 198 -12.04 -11.54 29.28
C TYR C 198 -11.93 -10.58 28.09
N GLY C 200 -14.63 -9.51 26.07
CA GLY C 200 -15.81 -8.73 25.75
C GLY C 200 -16.11 -7.59 26.71
N LEU C 201 -17.29 -6.99 26.55
CA LEU C 201 -17.74 -5.89 27.40
C LEU C 201 -18.03 -6.44 28.78
N TYR C 202 -17.58 -5.75 29.82
CA TYR C 202 -17.85 -6.23 31.17
C TYR C 202 -19.22 -5.75 31.64
N GLN C 203 -20.26 -6.44 31.20
CA GLN C 203 -21.64 -6.14 31.57
C GLN C 203 -22.47 -7.38 31.30
N LYS C 204 -23.59 -7.52 32.01
CA LYS C 204 -24.48 -8.65 31.82
C LYS C 204 -25.11 -8.48 30.43
N ARG C 205 -25.65 -9.56 29.88
CA ARG C 205 -26.27 -9.52 28.57
C ARG C 205 -27.43 -8.53 28.44
N ASP C 206 -27.42 -7.78 27.35
CA ASP C 206 -28.49 -6.83 27.08
C ASP C 206 -29.60 -7.66 26.42
N ARG C 207 -30.72 -7.82 27.11
CA ARG C 207 -31.83 -8.61 26.57
C ARG C 207 -33.02 -7.75 26.14
N THR C 208 -32.82 -6.44 26.04
CA THR C 208 -33.88 -5.54 25.63
C THR C 208 -34.01 -5.52 24.11
N GLN C 209 -34.87 -4.64 23.59
CA GLN C 209 -35.08 -4.52 22.15
C GLN C 209 -33.82 -4.05 21.41
N GLN C 210 -32.90 -3.44 22.15
CA GLN C 210 -31.66 -2.97 21.53
C GLN C 210 -30.89 -4.14 20.95
N TYR C 211 -31.05 -5.29 21.59
CA TYR C 211 -30.42 -6.52 21.17
C TYR C 211 -30.94 -6.95 19.79
N ASP C 212 -32.26 -7.00 19.62
CA ASP C 212 -32.84 -7.37 18.33
C ASP C 212 -32.41 -6.37 17.27
N ASP C 213 -32.38 -5.08 17.64
CA ASP C 213 -31.98 -4.05 16.70
C ASP C 213 -30.54 -4.28 16.27
N LEU C 214 -29.69 -4.64 17.22
CA LEU C 214 -28.30 -4.88 16.90
C LEU C 214 -28.20 -5.98 15.85
N ILE C 215 -28.93 -7.07 16.08
CA ILE C 215 -28.93 -8.19 15.15
C ILE C 215 -29.48 -7.75 13.81
N ASP C 216 -30.53 -6.95 13.85
CA ASP C 216 -31.15 -6.41 12.63
C ASP C 216 -30.11 -5.62 11.87
N GLU C 217 -29.50 -4.68 12.57
CA GLU C 217 -28.48 -3.81 11.98
C GLU C 217 -27.33 -4.61 11.38
N PHE C 218 -27.05 -5.77 11.98
CA PHE C 218 -25.97 -6.63 11.50
C PHE C 218 -26.36 -7.36 10.20
N LYS C 220 -28.57 -6.40 8.05
CA LYS C 220 -28.65 -5.32 7.07
C LYS C 220 -27.26 -4.94 6.56
N ALA C 221 -26.35 -4.68 7.49
CA ALA C 221 -24.99 -4.28 7.14
C ALA C 221 -24.24 -5.34 6.32
N ILE C 222 -24.33 -6.61 6.72
CA ILE C 222 -23.63 -7.68 6.00
C ILE C 222 -24.10 -7.85 4.56
N THR C 223 -25.41 -7.86 4.36
CA THR C 223 -25.97 -8.03 3.03
C THR C 223 -25.75 -6.78 2.16
N ASP C 224 -25.79 -5.60 2.76
CA ASP C 224 -25.58 -4.37 2.01
C ASP C 224 -24.23 -4.39 1.32
N ARG C 225 -23.19 -4.77 2.06
CA ARG C 225 -21.86 -4.80 1.46
C ARG C 225 -21.52 -6.02 0.61
N TYR C 226 -22.02 -7.20 1.00
CA TYR C 226 -21.68 -8.41 0.28
C TYR C 226 -22.79 -9.03 -0.56
N GLY C 227 -24.03 -8.65 -0.28
CA GLY C 227 -25.11 -9.22 -1.05
C GLY C 227 -26.26 -9.75 -0.23
N ARG C 228 -27.44 -9.66 -0.81
CA ARG C 228 -28.66 -10.10 -0.16
C ARG C 228 -28.62 -11.62 0.02
N ASN C 229 -27.91 -12.31 -0.86
CA ASN C 229 -27.83 -13.76 -0.80
C ASN C 229 -26.61 -14.31 -0.05
N THR C 230 -26.05 -13.49 0.83
CA THR C 230 -24.90 -13.92 1.62
C THR C 230 -25.38 -14.94 2.65
N LEU C 231 -24.75 -16.11 2.66
CA LEU C 231 -25.13 -17.18 3.58
C LEU C 231 -24.76 -16.78 5.00
N ILE C 232 -25.76 -16.71 5.87
CA ILE C 232 -25.55 -16.35 7.26
C ILE C 232 -25.94 -17.53 8.14
N GLN C 233 -24.95 -18.17 8.76
CA GLN C 233 -25.19 -19.32 9.61
C GLN C 233 -25.18 -18.95 11.09
N PHE C 234 -26.32 -19.07 11.76
CA PHE C 234 -26.38 -18.76 13.19
C PHE C 234 -25.82 -19.94 13.97
N GLU C 235 -25.01 -19.64 14.99
CA GLU C 235 -24.41 -20.70 15.78
C GLU C 235 -24.29 -20.40 17.26
N ASP C 236 -24.75 -21.35 18.07
CA ASP C 236 -24.70 -21.28 19.52
C ASP C 236 -25.33 -20.07 20.21
N PHE C 237 -26.50 -19.67 19.73
CA PHE C 237 -27.25 -18.57 20.34
C PHE C 237 -28.09 -19.29 21.41
N GLY C 238 -28.59 -18.55 22.39
CA GLY C 238 -29.43 -19.18 23.41
C GLY C 238 -30.69 -19.75 22.80
N ASN C 239 -31.42 -20.55 23.58
CA ASN C 239 -32.65 -21.16 23.10
C ASN C 239 -33.70 -20.21 22.53
N HIS C 240 -34.10 -19.20 23.32
CA HIS C 240 -35.11 -18.24 22.88
C HIS C 240 -34.74 -17.44 21.62
N ASN C 241 -33.55 -16.87 21.61
CA ASN C 241 -33.08 -16.07 20.48
C ASN C 241 -32.90 -16.91 19.21
N ALA C 242 -32.43 -18.15 19.37
CA ALA C 242 -32.19 -19.02 18.23
C ALA C 242 -33.42 -19.23 17.35
N PHE C 243 -34.52 -19.65 17.97
CA PHE C 243 -35.74 -19.89 17.22
C PHE C 243 -36.31 -18.60 16.62
N ARG C 244 -36.35 -17.55 17.45
CA ARG C 244 -36.89 -16.26 17.04
C ARG C 244 -36.17 -15.65 15.83
N PHE C 245 -34.84 -15.58 15.89
CA PHE C 245 -34.07 -15.02 14.80
C PHE C 245 -34.19 -15.87 13.54
N LEU C 246 -34.27 -17.19 13.72
CA LEU C 246 -34.41 -18.09 12.59
C LEU C 246 -35.72 -17.83 11.85
N ARG C 247 -36.81 -17.68 12.59
CA ARG C 247 -38.12 -17.46 11.99
C ARG C 247 -38.30 -16.03 11.48
N LYS C 248 -37.60 -15.09 12.10
CA LYS C 248 -37.69 -13.69 11.72
C LYS C 248 -36.95 -13.40 10.41
N TYR C 249 -35.86 -14.11 10.19
CA TYR C 249 -35.04 -13.86 9.01
C TYR C 249 -35.01 -14.94 7.94
N ARG C 250 -35.47 -16.14 8.25
CA ARG C 250 -35.39 -17.21 7.26
C ARG C 250 -36.03 -16.92 5.90
N GLU C 251 -37.08 -16.11 5.88
CA GLU C 251 -37.74 -15.79 4.62
C GLU C 251 -37.24 -14.46 4.07
N LYS C 252 -36.42 -13.76 4.85
CA LYS C 252 -35.89 -12.46 4.45
C LYS C 252 -34.47 -12.54 3.91
N TYR C 253 -33.65 -13.42 4.47
CA TYR C 253 -32.27 -13.57 4.04
C TYR C 253 -31.96 -15.05 3.77
N CYS C 254 -30.73 -15.34 3.35
CA CYS C 254 -30.31 -16.71 3.10
C CYS C 254 -29.58 -17.13 4.37
N THR C 255 -30.38 -17.54 5.37
CA THR C 255 -29.86 -17.90 6.68
C THR C 255 -30.47 -19.18 7.23
N PHE C 256 -29.75 -19.79 8.17
CA PHE C 256 -30.21 -21.00 8.83
C PHE C 256 -29.48 -21.11 10.15
N ASN C 257 -29.93 -22.01 11.01
CA ASN C 257 -29.29 -22.20 12.30
C ASN C 257 -28.79 -23.64 12.42
N ASP C 258 -27.48 -23.76 12.50
CA ASP C 258 -26.79 -25.05 12.59
C ASP C 258 -27.34 -25.95 13.70
N ASP C 259 -27.46 -25.39 14.90
CA ASP C 259 -27.93 -26.11 16.06
C ASP C 259 -29.33 -26.68 15.93
N ILE C 260 -30.19 -25.96 15.22
CA ILE C 260 -31.56 -26.37 15.02
C ILE C 260 -31.74 -27.19 13.77
N GLN C 261 -31.17 -26.73 12.65
CA GLN C 261 -31.36 -27.42 11.39
C GLN C 261 -30.30 -28.40 10.93
N GLY C 262 -29.03 -28.07 11.13
CA GLY C 262 -27.97 -28.98 10.72
C GLY C 262 -27.99 -30.22 11.59
N THR C 263 -28.30 -30.02 12.86
CA THR C 263 -28.38 -31.12 13.81
C THR C 263 -29.50 -32.06 13.41
N ALA C 264 -30.65 -31.47 13.11
CA ALA C 264 -31.82 -32.22 12.71
C ALA C 264 -31.48 -33.17 11.58
N ALA C 265 -30.81 -32.65 10.56
CA ALA C 265 -30.43 -33.49 9.42
C ALA C 265 -29.48 -34.66 9.78
N VAL C 266 -28.41 -34.38 10.54
CA VAL C 266 -27.46 -35.45 10.89
C VAL C 266 -28.16 -36.51 11.73
N ALA C 267 -28.93 -36.08 12.71
CA ALA C 267 -29.65 -37.02 13.56
C ALA C 267 -30.58 -37.90 12.71
N LEU C 268 -31.39 -37.25 11.86
CA LEU C 268 -32.30 -38.00 10.98
C LEU C 268 -31.51 -39.00 10.16
N ALA C 269 -30.39 -38.56 9.60
CA ALA C 269 -29.56 -39.45 8.79
C ALA C 269 -29.16 -40.68 9.61
N GLY C 270 -28.87 -40.48 10.88
CA GLY C 270 -28.49 -41.59 11.74
C GLY C 270 -29.63 -42.56 11.95
N LEU C 271 -30.83 -42.03 12.17
CA LEU C 271 -32.03 -42.84 12.36
C LEU C 271 -32.38 -43.59 11.07
N LEU C 272 -32.07 -42.98 9.92
CA LEU C 272 -32.33 -43.61 8.63
C LEU C 272 -31.41 -44.81 8.46
N ALA C 273 -30.12 -44.60 8.74
CA ALA C 273 -29.15 -45.69 8.63
C ALA C 273 -29.59 -46.80 9.58
N ALA C 274 -30.06 -46.40 10.74
CA ALA C 274 -30.52 -47.34 11.75
C ALA C 274 -31.68 -48.16 11.20
N GLN C 275 -32.68 -47.49 10.64
CA GLN C 275 -33.82 -48.21 10.09
C GLN C 275 -33.37 -49.25 9.07
N LYS C 276 -32.23 -49.01 8.42
CA LYS C 276 -31.72 -49.98 7.46
C LYS C 276 -31.45 -51.31 8.14
N VAL C 277 -30.85 -51.27 9.33
CA VAL C 277 -30.56 -52.50 10.05
C VAL C 277 -31.79 -53.05 10.78
N ILE C 278 -32.52 -52.18 11.46
CA ILE C 278 -33.71 -52.58 12.21
C ILE C 278 -34.90 -52.98 11.33
N SER C 279 -35.20 -52.13 10.35
CA SER C 279 -36.31 -52.36 9.42
C SER C 279 -37.67 -52.51 10.10
N LYS C 280 -37.83 -51.86 11.26
CA LYS C 280 -39.08 -51.94 12.02
C LYS C 280 -40.19 -51.03 11.50
N PRO C 281 -41.46 -51.44 11.71
CA PRO C 281 -42.63 -50.65 11.27
C PRO C 281 -42.66 -49.29 12.00
N ILE C 282 -42.78 -48.22 11.23
CA ILE C 282 -42.80 -46.86 11.81
C ILE C 282 -43.92 -46.67 12.83
N SER C 283 -44.85 -47.62 12.88
CA SER C 283 -45.97 -47.57 13.81
C SER C 283 -45.47 -48.02 15.18
N GLU C 284 -44.31 -48.68 15.17
CA GLU C 284 -43.69 -49.20 16.39
C GLU C 284 -42.56 -48.28 16.84
N HIS C 285 -42.32 -47.21 16.09
CA HIS C 285 -41.25 -46.27 16.42
C HIS C 285 -41.71 -45.20 17.39
N LYS C 286 -41.20 -45.27 18.62
CA LYS C 286 -41.52 -44.29 19.65
C LYS C 286 -40.21 -43.68 20.08
N ILE C 287 -40.11 -42.36 19.98
CA ILE C 287 -38.88 -41.65 20.32
C ILE C 287 -39.01 -40.85 21.60
N LEU C 288 -37.90 -40.73 22.32
CA LEU C 288 -37.89 -39.97 23.56
C LEU C 288 -36.59 -39.17 23.68
N PHE C 289 -36.73 -37.87 23.80
CA PHE C 289 -35.60 -36.96 23.90
C PHE C 289 -35.29 -36.61 25.35
N LEU C 290 -33.99 -36.54 25.66
CA LEU C 290 -33.57 -36.11 26.98
C LEU C 290 -33.21 -34.67 26.66
N GLY C 291 -34.04 -33.73 27.12
CA GLY C 291 -33.81 -32.33 26.81
C GLY C 291 -34.84 -31.92 25.76
N ALA C 292 -35.30 -30.68 25.83
CA ALA C 292 -36.31 -30.19 24.88
C ALA C 292 -35.95 -28.79 24.39
N GLY C 293 -34.73 -28.63 23.91
CA GLY C 293 -34.29 -27.33 23.44
C GLY C 293 -34.11 -27.25 21.95
N GLU C 294 -33.21 -26.37 21.52
CA GLU C 294 -32.90 -26.14 20.12
C GLU C 294 -32.80 -27.40 19.27
N ALA C 295 -31.87 -28.27 19.62
CA ALA C 295 -31.62 -29.49 18.87
C ALA C 295 -32.74 -30.51 18.94
N ALA C 296 -33.35 -30.65 20.12
CA ALA C 296 -34.44 -31.60 20.31
C ALA C 296 -35.61 -31.21 19.39
N LEU C 297 -35.99 -29.95 19.44
CA LEU C 297 -37.10 -29.45 18.63
C LEU C 297 -36.76 -29.52 17.15
N GLY C 298 -35.53 -29.17 16.80
CA GLY C 298 -35.13 -29.22 15.40
C GLY C 298 -35.14 -30.66 14.90
N ILE C 299 -34.58 -31.56 15.69
CA ILE C 299 -34.53 -32.97 15.32
C ILE C 299 -35.94 -33.52 15.19
N ALA C 300 -36.78 -33.24 16.19
CA ALA C 300 -38.14 -33.72 16.21
C ALA C 300 -38.96 -33.20 15.04
N ASN C 301 -38.76 -31.93 14.67
CA ASN C 301 -39.50 -31.38 13.55
C ASN C 301 -39.11 -32.01 12.22
N LEU C 302 -37.86 -32.43 12.08
CA LEU C 302 -37.43 -33.05 10.83
C LEU C 302 -37.79 -34.53 10.81
N ILE C 303 -37.88 -35.14 11.99
CA ILE C 303 -38.27 -36.55 12.09
C ILE C 303 -39.73 -36.58 11.64
N VAL C 304 -40.51 -35.60 12.09
CA VAL C 304 -41.91 -35.53 11.72
C VAL C 304 -42.08 -35.36 10.22
N SER C 306 -40.16 -36.36 8.05
CA SER C 306 -39.74 -37.63 7.46
C SER C 306 -40.90 -38.63 7.56
N VAL C 308 -44.08 -37.93 7.95
CA VAL C 308 -45.18 -37.46 7.11
C VAL C 308 -44.95 -37.82 5.65
N GLU C 309 -43.72 -37.66 5.20
CA GLU C 309 -43.34 -37.98 3.83
C GLU C 309 -43.50 -39.50 3.66
N ASN C 310 -43.50 -40.21 4.79
CA ASN C 310 -43.64 -41.67 4.78
C ASN C 310 -45.05 -42.18 5.12
N GLY C 311 -46.04 -41.31 5.05
CA GLY C 311 -47.39 -41.75 5.33
C GLY C 311 -48.16 -41.04 6.42
N LEU C 312 -47.75 -41.27 7.67
CA LEU C 312 -48.42 -40.65 8.82
C LEU C 312 -48.76 -39.19 8.59
N SER C 313 -49.80 -38.73 9.28
CA SER C 313 -50.19 -37.34 9.17
C SER C 313 -49.20 -36.64 10.09
N GLU C 314 -49.20 -35.32 10.09
CA GLU C 314 -48.28 -34.59 10.96
C GLU C 314 -48.65 -34.83 12.42
N GLN C 315 -49.95 -34.90 12.69
CA GLN C 315 -50.42 -35.11 14.05
C GLN C 315 -50.13 -36.50 14.61
N GLU C 316 -50.15 -37.51 13.75
CA GLU C 316 -49.88 -38.88 14.20
C GLU C 316 -48.40 -39.07 14.53
N ALA C 317 -47.55 -38.40 13.77
CA ALA C 317 -46.11 -38.49 13.96
C ALA C 317 -45.66 -37.83 15.26
N GLN C 318 -46.17 -36.63 15.52
CA GLN C 318 -45.81 -35.88 16.71
C GLN C 318 -46.18 -36.62 17.98
N LYS C 319 -47.18 -37.49 17.90
CA LYS C 319 -47.62 -38.28 19.05
C LYS C 319 -46.60 -39.38 19.29
N LYS C 320 -45.75 -39.64 18.31
CA LYS C 320 -44.74 -40.67 18.43
C LYS C 320 -43.42 -40.13 19.00
N ILE C 321 -43.42 -38.85 19.37
CA ILE C 321 -42.24 -38.19 19.92
C ILE C 321 -42.51 -37.59 21.29
N TRP C 322 -41.69 -37.96 22.26
CA TRP C 322 -41.83 -37.44 23.62
C TRP C 322 -40.56 -36.70 24.01
N PHE C 324 -38.22 -35.08 27.60
CA PHE C 324 -38.00 -35.01 29.05
C PHE C 324 -36.92 -33.97 29.34
N ASP C 325 -37.30 -32.81 29.91
CA ASP C 325 -36.33 -31.77 30.20
C ASP C 325 -35.94 -31.66 31.67
N LYS C 326 -35.29 -30.56 32.04
CA LYS C 326 -34.84 -30.35 33.40
C LYS C 326 -35.96 -30.39 34.44
N TYR C 327 -37.18 -30.04 34.03
CA TYR C 327 -38.30 -30.04 34.95
C TYR C 327 -39.07 -31.35 34.91
N GLY C 328 -38.64 -32.25 34.02
CA GLY C 328 -39.30 -33.53 33.91
C GLY C 328 -39.86 -33.80 32.54
N LEU C 329 -40.81 -34.72 32.47
CA LEU C 329 -41.46 -35.10 31.22
C LEU C 329 -42.42 -34.00 30.75
N LEU C 330 -42.40 -33.71 29.44
CA LEU C 330 -43.28 -32.69 28.89
C LEU C 330 -44.68 -33.23 28.64
N VAL C 331 -45.59 -32.96 29.59
CA VAL C 331 -46.98 -33.40 29.49
C VAL C 331 -47.91 -32.22 29.72
N LYS C 332 -49.10 -32.27 29.14
CA LYS C 332 -50.07 -31.19 29.28
C LYS C 332 -50.43 -30.89 30.74
N GLY C 333 -50.48 -29.60 31.05
CA GLY C 333 -50.85 -29.17 32.38
C GLY C 333 -49.83 -29.36 33.48
N ARG C 334 -48.55 -29.49 33.12
CA ARG C 334 -47.51 -29.65 34.12
C ARG C 334 -47.17 -28.28 34.68
N LYS C 335 -46.68 -28.26 35.91
CA LYS C 335 -46.32 -27.01 36.56
C LYS C 335 -45.38 -26.13 35.75
N ALA C 336 -44.32 -26.72 35.19
CA ALA C 336 -43.33 -25.97 34.41
C ALA C 336 -43.82 -25.51 33.03
N LYS C 337 -43.24 -24.41 32.55
CA LYS C 337 -43.61 -23.82 31.26
C LYS C 337 -43.41 -24.74 30.06
N ILE C 338 -44.05 -24.37 28.97
CA ILE C 338 -43.95 -25.08 27.70
C ILE C 338 -44.15 -24.05 26.60
N ASP C 339 -43.12 -23.84 25.80
CA ASP C 339 -43.20 -22.85 24.74
C ASP C 339 -44.03 -23.30 23.54
N SER C 340 -44.25 -22.38 22.60
CA SER C 340 -45.03 -22.65 21.41
C SER C 340 -44.46 -23.80 20.58
N TYR C 341 -43.14 -23.98 20.60
CA TYR C 341 -42.51 -25.04 19.82
C TYR C 341 -42.59 -26.42 20.47
N GLN C 342 -42.66 -26.46 21.80
CA GLN C 342 -42.73 -27.72 22.53
C GLN C 342 -44.14 -28.29 22.60
N GLU C 343 -45.14 -27.42 22.65
CA GLU C 343 -46.54 -27.85 22.72
C GLU C 343 -46.85 -29.04 21.77
N PRO C 344 -46.47 -28.94 20.48
CA PRO C 344 -46.73 -30.02 19.51
C PRO C 344 -46.28 -31.41 19.97
N PHE C 345 -45.36 -31.46 20.92
CA PHE C 345 -44.85 -32.74 21.41
C PHE C 345 -45.17 -32.92 22.90
N THR C 346 -46.02 -32.05 23.42
CA THR C 346 -46.46 -32.10 24.80
C THR C 346 -47.77 -32.87 24.76
N HIS C 347 -47.75 -34.10 25.25
CA HIS C 347 -48.93 -34.94 25.22
C HIS C 347 -49.60 -35.17 26.57
N SER C 348 -50.76 -35.79 26.51
CA SER C 348 -51.53 -36.11 27.71
C SER C 348 -50.65 -37.00 28.58
N ALA C 349 -50.59 -36.69 29.86
CA ALA C 349 -49.78 -37.46 30.80
C ALA C 349 -50.15 -38.94 30.77
N PRO C 350 -49.14 -39.83 30.65
CA PRO C 350 -49.36 -41.29 30.61
C PRO C 350 -49.71 -41.84 32.00
N GLU C 351 -50.07 -43.12 32.06
CA GLU C 351 -50.45 -43.78 33.32
C GLU C 351 -49.84 -43.16 34.55
N SER C 352 -48.53 -43.00 34.53
CA SER C 352 -47.81 -42.43 35.67
C SER C 352 -46.86 -41.31 35.22
N ILE C 353 -46.58 -40.39 36.14
CA ILE C 353 -45.69 -39.28 35.84
C ILE C 353 -44.28 -39.69 36.22
N PRO C 354 -43.44 -40.04 35.22
CA PRO C 354 -42.06 -40.45 35.50
C PRO C 354 -41.25 -39.36 36.18
N ASP C 355 -40.64 -39.71 37.32
CA ASP C 355 -39.83 -38.79 38.10
C ASP C 355 -38.42 -38.65 37.55
N THR C 356 -37.91 -39.73 36.97
CA THR C 356 -36.56 -39.75 36.42
C THR C 356 -36.62 -40.16 34.96
N PHE C 357 -35.55 -39.95 34.22
CA PHE C 357 -35.54 -40.33 32.81
C PHE C 357 -35.67 -41.84 32.68
N GLU C 358 -35.17 -42.57 33.68
CA GLU C 358 -35.25 -44.03 33.71
C GLU C 358 -36.71 -44.48 33.74
N ASP C 359 -37.49 -43.93 34.66
CA ASP C 359 -38.91 -44.27 34.76
C ASP C 359 -39.56 -44.00 33.41
N ALA C 360 -39.25 -42.85 32.82
CA ALA C 360 -39.79 -42.47 31.53
C ALA C 360 -39.58 -43.57 30.51
N VAL C 361 -38.33 -44.05 30.42
CA VAL C 361 -37.99 -45.12 29.49
C VAL C 361 -38.82 -46.39 29.75
N ASN C 362 -39.05 -46.72 31.02
CA ASN C 362 -39.81 -47.91 31.35
C ASN C 362 -41.30 -47.70 31.12
N ILE C 363 -41.78 -46.50 31.43
CA ILE C 363 -43.18 -46.16 31.24
C ILE C 363 -43.53 -46.01 29.74
N LEU C 364 -42.81 -45.13 29.05
CA LEU C 364 -43.06 -44.89 27.62
C LEU C 364 -42.55 -46.02 26.73
N LYS C 365 -41.53 -46.73 27.20
CA LYS C 365 -40.95 -47.83 26.44
C LYS C 365 -40.52 -47.44 25.02
N PRO C 366 -39.76 -46.33 24.89
CA PRO C 366 -39.30 -45.88 23.59
C PRO C 366 -38.38 -46.89 22.96
N SER C 367 -38.20 -46.79 21.65
CA SER C 367 -37.32 -47.69 20.91
C SER C 367 -36.07 -46.90 20.55
N THR C 368 -36.16 -45.58 20.66
CA THR C 368 -35.05 -44.69 20.35
C THR C 368 -34.90 -43.66 21.45
N ILE C 369 -33.67 -43.44 21.87
CA ILE C 369 -33.38 -42.47 22.91
C ILE C 369 -32.36 -41.49 22.34
N ILE C 370 -32.66 -40.19 22.42
CA ILE C 370 -31.76 -39.16 21.91
C ILE C 370 -31.44 -38.15 22.99
N GLY C 371 -30.18 -38.13 23.38
CA GLY C 371 -29.73 -37.22 24.41
C GLY C 371 -29.18 -35.95 23.83
N VAL C 372 -29.77 -34.84 24.25
CA VAL C 372 -29.35 -33.55 23.75
C VAL C 372 -29.71 -32.52 24.81
N ALA C 373 -29.22 -32.78 26.01
CA ALA C 373 -29.47 -31.93 27.17
C ALA C 373 -28.21 -31.16 27.59
N GLY C 374 -27.05 -31.60 27.13
CA GLY C 374 -25.81 -30.94 27.49
C GLY C 374 -25.62 -30.86 28.99
N ALA C 375 -26.15 -31.85 29.70
CA ALA C 375 -26.07 -31.87 31.15
C ALA C 375 -25.27 -33.00 31.81
N GLY C 376 -24.51 -33.77 31.03
CA GLY C 376 -23.73 -34.84 31.63
C GLY C 376 -24.21 -36.26 31.35
N ARG C 377 -23.72 -37.20 32.15
CA ARG C 377 -24.04 -38.62 32.00
C ARG C 377 -25.43 -39.04 32.48
N LEU C 378 -26.47 -38.52 31.83
CA LEU C 378 -27.84 -38.84 32.23
C LEU C 378 -28.36 -40.16 31.68
N PHE C 379 -27.73 -40.68 30.62
CA PHE C 379 -28.13 -41.99 30.09
C PHE C 379 -27.35 -42.97 30.96
N THR C 380 -27.79 -43.10 32.21
CA THR C 380 -27.16 -43.98 33.21
C THR C 380 -27.19 -45.44 32.79
N PRO C 381 -26.37 -46.27 33.46
CA PRO C 381 -26.34 -47.70 33.14
C PRO C 381 -27.74 -48.33 33.25
N ASP C 382 -28.54 -47.86 34.19
CA ASP C 382 -29.87 -48.39 34.34
C ASP C 382 -30.74 -47.99 33.14
N VAL C 383 -30.47 -46.82 32.58
CA VAL C 383 -31.21 -46.34 31.41
C VAL C 383 -30.87 -47.22 30.23
N ILE C 384 -29.57 -47.44 30.04
CA ILE C 384 -29.11 -48.26 28.93
C ILE C 384 -29.59 -49.71 29.07
N ARG C 385 -29.56 -50.25 30.29
CA ARG C 385 -30.03 -51.61 30.51
C ARG C 385 -31.55 -51.67 30.29
N ALA C 386 -32.27 -50.67 30.77
CA ALA C 386 -33.71 -50.65 30.58
C ALA C 386 -34.00 -50.68 29.08
N ALA C 388 -32.06 -51.82 26.60
CA ALA C 388 -31.68 -53.10 26.01
C ALA C 388 -32.68 -54.21 26.34
N SER C 389 -33.37 -54.04 27.46
CA SER C 389 -34.35 -55.03 27.90
C SER C 389 -35.65 -54.83 27.10
N ILE C 390 -35.98 -53.57 26.86
CA ILE C 390 -37.18 -53.20 26.13
C ILE C 390 -37.08 -53.40 24.62
N ASN C 391 -35.89 -53.23 24.07
CA ASN C 391 -35.71 -53.35 22.62
C ASN C 391 -34.63 -54.34 22.21
N GLU C 392 -34.88 -55.13 21.18
CA GLU C 392 -33.89 -56.08 20.70
C GLU C 392 -32.67 -55.27 20.22
N ARG C 393 -32.93 -54.23 19.41
CA ARG C 393 -31.86 -53.36 18.90
C ARG C 393 -32.18 -51.89 19.16
N PRO C 394 -31.93 -51.42 20.39
CA PRO C 394 -32.21 -50.03 20.74
C PRO C 394 -31.31 -48.99 20.06
N VAL C 395 -31.89 -47.87 19.68
CA VAL C 395 -31.13 -46.79 19.05
C VAL C 395 -30.79 -45.84 20.21
N ILE C 396 -29.51 -45.56 20.40
CA ILE C 396 -29.07 -44.68 21.47
C ILE C 396 -28.13 -43.60 20.98
N PHE C 397 -28.63 -42.36 20.94
CA PHE C 397 -27.82 -41.23 20.50
C PHE C 397 -27.54 -40.29 21.65
N ALA C 398 -26.27 -40.12 21.99
CA ALA C 398 -25.84 -39.22 23.06
C ALA C 398 -25.15 -38.09 22.29
N LEU C 399 -25.91 -37.05 21.95
CA LEU C 399 -25.37 -35.96 21.15
C LEU C 399 -24.75 -34.74 21.83
N SER C 400 -24.90 -34.62 23.15
CA SER C 400 -24.35 -33.48 23.86
C SER C 400 -22.83 -33.36 23.75
N ASN C 401 -22.36 -32.13 23.62
CA ASN C 401 -20.93 -31.80 23.51
C ASN C 401 -20.63 -30.76 24.57
N PRO C 402 -19.37 -30.69 25.02
CA PRO C 402 -18.28 -31.56 24.57
C PRO C 402 -18.36 -32.90 25.28
N THR C 403 -17.31 -33.71 25.17
CA THR C 403 -17.29 -35.05 25.76
C THR C 403 -17.82 -35.23 27.19
N ALA C 404 -17.49 -34.32 28.11
CA ALA C 404 -17.96 -34.45 29.49
C ALA C 404 -19.46 -34.24 29.68
N GLN C 405 -20.11 -33.55 28.75
CA GLN C 405 -21.54 -33.33 28.88
C GLN C 405 -22.34 -34.37 28.15
N ALA C 406 -21.65 -35.29 27.48
CA ALA C 406 -22.32 -36.36 26.74
C ALA C 406 -23.13 -37.20 27.73
N GLU C 407 -24.24 -37.75 27.24
CA GLU C 407 -25.14 -38.56 28.04
C GLU C 407 -24.55 -39.92 28.45
N CYS C 408 -23.67 -40.46 27.62
CA CYS C 408 -23.00 -41.73 27.90
C CYS C 408 -21.92 -41.96 26.86
N THR C 409 -21.03 -42.91 27.14
CA THR C 409 -19.92 -43.20 26.24
C THR C 409 -20.25 -44.39 25.34
N ALA C 410 -19.52 -44.52 24.24
CA ALA C 410 -19.70 -45.63 23.33
C ALA C 410 -19.46 -46.91 24.13
N GLU C 411 -18.37 -46.91 24.90
CA GLU C 411 -17.99 -48.03 25.73
C GLU C 411 -19.11 -48.46 26.68
N GLU C 412 -19.87 -47.50 27.20
CA GLU C 412 -20.98 -47.81 28.10
C GLU C 412 -22.19 -48.33 27.33
N ALA C 413 -22.47 -47.72 26.18
CA ALA C 413 -23.62 -48.11 25.38
C ALA C 413 -23.51 -49.51 24.79
N TYR C 414 -22.33 -49.88 24.32
CA TYR C 414 -22.15 -51.20 23.74
C TYR C 414 -22.07 -52.34 24.76
N THR C 415 -21.30 -52.17 25.82
CA THR C 415 -21.20 -53.24 26.80
C THR C 415 -22.52 -53.47 27.52
N LEU C 416 -23.20 -52.40 27.91
CA LEU C 416 -24.48 -52.53 28.61
C LEU C 416 -25.65 -53.01 27.75
N THR C 417 -25.42 -53.24 26.45
CA THR C 417 -26.47 -53.74 25.57
C THR C 417 -25.97 -54.98 24.83
N GLU C 418 -24.86 -55.52 25.33
CA GLU C 418 -24.27 -56.72 24.77
C GLU C 418 -24.06 -56.63 23.26
N GLY C 419 -23.76 -55.43 22.78
CA GLY C 419 -23.51 -55.21 21.37
C GLY C 419 -24.76 -55.09 20.52
N ARG C 420 -25.90 -54.85 21.14
CA ARG C 420 -27.16 -54.74 20.40
C ARG C 420 -27.55 -53.31 20.05
N CYS C 421 -27.09 -52.34 20.83
CA CYS C 421 -27.44 -50.95 20.54
C CYS C 421 -26.83 -50.43 19.26
N LEU C 422 -27.47 -49.39 18.73
CA LEU C 422 -27.02 -48.70 17.53
C LEU C 422 -26.77 -47.32 18.11
N PHE C 423 -25.48 -47.02 18.28
CA PHE C 423 -25.03 -45.81 18.93
C PHE C 423 -24.41 -44.73 18.06
N ALA C 424 -24.57 -43.49 18.49
CA ALA C 424 -23.97 -42.35 17.82
C ALA C 424 -23.79 -41.29 18.88
N SER C 425 -22.75 -40.47 18.75
CA SER C 425 -22.50 -39.42 19.72
C SER C 425 -22.04 -38.15 19.03
N GLY C 426 -22.14 -37.04 19.74
CA GLY C 426 -21.72 -35.75 19.19
C GLY C 426 -20.22 -35.58 19.19
N SER C 427 -19.57 -35.99 20.28
CA SER C 427 -18.12 -35.91 20.41
C SER C 427 -17.54 -37.28 20.03
N PRO C 428 -16.29 -37.31 19.54
CA PRO C 428 -15.66 -38.57 19.15
C PRO C 428 -15.28 -39.56 20.25
N PHE C 429 -15.45 -40.84 19.92
CA PHE C 429 -15.09 -41.98 20.78
C PHE C 429 -14.45 -42.98 19.85
N GLY C 430 -13.37 -43.62 20.29
CA GLY C 430 -12.72 -44.61 19.45
C GLY C 430 -13.45 -45.95 19.54
N PRO C 431 -13.01 -46.95 18.77
CA PRO C 431 -13.61 -48.29 18.74
C PRO C 431 -13.75 -48.93 20.11
N VAL C 432 -14.69 -49.85 20.21
CA VAL C 432 -14.94 -50.58 21.45
C VAL C 432 -14.85 -52.08 21.18
N LYS C 433 -14.04 -52.77 21.98
CA LYS C 433 -13.91 -54.21 21.84
C LYS C 433 -14.52 -54.82 23.09
N LEU C 434 -15.49 -55.71 22.89
CA LEU C 434 -16.14 -56.36 24.02
C LEU C 434 -15.29 -57.52 24.54
N THR C 435 -15.55 -57.94 25.77
CA THR C 435 -14.79 -59.05 26.36
C THR C 435 -14.88 -60.34 25.55
N ASP C 436 -15.62 -60.31 24.44
CA ASP C 436 -15.76 -61.50 23.60
C ASP C 436 -15.27 -61.31 22.16
N GLY C 437 -14.37 -60.34 21.97
CA GLY C 437 -13.80 -60.12 20.65
C GLY C 437 -14.55 -59.23 19.67
N ARG C 438 -15.81 -58.92 19.96
CA ARG C 438 -16.58 -58.09 19.05
C ARG C 438 -16.13 -56.63 19.11
N VAL C 439 -15.89 -56.07 17.93
CA VAL C 439 -15.45 -54.68 17.81
C VAL C 439 -16.55 -53.82 17.22
N PHE C 440 -16.88 -52.73 17.91
CA PHE C 440 -17.92 -51.82 17.43
C PHE C 440 -17.35 -50.42 17.27
N THR C 441 -17.35 -49.95 16.02
CA THR C 441 -16.84 -48.62 15.69
C THR C 441 -18.00 -47.62 15.67
N PRO C 442 -18.08 -46.77 16.70
CA PRO C 442 -19.14 -45.77 16.83
C PRO C 442 -19.07 -44.62 15.84
N GLY C 443 -20.24 -44.14 15.44
CA GLY C 443 -20.30 -43.03 14.51
C GLY C 443 -20.51 -41.73 15.25
N GLN C 444 -20.18 -40.61 14.61
CA GLN C 444 -20.32 -39.31 15.23
C GLN C 444 -21.52 -38.53 14.69
N GLY C 445 -22.58 -38.47 15.48
CA GLY C 445 -23.76 -37.74 15.09
C GLY C 445 -23.54 -36.27 15.39
N ASN C 446 -22.74 -35.64 14.54
CA ASN C 446 -22.41 -34.24 14.71
C ASN C 446 -22.74 -33.48 13.42
N ASN C 447 -23.29 -32.27 13.56
CA ASN C 447 -23.71 -31.47 12.42
C ASN C 447 -22.62 -31.07 11.43
N VAL C 448 -21.38 -31.45 11.72
CA VAL C 448 -20.29 -31.16 10.80
C VAL C 448 -20.46 -31.98 9.53
N TYR C 449 -21.23 -33.06 9.60
CA TYR C 449 -21.48 -33.89 8.43
C TYR C 449 -22.43 -33.20 7.45
N ILE C 450 -23.12 -32.16 7.92
CA ILE C 450 -24.11 -31.46 7.13
C ILE C 450 -23.80 -30.04 6.69
N PHE C 451 -23.56 -29.14 7.64
CA PHE C 451 -23.36 -27.75 7.27
C PHE C 451 -22.31 -27.42 6.20
N PRO C 452 -21.23 -28.22 6.08
CA PRO C 452 -20.28 -27.85 5.03
C PRO C 452 -20.87 -28.10 3.64
N GLY C 453 -21.39 -29.31 3.45
CA GLY C 453 -21.99 -29.66 2.18
C GLY C 453 -23.17 -28.77 1.83
N VAL C 454 -24.06 -28.55 2.78
CA VAL C 454 -25.22 -27.72 2.53
C VAL C 454 -24.75 -26.31 2.15
N ALA C 455 -23.85 -25.74 2.94
CA ALA C 455 -23.34 -24.39 2.67
C ALA C 455 -22.77 -24.27 1.25
N LEU C 456 -21.97 -25.24 0.82
CA LEU C 456 -21.39 -25.18 -0.51
C LEU C 456 -22.48 -25.13 -1.57
N ALA C 457 -23.46 -26.03 -1.47
CA ALA C 457 -24.55 -26.07 -2.44
C ALA C 457 -25.26 -24.73 -2.55
N VAL C 458 -25.72 -24.22 -1.41
CA VAL C 458 -26.43 -22.94 -1.36
C VAL C 458 -25.63 -21.77 -1.92
N ILE C 459 -24.34 -21.71 -1.63
CA ILE C 459 -23.52 -20.62 -2.14
C ILE C 459 -23.39 -20.71 -3.67
N LEU C 460 -23.09 -21.90 -4.16
CA LEU C 460 -22.90 -22.13 -5.60
C LEU C 460 -24.14 -21.91 -6.44
N CYS C 461 -25.31 -22.15 -5.87
CA CYS C 461 -26.56 -21.99 -6.59
C CYS C 461 -27.16 -20.60 -6.47
N ASN C 462 -26.52 -19.72 -5.69
CA ASN C 462 -27.05 -18.39 -5.49
C ASN C 462 -28.45 -18.50 -4.87
N THR C 463 -28.61 -19.43 -3.93
CA THR C 463 -29.90 -19.62 -3.28
C THR C 463 -30.23 -18.40 -2.43
N ARG C 464 -31.51 -18.05 -2.36
CA ARG C 464 -31.94 -16.88 -1.61
C ARG C 464 -32.49 -17.25 -0.25
N HIS C 465 -33.09 -18.44 -0.15
CA HIS C 465 -33.63 -18.88 1.13
C HIS C 465 -33.45 -20.37 1.30
N ILE C 466 -33.44 -20.81 2.55
CA ILE C 466 -33.26 -22.22 2.84
C ILE C 466 -34.46 -22.73 3.62
N SER C 467 -35.18 -23.67 3.02
CA SER C 467 -36.36 -24.27 3.64
C SER C 467 -35.95 -25.53 4.38
N ASP C 468 -36.76 -25.96 5.33
CA ASP C 468 -36.42 -27.15 6.09
C ASP C 468 -36.23 -28.35 5.16
N SER C 469 -36.83 -28.29 3.98
CA SER C 469 -36.74 -29.36 3.00
C SER C 469 -35.32 -29.65 2.53
N VAL C 470 -34.46 -28.64 2.58
CA VAL C 470 -33.09 -28.83 2.14
C VAL C 470 -32.36 -29.77 3.09
N PHE C 471 -32.61 -29.61 4.38
CA PHE C 471 -31.97 -30.41 5.39
C PHE C 471 -32.44 -31.87 5.31
N LEU C 472 -33.70 -32.04 4.93
CA LEU C 472 -34.25 -33.37 4.79
C LEU C 472 -33.50 -34.03 3.64
N GLU C 473 -33.34 -33.29 2.54
CA GLU C 473 -32.65 -33.85 1.38
C GLU C 473 -31.20 -34.09 1.73
N ALA C 474 -30.66 -33.27 2.64
CA ALA C 474 -29.28 -33.44 3.04
C ALA C 474 -29.18 -34.73 3.85
N ALA C 475 -30.16 -34.97 4.73
CA ALA C 475 -30.18 -36.16 5.57
C ALA C 475 -30.07 -37.39 4.68
N LYS C 476 -30.97 -37.47 3.71
CA LYS C 476 -30.98 -38.59 2.78
C LYS C 476 -29.68 -38.70 1.99
N ALA C 477 -29.07 -37.56 1.67
CA ALA C 477 -27.81 -37.57 0.91
C ALA C 477 -26.64 -38.11 1.73
N LEU C 478 -26.69 -37.91 3.04
CA LEU C 478 -25.61 -38.36 3.91
C LEU C 478 -25.68 -39.88 4.09
N THR C 479 -26.81 -40.35 4.61
CA THR C 479 -27.00 -41.77 4.84
C THR C 479 -27.04 -42.58 3.56
N SER C 480 -27.33 -41.93 2.44
CA SER C 480 -27.38 -42.65 1.18
C SER C 480 -25.97 -43.05 0.76
N GLN C 481 -24.97 -42.48 1.41
CA GLN C 481 -23.59 -42.79 1.09
C GLN C 481 -23.02 -43.96 1.89
N LEU C 482 -23.75 -44.40 2.89
CA LEU C 482 -23.31 -45.52 3.72
C LEU C 482 -23.33 -46.84 2.96
N THR C 483 -22.20 -47.53 2.96
CA THR C 483 -22.11 -48.82 2.29
C THR C 483 -22.54 -49.86 3.33
N ASP C 484 -22.84 -51.07 2.88
CA ASP C 484 -23.27 -52.11 3.80
C ASP C 484 -22.14 -52.58 4.73
N GLU C 485 -20.91 -52.58 4.22
CA GLU C 485 -19.78 -53.01 5.03
C GLU C 485 -19.55 -52.10 6.22
N GLU C 486 -19.78 -50.80 6.04
CA GLU C 486 -19.59 -49.83 7.11
C GLU C 486 -20.75 -49.92 8.08
N LEU C 487 -21.85 -50.48 7.61
CA LEU C 487 -23.05 -50.65 8.43
C LEU C 487 -22.76 -51.76 9.43
N ALA C 488 -22.10 -52.83 8.95
CA ALA C 488 -21.74 -53.97 9.77
C ALA C 488 -20.89 -53.56 10.97
N GLN C 489 -19.95 -52.64 10.74
CA GLN C 489 -19.06 -52.17 11.81
C GLN C 489 -19.85 -51.53 12.95
N GLY C 490 -21.02 -51.00 12.61
CA GLY C 490 -21.85 -50.34 13.61
C GLY C 490 -21.88 -48.86 13.29
N ARG C 491 -21.43 -48.53 12.09
CA ARG C 491 -21.40 -47.15 11.62
C ARG C 491 -22.73 -46.70 11.07
N LEU C 492 -23.27 -45.64 11.64
CA LEU C 492 -24.53 -45.10 11.19
C LEU C 492 -24.21 -43.90 10.31
N TYR C 493 -22.92 -43.67 10.05
CA TYR C 493 -22.47 -42.56 9.23
C TYR C 493 -21.21 -42.94 8.47
N PRO C 494 -20.95 -42.28 7.33
CA PRO C 494 -19.76 -42.58 6.54
C PRO C 494 -18.57 -42.25 7.43
N PRO C 495 -17.42 -42.91 7.21
CA PRO C 495 -16.22 -42.66 8.03
C PRO C 495 -15.84 -41.18 8.04
N LEU C 496 -15.36 -40.71 9.18
CA LEU C 496 -14.99 -39.31 9.31
C LEU C 496 -13.80 -39.00 8.40
N ALA C 497 -13.01 -40.02 8.11
CA ALA C 497 -11.84 -39.87 7.26
C ALA C 497 -12.22 -39.46 5.83
N ASN C 498 -13.47 -39.71 5.45
CA ASN C 498 -13.97 -39.39 4.12
C ASN C 498 -14.84 -38.13 4.09
N ILE C 499 -14.93 -37.45 5.23
CA ILE C 499 -15.74 -36.24 5.37
C ILE C 499 -15.70 -35.24 4.20
N GLN C 500 -14.58 -35.16 3.49
CA GLN C 500 -14.46 -34.24 2.36
C GLN C 500 -15.26 -34.70 1.13
N GLU C 501 -15.06 -35.94 0.71
CA GLU C 501 -15.79 -36.48 -0.44
C GLU C 501 -17.28 -36.60 -0.09
N VAL C 502 -17.56 -36.92 1.16
CA VAL C 502 -18.93 -37.04 1.62
C VAL C 502 -19.66 -35.70 1.56
N SER C 503 -18.94 -34.62 1.90
CA SER C 503 -19.51 -33.27 1.87
C SER C 503 -19.77 -32.82 0.44
N ILE C 504 -18.80 -33.04 -0.44
CA ILE C 504 -18.95 -32.68 -1.83
C ILE C 504 -20.22 -33.38 -2.35
N ASN C 505 -20.30 -34.70 -2.16
CA ASN C 505 -21.45 -35.46 -2.61
C ASN C 505 -22.78 -34.91 -2.11
N ILE C 506 -22.78 -34.43 -0.86
CA ILE C 506 -23.98 -33.86 -0.30
C ILE C 506 -24.28 -32.55 -1.01
N ALA C 507 -23.22 -31.81 -1.33
CA ALA C 507 -23.35 -30.53 -2.04
C ALA C 507 -23.97 -30.78 -3.42
N ILE C 508 -23.44 -31.78 -4.12
CA ILE C 508 -23.97 -32.10 -5.43
C ILE C 508 -25.47 -32.41 -5.32
N LYS C 509 -25.84 -33.34 -4.43
CA LYS C 509 -27.23 -33.70 -4.24
C LYS C 509 -28.15 -32.53 -3.87
N VAL C 510 -27.64 -31.61 -3.05
CA VAL C 510 -28.49 -30.49 -2.66
C VAL C 510 -28.60 -29.49 -3.79
N THR C 511 -27.56 -29.38 -4.62
CA THR C 511 -27.65 -28.45 -5.73
C THR C 511 -28.66 -29.00 -6.74
N GLU C 512 -28.68 -30.31 -6.90
CA GLU C 512 -29.63 -30.91 -7.84
C GLU C 512 -31.04 -30.65 -7.32
N TYR C 513 -31.19 -30.72 -6.01
CA TYR C 513 -32.49 -30.48 -5.36
C TYR C 513 -32.93 -29.01 -5.48
N LEU C 514 -32.02 -28.08 -5.21
CA LEU C 514 -32.36 -26.65 -5.30
C LEU C 514 -32.80 -26.23 -6.71
N TYR C 515 -32.09 -26.70 -7.73
CA TYR C 515 -32.44 -26.38 -9.11
C TYR C 515 -33.79 -26.98 -9.49
N ALA C 516 -33.97 -28.27 -9.21
CA ALA C 516 -35.20 -28.97 -9.52
C ALA C 516 -36.43 -28.40 -8.82
N ASN C 517 -36.21 -27.54 -7.82
CA ASN C 517 -37.32 -26.93 -7.09
C ASN C 517 -37.34 -25.42 -7.22
N LYS C 518 -36.65 -24.92 -8.23
CA LYS C 518 -36.59 -23.48 -8.48
C LYS C 518 -36.12 -22.70 -7.26
N ALA C 520 -32.56 -22.30 -7.04
CA ALA C 520 -31.24 -21.88 -7.50
C ALA C 520 -31.42 -20.78 -8.53
N PHE C 521 -30.48 -19.84 -8.55
CA PHE C 521 -30.56 -18.73 -9.49
C PHE C 521 -29.27 -18.48 -10.24
N ARG C 522 -28.33 -19.41 -10.13
CA ARG C 522 -27.07 -19.27 -10.81
C ARG C 522 -27.27 -19.71 -12.26
N TYR C 523 -27.41 -18.77 -13.18
CA TYR C 523 -27.61 -19.10 -14.59
C TYR C 523 -26.28 -19.02 -15.31
N PRO C 524 -26.06 -19.87 -16.32
CA PRO C 524 -27.03 -20.87 -16.79
C PRO C 524 -27.00 -22.08 -15.86
N GLU C 525 -28.04 -22.88 -15.91
CA GLU C 525 -28.11 -24.08 -15.06
C GLU C 525 -27.05 -25.06 -15.54
N PRO C 526 -26.14 -25.46 -14.65
CA PRO C 526 -25.11 -26.41 -15.08
C PRO C 526 -25.74 -27.73 -15.54
N GLU C 527 -25.22 -28.27 -16.63
CA GLU C 527 -25.73 -29.51 -17.19
C GLU C 527 -25.34 -30.67 -16.27
N ASP C 528 -24.07 -30.69 -15.85
CA ASP C 528 -23.56 -31.73 -14.96
C ASP C 528 -23.23 -31.16 -13.57
N LYS C 529 -24.22 -31.22 -12.67
CA LYS C 529 -24.04 -30.72 -11.31
C LYS C 529 -22.81 -31.26 -10.60
N ALA C 530 -22.50 -32.53 -10.85
CA ALA C 530 -21.34 -33.14 -10.23
C ALA C 530 -20.05 -32.45 -10.68
N LYS C 531 -19.87 -32.33 -11.99
CA LYS C 531 -18.69 -31.70 -12.57
C LYS C 531 -18.63 -30.22 -12.20
N TYR C 532 -19.80 -29.62 -12.03
CA TYR C 532 -19.92 -28.22 -11.68
C TYR C 532 -19.34 -27.94 -10.30
N VAL C 533 -19.80 -28.69 -9.30
CA VAL C 533 -19.35 -28.55 -7.92
C VAL C 533 -17.88 -28.85 -7.74
N LYS C 534 -17.46 -30.03 -8.17
CA LYS C 534 -16.07 -30.44 -8.03
C LYS C 534 -15.11 -29.43 -8.65
N GLU C 535 -15.56 -28.81 -9.72
CA GLU C 535 -14.78 -27.83 -10.46
C GLU C 535 -14.55 -26.54 -9.66
N ARG C 536 -15.44 -26.24 -8.73
CA ARG C 536 -15.33 -25.02 -7.96
C ARG C 536 -14.83 -25.11 -6.52
N THR C 537 -14.24 -26.24 -6.13
CA THR C 537 -13.76 -26.37 -4.78
C THR C 537 -12.35 -25.80 -4.63
N TRP C 538 -12.12 -25.08 -3.54
CA TRP C 538 -10.82 -24.49 -3.27
C TRP C 538 -9.82 -25.57 -2.94
N ARG C 539 -8.60 -25.43 -3.43
CA ARG C 539 -7.57 -26.43 -3.16
C ARG C 539 -6.42 -25.85 -2.32
N SER C 540 -5.80 -26.70 -1.51
CA SER C 540 -4.69 -26.26 -0.66
C SER C 540 -3.33 -26.26 -1.36
N GLU C 541 -3.26 -26.71 -2.61
CA GLU C 541 -1.98 -26.71 -3.33
C GLU C 541 -1.61 -25.26 -3.62
N TYR C 542 -0.32 -24.94 -3.45
CA TYR C 542 0.17 -23.59 -3.69
C TYR C 542 -0.07 -23.15 -5.15
N ASP C 543 -0.56 -21.92 -5.31
CA ASP C 543 -0.78 -21.35 -6.65
C ASP C 543 0.45 -20.56 -7.05
N SER C 544 0.77 -20.55 -8.34
CA SER C 544 1.93 -19.79 -8.82
C SER C 544 1.59 -18.31 -8.73
N LEU C 545 2.50 -17.51 -8.18
CA LEU C 545 2.26 -16.08 -8.04
C LEU C 545 3.03 -15.25 -9.06
N LEU C 546 3.53 -15.90 -10.09
CA LEU C 546 4.29 -15.20 -11.12
C LEU C 546 3.42 -14.38 -12.06
N PRO C 547 3.91 -13.19 -12.45
CA PRO C 547 3.16 -12.33 -13.36
C PRO C 547 3.15 -12.99 -14.74
N ASP C 548 2.14 -12.67 -15.54
CA ASP C 548 2.01 -13.23 -16.88
C ASP C 548 3.00 -12.62 -17.89
N VAL C 549 4.18 -13.21 -18.00
CA VAL C 549 5.23 -12.75 -18.91
C VAL C 549 5.16 -13.55 -20.21
N TYR C 550 5.28 -12.87 -21.35
CA TYR C 550 5.24 -13.54 -22.64
C TYR C 550 5.75 -12.67 -23.79
N GLU C 551 6.20 -13.32 -24.85
CA GLU C 551 6.74 -12.65 -26.02
C GLU C 551 5.68 -12.21 -27.04
N TRP C 552 5.83 -10.98 -27.51
CA TRP C 552 4.95 -10.37 -28.49
C TRP C 552 5.46 -10.64 -29.90
N PRO C 553 4.54 -10.94 -30.84
CA PRO C 553 4.90 -11.21 -32.24
C PRO C 553 5.25 -9.92 -32.98
N ILE D 1 3.57 6.62 10.92
CA ILE D 1 2.74 5.50 10.48
C ILE D 1 2.00 5.83 9.19
N LYS D 2 2.47 5.28 8.07
CA LYS D 2 1.85 5.52 6.77
C LYS D 2 0.68 4.57 6.54
N GLU D 3 0.81 3.35 7.05
CA GLU D 3 -0.19 2.32 6.89
C GLU D 3 -1.38 2.44 7.83
N LYS D 4 -2.53 1.91 7.40
CA LYS D 4 -3.74 1.92 8.21
C LYS D 4 -4.53 0.63 7.94
N GLY D 5 -5.44 0.29 8.84
CA GLY D 5 -6.23 -0.92 8.66
C GLY D 5 -5.50 -2.20 9.05
N LYS D 6 -5.97 -3.33 8.54
CA LYS D 6 -5.38 -4.62 8.83
C LYS D 6 -3.86 -4.64 8.82
N PRO D 7 -3.23 -4.00 7.83
CA PRO D 7 -1.77 -4.00 7.80
C PRO D 7 -1.09 -3.57 9.10
N LEU D 8 -1.77 -2.77 9.90
CA LEU D 8 -1.18 -2.32 11.17
C LEU D 8 -1.15 -3.46 12.20
N LEU D 10 -0.84 -6.73 11.27
CA LEU D 10 0.02 -7.79 10.74
C LEU D 10 1.50 -7.46 10.92
N ASN D 11 1.81 -6.19 11.12
CA ASN D 11 3.19 -5.76 11.30
C ASN D 11 3.54 -5.73 12.79
N PRO D 12 4.42 -6.63 13.24
CA PRO D 12 4.80 -6.64 14.65
C PRO D 12 5.36 -5.32 15.15
N ARG D 13 5.93 -4.53 14.23
CA ARG D 13 6.49 -3.25 14.59
C ARG D 13 5.38 -2.36 15.14
N THR D 14 4.19 -2.44 14.55
CA THR D 14 3.07 -1.60 14.99
C THR D 14 1.94 -2.28 15.76
N ASN D 15 1.81 -3.61 15.65
CA ASN D 15 0.72 -4.29 16.32
C ASN D 15 0.68 -4.15 17.83
N LYS D 16 -0.45 -3.68 18.35
CA LYS D 16 -0.63 -3.50 19.79
C LYS D 16 -1.61 -4.52 20.37
N GLY D 17 -2.24 -5.32 19.51
CA GLY D 17 -3.21 -6.27 20.02
C GLY D 17 -4.35 -5.48 20.63
N ALA D 19 -4.36 -3.64 22.91
CA ALA D 19 -3.87 -2.44 23.56
C ALA D 19 -4.25 -1.20 22.76
N PHE D 20 -4.54 -1.37 21.46
CA PHE D 20 -4.95 -0.21 20.66
C PHE D 20 -6.11 0.43 21.37
N THR D 21 -6.08 1.75 21.50
CA THR D 21 -7.16 2.45 22.18
C THR D 21 -8.39 2.45 21.30
N LEU D 22 -9.54 2.74 21.91
CA LEU D 22 -10.78 2.80 21.15
C LEU D 22 -10.67 3.88 20.07
N GLN D 23 -10.06 5.00 20.43
CA GLN D 23 -9.92 6.09 19.49
C GLN D 23 -9.06 5.69 18.30
N GLU D 24 -7.91 5.06 18.58
CA GLU D 24 -7.02 4.62 17.51
C GLU D 24 -7.72 3.64 16.57
N ARG D 25 -8.51 2.74 17.15
CA ARG D 25 -9.20 1.72 16.37
C ARG D 25 -10.17 2.34 15.38
N GLN D 26 -10.93 3.31 15.84
CA GLN D 26 -11.90 3.98 14.99
C GLN D 26 -11.20 4.83 13.93
N LEU D 28 -8.00 4.48 12.82
CA LEU D 28 -7.09 3.72 11.96
C LEU D 28 -7.77 2.57 11.22
N GLY D 29 -9.08 2.42 11.39
CA GLY D 29 -9.82 1.38 10.71
C GLY D 29 -9.64 -0.02 11.28
N LEU D 30 -9.68 -0.14 12.61
CA LEU D 30 -9.52 -1.42 13.26
C LEU D 30 -10.75 -1.83 14.05
N GLN D 31 -11.70 -0.92 14.18
CA GLN D 31 -12.92 -1.21 14.92
C GLN D 31 -13.56 -2.49 14.37
N GLY D 32 -13.86 -3.43 15.26
CA GLY D 32 -14.47 -4.69 14.83
C GLY D 32 -13.45 -5.76 14.51
N LEU D 33 -12.23 -5.38 14.20
CA LEU D 33 -11.18 -6.35 13.89
C LEU D 33 -10.51 -6.83 15.17
N LEU D 34 -10.89 -6.24 16.29
CA LEU D 34 -10.35 -6.59 17.59
C LEU D 34 -11.49 -6.77 18.57
N PRO D 35 -11.31 -7.64 19.57
CA PRO D 35 -12.35 -7.87 20.58
C PRO D 35 -12.61 -6.52 21.22
N PRO D 36 -13.87 -6.26 21.64
CA PRO D 36 -14.29 -5.01 22.28
C PRO D 36 -13.41 -4.56 23.43
N LYS D 37 -12.86 -5.52 24.16
CA LYS D 37 -11.98 -5.28 25.31
C LYS D 37 -10.73 -4.46 24.99
N ILE D 38 -10.49 -3.41 25.78
CA ILE D 38 -9.30 -2.58 25.64
C ILE D 38 -8.33 -3.07 26.73
N GLU D 39 -7.13 -3.52 26.37
CA GLU D 39 -6.19 -4.00 27.37
C GLU D 39 -5.01 -3.05 27.57
N THR D 40 -4.27 -3.22 28.66
CA THR D 40 -3.08 -2.42 28.92
C THR D 40 -1.92 -3.35 28.62
N GLN D 41 -0.72 -2.82 28.56
CA GLN D 41 0.43 -3.67 28.29
C GLN D 41 0.64 -4.57 29.50
N ASP D 42 0.29 -4.05 30.67
CA ASP D 42 0.45 -4.79 31.92
C ASP D 42 -0.34 -6.10 31.89
N ILE D 43 -1.55 -6.05 31.36
CA ILE D 43 -2.40 -7.23 31.27
C ILE D 43 -1.76 -8.25 30.32
N GLN D 44 -1.29 -7.76 29.17
CA GLN D 44 -0.66 -8.60 28.18
C GLN D 44 0.57 -9.31 28.73
N ALA D 45 1.37 -8.57 29.50
CA ALA D 45 2.58 -9.12 30.08
C ALA D 45 2.24 -10.25 31.04
N LEU D 46 1.12 -10.10 31.74
CA LEU D 46 0.66 -11.09 32.69
C LEU D 46 0.21 -12.36 31.95
N ARG D 47 -0.45 -12.21 30.81
CA ARG D 47 -0.88 -13.37 30.05
C ARG D 47 0.37 -14.15 29.66
N PHE D 48 1.40 -13.43 29.22
CA PHE D 48 2.64 -14.09 28.83
C PHE D 48 3.23 -14.93 29.96
N HIS D 49 3.44 -14.32 31.13
CA HIS D 49 4.04 -15.05 32.24
C HIS D 49 3.20 -16.24 32.72
N ARG D 50 1.88 -16.13 32.65
CA ARG D 50 1.02 -17.26 33.06
C ARG D 50 1.31 -18.43 32.14
N ASN D 51 1.32 -18.17 30.83
CA ASN D 51 1.59 -19.22 29.85
C ASN D 51 3.02 -19.74 29.95
N LEU D 52 3.95 -18.86 30.24
CA LEU D 52 5.34 -19.27 30.33
C LEU D 52 5.54 -20.23 31.51
N LYS D 53 4.88 -19.94 32.63
CA LYS D 53 4.99 -20.77 33.83
C LYS D 53 4.56 -22.21 33.62
N LYS D 54 3.59 -22.42 32.75
CA LYS D 54 3.09 -23.74 32.47
C LYS D 54 4.07 -24.58 31.65
N THR D 56 7.35 -26.42 30.11
CA THR D 56 8.41 -27.19 30.74
C THR D 56 9.81 -27.00 30.20
N SER D 57 10.06 -27.38 28.95
CA SER D 57 11.40 -27.24 28.38
C SER D 57 11.79 -25.80 28.05
N PRO D 58 13.10 -25.54 27.89
CA PRO D 58 13.61 -24.21 27.56
C PRO D 58 13.39 -23.85 26.07
N LEU D 59 13.42 -24.87 25.22
CA LEU D 59 13.23 -24.67 23.79
C LEU D 59 11.80 -24.31 23.48
N GLU D 60 10.86 -24.92 24.19
CA GLU D 60 9.45 -24.63 24.01
C GLU D 60 9.27 -23.13 24.32
N LYS D 61 9.85 -22.70 25.44
CA LYS D 61 9.79 -21.30 25.86
C LYS D 61 10.43 -20.36 24.85
N TYR D 62 11.56 -20.78 24.28
CA TYR D 62 12.23 -19.98 23.27
C TYR D 62 11.29 -19.75 22.08
N ILE D 63 10.71 -20.84 21.59
CA ILE D 63 9.80 -20.80 20.44
C ILE D 63 8.63 -19.85 20.69
N TYR D 64 8.13 -19.87 21.92
CA TYR D 64 7.00 -19.04 22.30
C TYR D 64 7.31 -17.56 22.39
N ILE D 65 8.41 -17.19 23.03
CA ILE D 65 8.70 -15.78 23.16
C ILE D 65 9.26 -15.19 21.88
N GLY D 67 8.34 -15.96 19.12
CA GLY D 67 7.18 -15.84 18.24
C GLY D 67 6.53 -14.50 18.50
N ILE D 68 6.56 -14.06 19.75
CA ILE D 68 5.97 -12.78 20.14
C ILE D 68 6.69 -11.61 19.45
N GLN D 69 7.98 -11.78 19.18
CA GLN D 69 8.74 -10.74 18.51
C GLN D 69 8.21 -10.57 17.09
N GLU D 70 7.59 -11.62 16.56
CA GLU D 70 7.02 -11.59 15.22
C GLU D 70 5.52 -11.28 15.27
N ARG D 71 5.01 -10.94 16.45
CA ARG D 71 3.60 -10.62 16.61
C ARG D 71 3.37 -9.22 17.21
N ASN D 72 4.12 -8.91 18.27
CA ASN D 72 4.00 -7.61 18.93
C ASN D 72 5.38 -7.23 19.49
N GLU D 73 6.15 -6.53 18.68
CA GLU D 73 7.51 -6.13 19.05
C GLU D 73 7.61 -5.43 20.41
N LYS D 74 6.75 -4.44 20.65
CA LYS D 74 6.76 -3.73 21.92
C LYS D 74 6.55 -4.67 23.11
N LEU D 75 5.56 -5.56 23.01
CA LEU D 75 5.30 -6.50 24.10
C LEU D 75 6.51 -7.39 24.33
N PHE D 76 7.15 -7.76 23.22
CA PHE D 76 8.32 -8.63 23.25
C PHE D 76 9.41 -8.06 24.17
N TYR D 77 9.79 -6.82 23.94
CA TYR D 77 10.81 -6.20 24.76
C TYR D 77 10.33 -5.86 26.17
N ARG D 78 9.02 -5.71 26.34
CA ARG D 78 8.47 -5.42 27.65
C ARG D 78 8.63 -6.71 28.45
N ILE D 79 8.37 -7.82 27.78
CA ILE D 79 8.48 -9.13 28.39
C ILE D 79 9.92 -9.41 28.81
N LEU D 80 10.86 -9.15 27.91
CA LEU D 80 12.26 -9.36 28.23
C LEU D 80 12.65 -8.45 29.40
N GLN D 81 12.17 -7.21 29.36
CA GLN D 81 12.46 -6.23 30.40
C GLN D 81 11.84 -6.61 31.75
N ASP D 82 10.69 -7.26 31.72
CA ASP D 82 10.05 -7.67 32.97
C ASP D 82 10.98 -8.56 33.80
N ASP D 83 11.88 -9.26 33.13
CA ASP D 83 12.84 -10.11 33.83
C ASP D 83 13.90 -10.67 32.88
N ILE D 84 14.83 -9.81 32.50
CA ILE D 84 15.89 -10.17 31.58
C ILE D 84 16.74 -11.32 32.10
N GLU D 85 16.88 -11.40 33.43
CA GLU D 85 17.69 -12.45 34.03
C GLU D 85 17.20 -13.88 33.84
N SER D 86 15.92 -14.14 34.09
CA SER D 86 15.45 -15.52 33.91
C SER D 86 15.20 -15.87 32.44
N LEU D 87 14.98 -14.88 31.58
CA LEU D 87 14.73 -15.14 30.17
C LEU D 87 16.00 -15.15 29.34
N PRO D 89 18.78 -16.89 29.65
CA PRO D 89 19.21 -18.26 29.34
C PRO D 89 18.33 -18.90 28.27
N ILE D 90 17.22 -18.25 27.96
CA ILE D 90 16.27 -18.75 26.99
C ILE D 90 16.43 -18.12 25.63
N VAL D 91 16.50 -16.80 25.57
CA VAL D 91 16.64 -16.10 24.30
C VAL D 91 18.09 -15.99 23.82
N TYR D 92 19.02 -16.27 24.72
CA TYR D 92 20.45 -16.20 24.43
C TYR D 92 21.13 -17.52 24.86
N THR D 93 22.37 -17.46 25.33
CA THR D 93 23.06 -18.68 25.76
C THR D 93 22.45 -19.24 27.05
N PRO D 94 22.31 -20.56 27.14
CA PRO D 94 22.71 -21.57 26.14
C PRO D 94 21.60 -22.01 25.17
N THR D 95 20.35 -21.75 25.51
CA THR D 95 19.25 -22.18 24.65
C THR D 95 19.33 -21.73 23.19
N VAL D 96 19.80 -20.52 22.94
CA VAL D 96 19.87 -20.06 21.55
C VAL D 96 20.78 -21.02 20.78
N GLY D 97 21.66 -21.70 21.49
CA GLY D 97 22.55 -22.66 20.85
C GLY D 97 21.73 -23.88 20.46
N LEU D 98 20.85 -24.29 21.36
CA LEU D 98 19.98 -25.43 21.10
C LEU D 98 19.08 -25.12 19.89
N ALA D 99 18.53 -23.91 19.86
CA ALA D 99 17.67 -23.49 18.75
C ALA D 99 18.38 -23.46 17.41
N CYS D 100 19.66 -23.09 17.39
CA CYS D 100 20.37 -23.06 16.11
C CYS D 100 20.51 -24.44 15.51
N SER D 101 20.84 -25.42 16.34
CA SER D 101 21.02 -26.78 15.86
C SER D 101 19.70 -27.41 15.43
N GLN D 102 18.58 -26.83 15.87
CA GLN D 102 17.24 -27.33 15.55
C GLN D 102 16.51 -26.28 14.69
N TYR D 103 17.22 -25.23 14.31
CA TYR D 103 16.59 -24.14 13.56
C TYR D 103 15.58 -24.56 12.49
N GLY D 104 15.93 -25.52 11.65
CA GLY D 104 15.03 -25.98 10.61
C GLY D 104 13.80 -26.74 11.09
N HIS D 105 13.89 -27.30 12.29
CA HIS D 105 12.77 -28.04 12.85
C HIS D 105 11.71 -27.14 13.47
N ILE D 106 12.13 -25.98 13.99
CA ILE D 106 11.22 -25.06 14.66
C ILE D 106 10.88 -23.82 13.85
N PHE D 107 11.40 -23.77 12.63
CA PHE D 107 11.14 -22.64 11.76
C PHE D 107 9.65 -22.38 11.58
N ARG D 108 9.27 -21.11 11.67
CA ARG D 108 7.90 -20.70 11.47
C ARG D 108 7.93 -19.51 10.51
N ARG D 109 8.72 -18.50 10.87
CA ARG D 109 8.89 -17.30 10.07
C ARG D 109 10.37 -16.97 10.02
N PRO D 110 10.83 -16.40 8.90
CA PRO D 110 12.24 -16.04 8.77
C PRO D 110 12.47 -14.71 9.49
N LYS D 111 13.71 -14.45 9.86
CA LYS D 111 14.06 -13.21 10.52
C LYS D 111 15.43 -12.90 9.96
N GLY D 112 15.66 -11.64 9.63
CA GLY D 112 16.96 -11.27 9.10
C GLY D 112 17.09 -11.40 7.61
N LEU D 113 18.25 -11.00 7.11
CA LEU D 113 18.58 -11.02 5.70
C LEU D 113 19.50 -12.22 5.43
N PHE D 114 19.25 -12.94 4.33
CA PHE D 114 20.06 -14.10 3.97
C PHE D 114 20.77 -13.85 2.64
N ILE D 115 22.09 -13.92 2.64
CA ILE D 115 22.85 -13.69 1.41
C ILE D 115 23.70 -14.91 1.07
N SER D 116 23.47 -15.52 -0.09
CA SER D 116 24.24 -16.71 -0.46
C SER D 116 25.18 -16.45 -1.63
N ILE D 117 26.18 -17.31 -1.75
CA ILE D 117 27.16 -17.20 -2.83
C ILE D 117 26.47 -17.18 -4.20
N SER D 118 25.34 -17.89 -4.31
CA SER D 118 24.60 -17.92 -5.56
C SER D 118 24.11 -16.53 -5.95
N ASP D 119 24.15 -15.61 -4.99
CA ASP D 119 23.70 -14.25 -5.23
C ASP D 119 24.86 -13.31 -5.54
N ARG D 120 26.05 -13.86 -5.74
CA ARG D 120 27.21 -13.01 -6.02
C ARG D 120 26.91 -12.10 -7.19
N GLY D 121 27.19 -10.82 -7.03
CA GLY D 121 26.93 -9.87 -8.10
C GLY D 121 25.55 -9.24 -8.02
N HIS D 122 24.73 -9.68 -7.07
CA HIS D 122 23.38 -9.15 -6.91
C HIS D 122 23.08 -8.81 -5.46
N VAL D 123 24.10 -8.86 -4.61
CA VAL D 123 23.93 -8.57 -3.19
C VAL D 123 23.19 -7.27 -2.91
N ARG D 124 23.38 -6.27 -3.78
CA ARG D 124 22.71 -5.00 -3.56
C ARG D 124 21.19 -5.08 -3.65
N SER D 125 20.66 -5.73 -4.68
CA SER D 125 19.22 -5.83 -4.83
C SER D 125 18.62 -6.60 -3.65
N ILE D 126 19.44 -7.42 -2.99
CA ILE D 126 18.97 -8.15 -1.83
C ILE D 126 18.90 -7.17 -0.66
N VAL D 127 19.95 -6.36 -0.50
CA VAL D 127 19.98 -5.37 0.57
C VAL D 127 18.85 -4.35 0.39
N ASP D 128 18.42 -4.14 -0.85
CA ASP D 128 17.34 -3.20 -1.10
C ASP D 128 16.00 -3.81 -0.77
N ASN D 129 15.95 -5.12 -0.61
CA ASN D 129 14.69 -5.78 -0.29
C ASN D 129 14.34 -5.66 1.19
N TRP D 130 15.31 -5.29 2.02
CA TRP D 130 15.01 -5.14 3.44
C TRP D 130 14.09 -3.92 3.59
N PRO D 131 12.92 -4.12 4.22
CA PRO D 131 11.89 -3.10 4.46
C PRO D 131 12.32 -1.80 5.12
N GLU D 132 13.12 -1.90 6.18
CA GLU D 132 13.56 -0.70 6.92
C GLU D 132 14.63 0.08 6.17
N ASN D 133 14.51 1.40 6.14
CA ASN D 133 15.49 2.19 5.42
C ASN D 133 16.46 3.05 6.21
N HIS D 134 16.56 2.82 7.51
CA HIS D 134 17.51 3.58 8.30
C HIS D 134 18.26 2.68 9.26
N VAL D 135 18.90 1.67 8.73
CA VAL D 135 19.66 0.72 9.53
C VAL D 135 20.88 1.38 10.15
N LYS D 136 21.11 1.12 11.43
CA LYS D 136 22.24 1.69 12.15
C LYS D 136 23.12 0.62 12.75
N ALA D 137 22.64 -0.63 12.76
CA ALA D 137 23.42 -1.72 13.33
C ALA D 137 23.11 -3.07 12.68
N VAL D 138 24.18 -3.72 12.25
CA VAL D 138 24.11 -5.03 11.63
C VAL D 138 24.93 -6.00 12.48
N VAL D 139 24.58 -7.27 12.43
CA VAL D 139 25.30 -8.32 13.13
C VAL D 139 25.25 -9.44 12.11
N VAL D 140 26.41 -9.77 11.57
CA VAL D 140 26.54 -10.76 10.52
C VAL D 140 27.35 -12.01 10.91
N THR D 141 26.98 -13.13 10.30
CA THR D 141 27.66 -14.40 10.54
C THR D 141 27.61 -15.22 9.27
N ASP D 142 28.53 -16.19 9.15
CA ASP D 142 28.52 -17.09 8.01
C ASP D 142 28.24 -18.49 8.52
N GLY D 143 27.98 -18.60 9.82
CA GLY D 143 27.65 -19.86 10.44
C GLY D 143 28.73 -20.90 10.57
N GLU D 144 30.00 -20.52 10.48
CA GLU D 144 31.09 -21.47 10.59
C GLU D 144 31.54 -21.84 12.01
N ARG D 145 31.38 -20.93 12.97
CA ARG D 145 31.78 -21.19 14.34
C ARG D 145 30.70 -20.75 15.33
N ILE D 146 29.54 -21.38 15.27
CA ILE D 146 28.45 -21.03 16.17
C ILE D 146 28.73 -21.53 17.59
N LEU D 147 28.91 -20.60 18.52
CA LEU D 147 29.23 -20.93 19.91
C LEU D 147 30.33 -22.00 19.81
N GLY D 148 30.21 -23.06 20.59
CA GLY D 148 31.21 -24.11 20.51
C GLY D 148 30.62 -25.31 19.79
N LEU D 149 29.50 -25.11 19.11
CA LEU D 149 28.83 -26.18 18.40
C LEU D 149 29.35 -26.37 16.98
N GLY D 150 30.31 -25.55 16.56
CA GLY D 150 30.87 -25.70 15.23
C GLY D 150 30.09 -25.09 14.06
N ASP D 151 30.30 -25.67 12.88
CA ASP D 151 29.68 -25.24 11.63
C ASP D 151 28.20 -25.63 11.55
N LEU D 152 27.30 -24.66 11.74
CA LEU D 152 25.87 -24.92 11.67
C LEU D 152 25.22 -24.29 10.45
N GLY D 153 26.05 -23.77 9.57
CA GLY D 153 25.55 -23.15 8.36
C GLY D 153 24.47 -22.12 8.58
N VAL D 154 23.45 -22.14 7.74
CA VAL D 154 22.36 -21.17 7.84
C VAL D 154 21.56 -21.30 9.12
N TYR D 155 21.74 -22.41 9.83
CA TYR D 155 21.05 -22.62 11.10
C TYR D 155 21.63 -21.67 12.12
N GLY D 156 22.75 -21.05 11.75
CA GLY D 156 23.42 -20.13 12.64
C GLY D 156 22.75 -18.78 12.76
N GLY D 158 20.29 -17.97 13.99
CA GLY D 158 19.73 -17.76 15.32
C GLY D 158 20.60 -16.89 16.19
N ILE D 159 21.90 -16.92 15.94
CA ILE D 159 22.86 -16.14 16.70
C ILE D 159 22.74 -14.62 16.48
N PRO D 160 22.82 -14.16 15.22
CA PRO D 160 22.70 -12.73 14.97
C PRO D 160 21.38 -12.18 15.47
N VAL D 161 20.31 -12.96 15.34
CA VAL D 161 19.01 -12.52 15.81
C VAL D 161 19.02 -12.37 17.32
N GLY D 162 19.69 -13.30 18.01
CA GLY D 162 19.77 -13.23 19.45
C GLY D 162 20.55 -12.01 19.90
N LYS D 163 21.64 -11.74 19.21
CA LYS D 163 22.49 -10.60 19.52
C LYS D 163 21.73 -9.28 19.39
N LEU D 164 20.90 -9.18 18.35
CA LEU D 164 20.17 -7.93 18.16
C LEU D 164 19.06 -7.76 19.19
N CYS D 165 18.53 -8.86 19.71
CA CYS D 165 17.51 -8.76 20.74
C CYS D 165 18.11 -8.07 21.95
N LEU D 166 19.38 -8.37 22.22
CA LEU D 166 20.07 -7.78 23.36
C LEU D 166 20.43 -6.32 23.12
N TYR D 167 20.73 -5.97 21.86
CA TYR D 167 21.04 -4.59 21.51
C TYR D 167 19.92 -3.72 22.03
N THR D 168 18.70 -4.22 21.87
CA THR D 168 17.51 -3.49 22.28
C THR D 168 17.13 -3.70 23.74
N ALA D 169 17.01 -4.95 24.15
CA ALA D 169 16.63 -5.25 25.53
C ALA D 169 17.64 -4.66 26.52
N CYS D 170 18.91 -4.62 26.12
CA CYS D 170 19.96 -4.12 26.99
C CYS D 170 20.32 -2.63 26.87
N ALA D 171 20.70 -2.19 25.66
CA ALA D 171 21.11 -0.81 25.44
C ALA D 171 20.05 0.16 24.92
N GLY D 172 18.87 -0.33 24.62
CA GLY D 172 17.81 0.55 24.16
C GLY D 172 18.00 0.96 22.72
N ILE D 173 18.68 0.15 21.93
CA ILE D 173 18.88 0.45 20.52
C ILE D 173 17.59 0.11 19.79
N ARG D 174 17.16 0.99 18.89
CA ARG D 174 15.92 0.81 18.15
C ARG D 174 15.86 -0.47 17.32
N PRO D 175 14.86 -1.32 17.57
CA PRO D 175 14.69 -2.58 16.84
C PRO D 175 14.67 -2.38 15.32
N ASP D 176 13.92 -1.39 14.85
CA ASP D 176 13.80 -1.16 13.41
C ASP D 176 15.08 -0.71 12.72
N ARG D 177 16.15 -0.52 13.48
CA ARG D 177 17.40 -0.10 12.87
C ARG D 177 18.48 -1.14 13.04
N CYS D 178 18.06 -2.32 13.49
CA CYS D 178 18.94 -3.46 13.70
C CYS D 178 18.65 -4.48 12.62
N LEU D 179 19.70 -5.04 12.03
CA LEU D 179 19.53 -6.01 10.94
C LEU D 179 20.41 -7.25 11.09
N PRO D 180 19.78 -8.42 11.28
CA PRO D 180 20.53 -9.68 11.41
C PRO D 180 20.86 -10.16 10.01
N VAL D 181 22.09 -10.57 9.78
CA VAL D 181 22.48 -11.07 8.46
C VAL D 181 23.15 -12.42 8.54
N CYS D 182 22.92 -13.23 7.52
CA CYS D 182 23.54 -14.55 7.45
C CYS D 182 24.13 -14.72 6.05
N ILE D 183 25.44 -14.91 5.99
CA ILE D 183 26.13 -15.10 4.72
C ILE D 183 26.25 -16.60 4.48
N ASP D 184 25.55 -17.11 3.48
CA ASP D 184 25.56 -18.53 3.16
C ASP D 184 26.41 -18.90 1.95
N VAL D 185 27.52 -19.58 2.21
CA VAL D 185 28.43 -20.01 1.15
C VAL D 185 28.56 -21.54 1.19
N GLY D 186 27.62 -22.18 1.87
CA GLY D 186 27.66 -23.63 1.99
C GLY D 186 28.07 -23.97 3.39
N THR D 187 28.11 -25.27 3.70
CA THR D 187 28.47 -25.74 5.02
C THR D 187 29.17 -27.07 4.90
N ASP D 188 30.06 -27.36 5.84
CA ASP D 188 30.77 -28.61 5.80
C ASP D 188 30.16 -29.64 6.74
N ASN D 189 29.21 -29.21 7.58
CA ASN D 189 28.54 -30.13 8.49
C ASN D 189 27.77 -31.15 7.66
N ILE D 190 28.33 -32.35 7.59
CA ILE D 190 27.74 -33.44 6.80
C ILE D 190 26.31 -33.77 7.18
N ALA D 191 26.00 -33.72 8.48
CA ALA D 191 24.66 -34.01 8.96
C ALA D 191 23.65 -33.06 8.35
N LEU D 192 23.97 -31.77 8.29
CA LEU D 192 23.05 -30.80 7.72
C LEU D 192 22.91 -30.99 6.21
N LEU D 193 23.97 -31.44 5.55
CA LEU D 193 23.91 -31.64 4.11
C LEU D 193 22.95 -32.74 3.70
N LYS D 194 22.47 -33.52 4.68
CA LYS D 194 21.53 -34.59 4.40
C LYS D 194 20.26 -34.44 5.22
N ASP D 195 20.02 -33.22 5.70
CA ASP D 195 18.82 -32.91 6.47
C ASP D 195 17.84 -32.21 5.53
N PRO D 196 16.66 -32.80 5.32
CA PRO D 196 15.67 -32.21 4.42
C PRO D 196 15.09 -30.90 4.93
N PHE D 197 15.31 -30.59 6.20
CA PHE D 197 14.81 -29.34 6.78
C PHE D 197 15.88 -28.25 6.81
N TYR D 198 17.08 -28.57 6.31
CA TYR D 198 18.16 -27.58 6.31
C TYR D 198 17.72 -26.36 5.52
N GLY D 200 19.87 -23.92 4.37
CA GLY D 200 20.90 -23.32 3.54
C GLY D 200 21.11 -23.93 2.17
N LEU D 201 22.25 -23.60 1.57
CA LEU D 201 22.63 -24.11 0.26
C LEU D 201 23.22 -25.51 0.49
N TYR D 202 22.82 -26.46 -0.33
CA TYR D 202 23.33 -27.82 -0.17
C TYR D 202 24.66 -28.01 -0.87
N GLN D 203 25.71 -27.48 -0.26
CA GLN D 203 27.06 -27.58 -0.79
C GLN D 203 28.05 -27.32 0.34
N LYS D 204 29.23 -27.93 0.25
CA LYS D 204 30.25 -27.71 1.26
C LYS D 204 30.71 -26.27 1.09
N ARG D 205 31.33 -25.69 2.10
CA ARG D 205 31.78 -24.31 2.00
C ARG D 205 32.66 -23.96 0.80
N ASP D 206 32.37 -22.82 0.18
CA ASP D 206 33.14 -22.32 -0.95
C ASP D 206 34.24 -21.48 -0.29
N ARG D 207 35.49 -21.86 -0.46
CA ARG D 207 36.58 -21.10 0.16
C ARG D 207 37.48 -20.41 -0.85
N THR D 208 36.96 -20.21 -2.06
CA THR D 208 37.73 -19.56 -3.10
C THR D 208 37.57 -18.04 -2.99
N GLN D 209 38.36 -17.30 -3.76
CA GLN D 209 38.27 -15.84 -3.76
C GLN D 209 36.81 -15.40 -3.79
N GLN D 210 35.97 -16.21 -4.44
CA GLN D 210 34.54 -15.93 -4.56
C GLN D 210 33.91 -15.64 -3.20
N TYR D 211 34.42 -16.32 -2.18
CA TYR D 211 33.94 -16.13 -0.82
C TYR D 211 34.25 -14.71 -0.38
N ASP D 212 35.51 -14.32 -0.54
CA ASP D 212 35.97 -12.99 -0.15
C ASP D 212 35.30 -11.90 -0.97
N ASP D 213 35.07 -12.19 -2.25
CA ASP D 213 34.42 -11.22 -3.12
C ASP D 213 32.99 -10.98 -2.66
N LEU D 214 32.39 -12.00 -2.06
CA LEU D 214 31.02 -11.91 -1.58
C LEU D 214 30.95 -11.03 -0.33
N ILE D 215 31.88 -11.23 0.59
CA ILE D 215 31.89 -10.43 1.81
C ILE D 215 32.12 -8.98 1.43
N ASP D 216 33.06 -8.75 0.52
CA ASP D 216 33.35 -7.40 0.05
C ASP D 216 32.08 -6.81 -0.52
N GLU D 217 31.44 -7.55 -1.41
CA GLU D 217 30.21 -7.08 -2.02
C GLU D 217 29.17 -6.78 -0.95
N PHE D 218 29.23 -7.51 0.16
CA PHE D 218 28.30 -7.33 1.26
C PHE D 218 28.56 -6.05 2.04
N LYS D 220 30.19 -3.36 1.08
CA LYS D 220 29.95 -2.20 0.23
C LYS D 220 28.46 -1.94 0.07
N ALA D 221 27.68 -3.00 -0.14
CA ALA D 221 26.24 -2.86 -0.32
C ALA D 221 25.57 -2.33 0.94
N ILE D 222 25.91 -2.91 2.09
CA ILE D 222 25.32 -2.45 3.33
C ILE D 222 25.59 -0.97 3.58
N THR D 223 26.80 -0.53 3.27
CA THR D 223 27.16 0.87 3.49
C THR D 223 26.69 1.80 2.38
N ASP D 224 26.48 1.28 1.17
CA ASP D 224 26.00 2.12 0.08
C ASP D 224 24.57 2.57 0.36
N ARG D 225 23.75 1.66 0.89
CA ARG D 225 22.35 1.98 1.18
C ARG D 225 22.08 2.61 2.55
N TYR D 226 22.86 2.26 3.56
CA TYR D 226 22.61 2.79 4.90
C TYR D 226 23.64 3.76 5.47
N GLY D 227 24.75 3.96 4.78
CA GLY D 227 25.76 4.86 5.26
C GLY D 227 27.06 4.14 5.59
N ARG D 228 28.17 4.85 5.47
CA ARG D 228 29.47 4.25 5.75
C ARG D 228 29.73 4.03 7.24
N ASN D 229 29.10 4.81 8.10
CA ASN D 229 29.31 4.63 9.53
C ASN D 229 28.35 3.61 10.15
N THR D 230 27.77 2.77 9.31
CA THR D 230 26.85 1.73 9.78
C THR D 230 27.63 0.73 10.63
N LEU D 231 27.19 0.49 11.86
CA LEU D 231 27.89 -0.45 12.75
C LEU D 231 27.71 -1.87 12.25
N ILE D 232 28.82 -2.53 11.92
CA ILE D 232 28.74 -3.90 11.45
C ILE D 232 29.52 -4.79 12.41
N GLN D 233 28.79 -5.59 13.17
CA GLN D 233 29.41 -6.48 14.15
C GLN D 233 29.57 -7.91 13.61
N PHE D 234 30.81 -8.37 13.50
CA PHE D 234 31.07 -9.72 13.04
C PHE D 234 30.88 -10.71 14.17
N GLU D 235 30.16 -11.79 13.89
CA GLU D 235 29.89 -12.80 14.90
C GLU D 235 30.04 -14.22 14.37
N ASP D 236 30.80 -15.02 15.11
CA ASP D 236 31.02 -16.43 14.80
C ASP D 236 31.48 -16.83 13.41
N PHE D 237 32.56 -16.23 12.94
CA PHE D 237 33.14 -16.60 11.66
C PHE D 237 34.29 -17.53 12.07
N GLY D 238 34.85 -18.26 11.12
CA GLY D 238 35.96 -19.14 11.44
C GLY D 238 37.15 -18.35 11.96
N ASN D 239 38.02 -19.01 12.71
CA ASN D 239 39.20 -18.37 13.27
C ASN D 239 40.07 -17.63 12.24
N HIS D 240 40.26 -18.23 11.07
CA HIS D 240 41.07 -17.59 10.06
C HIS D 240 40.35 -16.34 9.53
N ASN D 241 39.14 -16.53 9.03
CA ASN D 241 38.33 -15.45 8.48
C ASN D 241 38.05 -14.29 9.45
N ALA D 242 37.85 -14.60 10.73
CA ALA D 242 37.55 -13.56 11.71
C ALA D 242 38.62 -12.48 11.75
N PHE D 243 39.81 -12.84 12.22
CA PHE D 243 40.91 -11.88 12.30
C PHE D 243 41.20 -11.20 10.97
N ARG D 244 41.29 -11.97 9.89
CA ARG D 244 41.63 -11.37 8.61
C ARG D 244 40.56 -10.43 8.07
N PHE D 245 39.30 -10.63 8.45
CA PHE D 245 38.24 -9.75 7.99
C PHE D 245 38.23 -8.50 8.85
N LEU D 246 38.61 -8.67 10.11
CA LEU D 246 38.69 -7.58 11.06
C LEU D 246 39.85 -6.65 10.68
N ARG D 247 41.00 -7.26 10.38
CA ARG D 247 42.19 -6.51 10.01
C ARG D 247 41.95 -5.80 8.69
N LYS D 248 41.17 -6.43 7.83
CA LYS D 248 40.86 -5.91 6.51
C LYS D 248 39.77 -4.84 6.48
N TYR D 249 38.99 -4.72 7.53
CA TYR D 249 37.89 -3.74 7.52
C TYR D 249 37.83 -2.74 8.65
N ARG D 250 38.52 -3.00 9.76
CA ARG D 250 38.42 -2.10 10.90
C ARG D 250 38.74 -0.63 10.66
N GLU D 251 39.48 -0.32 9.60
CA GLU D 251 39.82 1.07 9.30
C GLU D 251 39.26 1.50 7.96
N LYS D 252 38.24 0.77 7.49
CA LYS D 252 37.59 1.04 6.22
C LYS D 252 36.11 1.24 6.48
N TYR D 253 35.61 0.59 7.52
CA TYR D 253 34.20 0.66 7.88
C TYR D 253 34.10 0.74 9.39
N CYS D 254 32.89 0.93 9.91
CA CYS D 254 32.68 0.98 11.35
C CYS D 254 32.33 -0.44 11.76
N THR D 255 33.34 -1.28 11.83
CA THR D 255 33.12 -2.68 12.18
C THR D 255 34.02 -3.20 13.27
N PHE D 256 33.55 -4.26 13.92
CA PHE D 256 34.29 -4.90 14.99
C PHE D 256 33.85 -6.35 15.12
N ASN D 257 34.76 -7.20 15.58
CA ASN D 257 34.43 -8.61 15.76
C ASN D 257 34.14 -8.84 17.24
N ASP D 258 32.89 -9.20 17.54
CA ASP D 258 32.45 -9.41 18.91
C ASP D 258 33.19 -10.54 19.62
N ASP D 259 33.58 -11.55 18.87
CA ASP D 259 34.28 -12.70 19.43
C ASP D 259 35.71 -12.40 19.85
N ILE D 260 36.36 -11.49 19.14
CA ILE D 260 37.73 -11.12 19.42
C ILE D 260 37.84 -9.94 20.39
N GLN D 261 37.16 -8.84 20.04
CA GLN D 261 37.20 -7.62 20.84
C GLN D 261 36.19 -7.50 21.98
N GLY D 262 34.95 -7.90 21.76
CA GLY D 262 33.95 -7.81 22.80
C GLY D 262 34.29 -8.72 23.95
N THR D 263 34.73 -9.94 23.63
CA THR D 263 35.11 -10.93 24.63
C THR D 263 36.26 -10.40 25.48
N ALA D 264 37.24 -9.81 24.79
CA ALA D 264 38.42 -9.26 25.44
C ALA D 264 38.07 -8.33 26.58
N ALA D 265 37.16 -7.41 26.32
CA ALA D 265 36.74 -6.45 27.32
C ALA D 265 36.04 -7.06 28.52
N VAL D 266 35.26 -8.12 28.31
CA VAL D 266 34.54 -8.75 29.43
C VAL D 266 35.48 -9.57 30.29
N ALA D 267 36.38 -10.29 29.62
CA ALA D 267 37.36 -11.12 30.30
C ALA D 267 38.26 -10.21 31.11
N LEU D 268 38.73 -9.12 30.49
CA LEU D 268 39.60 -8.16 31.14
C LEU D 268 38.93 -7.49 32.34
N ALA D 269 37.63 -7.22 32.21
CA ALA D 269 36.86 -6.59 33.28
C ALA D 269 36.65 -7.56 34.45
N GLY D 270 36.83 -8.85 34.18
CA GLY D 270 36.66 -9.84 35.24
C GLY D 270 37.94 -9.92 36.04
N LEU D 271 39.07 -9.91 35.34
CA LEU D 271 40.37 -9.95 35.99
C LEU D 271 40.49 -8.66 36.80
N LEU D 272 40.21 -7.54 36.13
CA LEU D 272 40.28 -6.22 36.75
C LEU D 272 39.52 -6.18 38.07
N ALA D 273 38.41 -6.90 38.14
CA ALA D 273 37.59 -6.95 39.33
C ALA D 273 38.22 -7.93 40.30
N ALA D 274 38.87 -8.95 39.75
CA ALA D 274 39.54 -9.97 40.57
C ALA D 274 40.71 -9.35 41.32
N GLN D 275 41.54 -8.60 40.59
CA GLN D 275 42.70 -7.93 41.18
C GLN D 275 42.24 -6.99 42.31
N LYS D 276 40.93 -6.80 42.43
CA LYS D 276 40.38 -5.93 43.45
C LYS D 276 40.17 -6.74 44.73
N VAL D 277 40.19 -8.06 44.60
CA VAL D 277 39.98 -8.92 45.76
C VAL D 277 41.24 -9.66 46.20
N ILE D 278 42.31 -9.58 45.42
CA ILE D 278 43.56 -10.25 45.76
C ILE D 278 44.72 -9.27 45.92
N SER D 279 44.62 -8.12 45.25
CA SER D 279 45.66 -7.09 45.32
C SER D 279 47.08 -7.66 45.21
N LYS D 280 47.36 -8.36 44.11
CA LYS D 280 48.69 -8.93 43.93
C LYS D 280 49.51 -8.15 42.92
N PRO D 281 50.85 -8.25 43.01
CA PRO D 281 51.76 -7.55 42.10
C PRO D 281 51.64 -8.09 40.67
N ILE D 282 51.60 -7.19 39.69
CA ILE D 282 51.48 -7.59 38.30
C ILE D 282 52.67 -8.46 37.86
N SER D 283 53.75 -8.41 38.63
CA SER D 283 54.93 -9.21 38.33
C SER D 283 54.73 -10.58 38.99
N GLU D 284 53.54 -10.77 39.55
CA GLU D 284 53.17 -12.01 40.22
C GLU D 284 51.97 -12.64 39.50
N HIS D 285 51.54 -12.01 38.41
CA HIS D 285 50.42 -12.52 37.63
C HIS D 285 50.89 -13.28 36.40
N LYS D 286 50.51 -14.54 36.33
CA LYS D 286 50.87 -15.40 35.21
C LYS D 286 49.58 -15.98 34.67
N ILE D 287 49.37 -15.82 33.37
CA ILE D 287 48.14 -16.28 32.73
C ILE D 287 48.35 -17.42 31.74
N LEU D 288 47.47 -18.41 31.80
CA LEU D 288 47.54 -19.56 30.90
C LEU D 288 46.19 -19.83 30.22
N PHE D 289 46.21 -19.87 28.89
CA PHE D 289 45.02 -20.10 28.08
C PHE D 289 44.82 -21.54 27.60
N LEU D 290 43.55 -21.96 27.59
CA LEU D 290 43.18 -23.25 27.07
C LEU D 290 42.58 -22.76 25.76
N GLY D 291 43.34 -22.90 24.67
CA GLY D 291 42.90 -22.42 23.37
C GLY D 291 43.74 -21.23 22.93
N ALA D 292 43.94 -21.07 21.62
CA ALA D 292 44.73 -19.95 21.08
C ALA D 292 44.06 -19.33 19.87
N GLY D 293 42.73 -19.29 19.88
CA GLY D 293 42.00 -18.74 18.76
C GLY D 293 41.38 -17.38 19.00
N GLU D 294 40.36 -17.07 18.20
CA GLU D 294 39.62 -15.81 18.27
C GLU D 294 39.53 -15.13 19.64
N ALA D 295 39.00 -15.82 20.64
CA ALA D 295 38.86 -15.23 21.95
C ALA D 295 40.14 -15.15 22.77
N ALA D 296 40.97 -16.20 22.68
CA ALA D 296 42.21 -16.25 23.43
C ALA D 296 43.10 -15.06 23.06
N LEU D 297 43.47 -15.00 21.79
CA LEU D 297 44.33 -13.94 21.29
C LEU D 297 43.74 -12.56 21.57
N GLY D 298 42.44 -12.41 21.37
CA GLY D 298 41.79 -11.13 21.62
C GLY D 298 41.84 -10.71 23.08
N ILE D 299 41.61 -11.65 24.00
CA ILE D 299 41.65 -11.33 25.42
C ILE D 299 43.08 -11.02 25.84
N ALA D 300 44.03 -11.66 25.16
CA ALA D 300 45.45 -11.50 25.46
C ALA D 300 45.96 -10.12 25.06
N ASN D 301 45.66 -9.71 23.82
CA ASN D 301 46.12 -8.42 23.34
C ASN D 301 45.56 -7.29 24.19
N LEU D 302 44.41 -7.51 24.84
CA LEU D 302 43.84 -6.46 25.68
C LEU D 302 44.46 -6.47 27.07
N ILE D 303 44.78 -7.65 27.58
CA ILE D 303 45.42 -7.74 28.90
C ILE D 303 46.74 -6.97 28.82
N VAL D 304 47.45 -7.18 27.71
CA VAL D 304 48.71 -6.51 27.45
C VAL D 304 48.52 -5.00 27.52
N SER D 306 46.24 -3.30 29.02
CA SER D 306 45.96 -2.89 30.40
C SER D 306 47.26 -2.83 31.20
N VAL D 308 50.47 -2.54 29.83
CA VAL D 308 51.29 -1.48 29.23
C VAL D 308 50.83 -0.12 29.74
N GLU D 309 49.55 0.00 30.06
CA GLU D 309 48.98 1.24 30.56
C GLU D 309 49.32 1.51 32.02
N ASN D 310 49.61 0.45 32.78
CA ASN D 310 49.93 0.61 34.19
C ASN D 310 51.41 0.36 34.47
N GLY D 311 52.25 0.55 33.46
CA GLY D 311 53.67 0.36 33.65
C GLY D 311 54.31 -0.54 32.60
N LEU D 312 54.43 -1.82 32.92
CA LEU D 312 55.04 -2.83 32.05
C LEU D 312 55.09 -2.52 30.56
N SER D 313 56.09 -3.10 29.91
CA SER D 313 56.30 -2.93 28.48
C SER D 313 55.51 -3.99 27.72
N GLU D 314 55.21 -3.71 26.45
CA GLU D 314 54.46 -4.66 25.63
C GLU D 314 55.04 -6.06 25.74
N GLN D 315 56.35 -6.18 25.55
CA GLN D 315 57.00 -7.49 25.62
C GLN D 315 57.03 -8.05 27.05
N GLU D 316 57.31 -7.19 28.01
CA GLU D 316 57.37 -7.62 29.41
C GLU D 316 56.02 -8.13 29.87
N ALA D 317 54.96 -7.69 29.20
CA ALA D 317 53.62 -8.11 29.54
C ALA D 317 53.28 -9.40 28.81
N GLN D 318 53.67 -9.47 27.54
CA GLN D 318 53.41 -10.64 26.72
C GLN D 318 54.09 -11.89 27.26
N LYS D 319 55.11 -11.70 28.10
CA LYS D 319 55.82 -12.83 28.69
C LYS D 319 55.07 -13.35 29.92
N LYS D 320 53.98 -12.69 30.27
CA LYS D 320 53.19 -13.12 31.42
C LYS D 320 51.97 -13.90 30.95
N ILE D 321 51.97 -14.29 29.68
CA ILE D 321 50.85 -15.02 29.09
C ILE D 321 51.27 -16.28 28.34
N TRP D 322 50.66 -17.41 28.71
CA TRP D 322 50.94 -18.69 28.05
C TRP D 322 49.64 -19.25 27.46
N PHE D 324 47.70 -22.77 25.39
CA PHE D 324 47.77 -24.21 25.15
C PHE D 324 46.59 -24.60 24.25
N ASP D 325 46.87 -25.12 23.06
CA ASP D 325 45.80 -25.49 22.16
C ASP D 325 45.65 -27.00 21.87
N LYS D 326 44.91 -27.33 20.82
CA LYS D 326 44.67 -28.71 20.44
C LYS D 326 45.94 -29.51 20.12
N TYR D 327 47.07 -28.81 20.03
CA TYR D 327 48.34 -29.47 19.75
C TYR D 327 49.28 -29.39 20.94
N GLY D 328 48.86 -28.67 21.97
CA GLY D 328 49.70 -28.52 23.15
C GLY D 328 50.17 -27.09 23.39
N LEU D 329 51.13 -26.94 24.30
CA LEU D 329 51.66 -25.64 24.63
C LEU D 329 52.28 -24.93 23.42
N LEU D 330 52.14 -23.62 23.39
CA LEU D 330 52.70 -22.82 22.31
C LEU D 330 54.12 -22.44 22.68
N VAL D 331 55.08 -23.14 22.08
CA VAL D 331 56.49 -22.89 22.34
C VAL D 331 57.27 -22.70 21.06
N LYS D 332 58.38 -21.96 21.15
CA LYS D 332 59.22 -21.71 20.00
C LYS D 332 59.74 -23.05 19.49
N GLY D 333 59.62 -23.27 18.18
CA GLY D 333 60.12 -24.51 17.60
C GLY D 333 59.28 -25.77 17.76
N ARG D 334 57.97 -25.62 17.97
CA ARG D 334 57.10 -26.78 18.09
C ARG D 334 56.66 -27.14 16.66
N LYS D 335 56.38 -28.42 16.41
CA LYS D 335 55.99 -28.84 15.08
C LYS D 335 54.60 -28.34 14.66
N ALA D 336 53.78 -27.95 15.62
CA ALA D 336 52.45 -27.44 15.31
C ALA D 336 52.51 -25.98 14.88
N LYS D 337 51.94 -25.67 13.73
CA LYS D 337 51.93 -24.30 13.19
C LYS D 337 51.60 -23.23 14.22
N ILE D 338 52.08 -22.02 13.95
CA ILE D 338 51.85 -20.86 14.80
C ILE D 338 51.79 -19.62 13.92
N ASP D 339 50.72 -18.85 14.04
CA ASP D 339 50.53 -17.65 13.23
C ASP D 339 51.03 -16.36 13.87
N SER D 340 51.00 -15.29 13.09
CA SER D 340 51.45 -13.98 13.54
C SER D 340 50.91 -13.55 14.90
N TYR D 341 49.59 -13.49 15.03
CA TYR D 341 48.98 -13.07 16.29
C TYR D 341 49.44 -13.90 17.48
N GLN D 342 49.89 -15.13 17.22
CA GLN D 342 50.33 -16.01 18.30
C GLN D 342 51.75 -15.83 18.78
N GLU D 343 52.69 -15.72 17.84
CA GLU D 343 54.11 -15.54 18.15
C GLU D 343 54.35 -14.76 19.45
N PRO D 344 53.74 -13.56 19.57
CA PRO D 344 53.92 -12.77 20.80
C PRO D 344 53.68 -13.56 22.08
N PHE D 345 53.07 -14.74 21.95
CA PHE D 345 52.80 -15.56 23.13
C PHE D 345 53.40 -16.95 23.00
N THR D 346 54.16 -17.15 21.93
CA THR D 346 54.84 -18.42 21.67
C THR D 346 56.23 -18.22 22.29
N HIS D 347 56.42 -18.74 23.49
CA HIS D 347 57.70 -18.60 24.18
C HIS D 347 58.63 -19.79 24.03
N SER D 348 59.88 -19.59 24.47
CA SER D 348 60.87 -20.65 24.40
C SER D 348 60.48 -21.67 25.49
N ALA D 349 60.44 -22.93 25.09
CA ALA D 349 60.06 -24.02 25.99
C ALA D 349 60.76 -24.04 27.35
N PRO D 350 60.05 -24.48 28.39
CA PRO D 350 60.61 -24.56 29.75
C PRO D 350 61.36 -25.89 29.89
N GLU D 351 61.67 -26.25 31.13
CA GLU D 351 62.39 -27.50 31.41
C GLU D 351 61.78 -28.65 30.61
N SER D 352 60.53 -28.97 30.90
CA SER D 352 59.83 -30.06 30.21
C SER D 352 58.54 -29.57 29.55
N ILE D 353 58.32 -30.02 28.31
CA ILE D 353 57.14 -29.66 27.54
C ILE D 353 55.91 -30.38 28.10
N PRO D 354 54.95 -29.63 28.66
CA PRO D 354 53.72 -30.24 29.21
C PRO D 354 52.94 -31.03 28.17
N ASP D 355 52.63 -32.29 28.50
CA ASP D 355 51.88 -33.15 27.59
C ASP D 355 50.39 -32.81 27.64
N THR D 356 49.86 -32.72 28.86
CA THR D 356 48.45 -32.40 29.05
C THR D 356 48.28 -31.00 29.59
N PHE D 357 47.05 -30.55 29.74
CA PHE D 357 46.82 -29.21 30.27
C PHE D 357 47.17 -29.22 31.75
N GLU D 358 46.96 -30.36 32.41
CA GLU D 358 47.28 -30.46 33.83
C GLU D 358 48.79 -30.31 34.03
N ASP D 359 49.56 -30.81 33.07
CA ASP D 359 51.03 -30.72 33.14
C ASP D 359 51.49 -29.27 32.98
N ALA D 360 50.79 -28.52 32.12
CA ALA D 360 51.13 -27.13 31.86
C ALA D 360 50.85 -26.26 33.07
N VAL D 361 49.88 -26.66 33.88
CA VAL D 361 49.53 -25.91 35.08
C VAL D 361 50.57 -26.11 36.17
N ASN D 362 50.98 -27.36 36.39
CA ASN D 362 51.97 -27.66 37.42
C ASN D 362 53.38 -27.17 37.09
N ILE D 363 53.70 -27.15 35.79
CA ILE D 363 55.01 -26.70 35.33
C ILE D 363 55.08 -25.16 35.23
N LEU D 364 53.99 -24.54 34.78
CA LEU D 364 53.96 -23.09 34.63
C LEU D 364 53.52 -22.37 35.89
N LYS D 365 52.84 -23.09 36.78
CA LYS D 365 52.39 -22.51 38.05
C LYS D 365 51.62 -21.20 37.85
N PRO D 366 50.74 -21.13 36.82
CA PRO D 366 49.98 -19.91 36.56
C PRO D 366 49.05 -19.51 37.71
N SER D 367 48.68 -18.24 37.73
CA SER D 367 47.79 -17.68 38.75
C SER D 367 46.37 -17.52 38.21
N THR D 368 46.24 -17.53 36.89
CA THR D 368 44.96 -17.39 36.24
C THR D 368 44.89 -18.33 35.04
N ILE D 369 43.76 -19.04 34.94
CA ILE D 369 43.55 -19.95 33.84
C ILE D 369 42.26 -19.52 33.12
N ILE D 370 42.32 -19.50 31.79
CA ILE D 370 41.17 -19.08 31.00
C ILE D 370 40.79 -20.06 29.90
N GLY D 371 39.61 -20.66 30.06
CA GLY D 371 39.14 -21.63 29.08
C GLY D 371 38.37 -20.97 27.96
N VAL D 372 38.85 -21.19 26.75
CA VAL D 372 38.23 -20.65 25.55
C VAL D 372 38.58 -21.61 24.40
N ALA D 373 38.23 -22.88 24.59
CA ALA D 373 38.51 -23.90 23.58
C ALA D 373 37.22 -24.51 23.04
N GLY D 374 36.13 -24.29 23.77
CA GLY D 374 34.83 -24.81 23.37
C GLY D 374 34.85 -26.25 22.94
N ALA D 375 35.61 -27.06 23.67
CA ALA D 375 35.76 -28.49 23.38
C ALA D 375 35.28 -29.37 24.53
N GLY D 376 34.72 -28.75 25.58
CA GLY D 376 34.24 -29.54 26.69
C GLY D 376 34.96 -29.32 28.00
N ARG D 377 34.68 -30.19 28.97
CA ARG D 377 35.27 -30.11 30.30
C ARG D 377 36.76 -30.43 30.39
N LEU D 378 37.59 -29.52 29.90
CA LEU D 378 39.03 -29.69 29.93
C LEU D 378 39.65 -29.21 31.25
N PHE D 379 38.88 -28.50 32.06
CA PHE D 379 39.39 -28.07 33.36
C PHE D 379 38.97 -29.15 34.33
N THR D 380 39.58 -30.32 34.14
CA THR D 380 39.30 -31.49 34.95
C THR D 380 39.49 -31.19 36.43
N PRO D 381 38.93 -32.05 37.29
CA PRO D 381 39.03 -31.90 38.75
C PRO D 381 40.48 -31.85 39.20
N ASP D 382 41.37 -32.47 38.41
CA ASP D 382 42.78 -32.46 38.76
C ASP D 382 43.42 -31.15 38.31
N VAL D 383 42.81 -30.52 37.32
CA VAL D 383 43.33 -29.24 36.84
C VAL D 383 42.85 -28.21 37.85
N ILE D 384 41.67 -28.45 38.40
CA ILE D 384 41.11 -27.54 39.37
C ILE D 384 41.78 -27.69 40.72
N ARG D 385 42.21 -28.90 41.06
CA ARG D 385 42.88 -29.12 42.35
C ARG D 385 44.27 -28.53 42.31
N ALA D 386 44.97 -28.72 41.20
CA ALA D 386 46.32 -28.20 41.04
C ALA D 386 46.32 -26.68 41.21
N ALA D 388 44.14 -24.81 42.81
CA ALA D 388 43.81 -24.49 44.19
C ALA D 388 45.02 -24.79 45.08
N SER D 389 45.94 -25.57 44.52
CA SER D 389 47.17 -25.95 45.20
C SER D 389 48.23 -24.87 44.97
N ILE D 390 48.47 -24.57 43.70
CA ILE D 390 49.44 -23.57 43.28
C ILE D 390 49.13 -22.16 43.75
N ASN D 391 47.84 -21.85 43.92
CA ASN D 391 47.42 -20.50 44.33
C ASN D 391 46.47 -20.49 45.53
N GLU D 392 46.55 -19.41 46.30
CA GLU D 392 45.69 -19.22 47.47
C GLU D 392 44.26 -18.93 47.02
N ARG D 393 44.14 -18.08 46.01
CA ARG D 393 42.84 -17.71 45.44
C ARG D 393 43.00 -17.80 43.92
N PRO D 394 42.91 -19.02 43.36
CA PRO D 394 43.04 -19.20 41.91
C PRO D 394 41.93 -18.53 41.09
N VAL D 395 42.32 -17.96 39.97
CA VAL D 395 41.35 -17.31 39.10
C VAL D 395 41.06 -18.28 37.96
N ILE D 396 39.83 -18.78 37.97
CA ILE D 396 39.39 -19.76 36.97
C ILE D 396 38.26 -19.26 36.10
N PHE D 397 38.50 -19.22 34.79
CA PHE D 397 37.51 -18.76 33.84
C PHE D 397 37.19 -19.82 32.79
N ALA D 398 36.00 -20.39 32.86
CA ALA D 398 35.56 -21.39 31.87
C ALA D 398 34.60 -20.60 31.00
N LEU D 399 35.12 -20.04 29.91
CA LEU D 399 34.29 -19.21 29.04
C LEU D 399 33.63 -19.84 27.83
N SER D 400 34.00 -21.07 27.49
CA SER D 400 33.40 -21.69 26.33
C SER D 400 31.89 -21.90 26.45
N ASN D 401 31.19 -21.76 25.33
CA ASN D 401 29.74 -21.91 25.28
C ASN D 401 29.37 -22.92 24.20
N PRO D 402 28.21 -23.59 24.35
CA PRO D 402 27.26 -23.45 25.46
C PRO D 402 27.77 -24.22 26.68
N THR D 403 26.88 -24.47 27.64
CA THR D 403 27.27 -25.17 28.87
C THR D 403 27.99 -26.51 28.66
N ALA D 404 27.49 -27.32 27.73
CA ALA D 404 28.11 -28.63 27.47
C ALA D 404 29.55 -28.50 26.99
N GLN D 405 29.91 -27.34 26.47
CA GLN D 405 31.26 -27.12 25.97
C GLN D 405 32.12 -26.38 26.99
N ALA D 406 31.49 -25.97 28.08
CA ALA D 406 32.20 -25.26 29.13
C ALA D 406 33.33 -26.13 29.65
N GLU D 407 34.41 -25.49 30.05
CA GLU D 407 35.59 -26.16 30.60
C GLU D 407 35.24 -26.89 31.91
N CYS D 408 34.40 -26.25 32.73
CA CYS D 408 33.99 -26.84 34.00
C CYS D 408 32.80 -26.05 34.55
N THR D 409 32.17 -26.59 35.59
CA THR D 409 31.00 -25.94 36.18
C THR D 409 31.37 -25.16 37.42
N ALA D 410 30.39 -24.42 37.94
CA ALA D 410 30.58 -23.60 39.13
C ALA D 410 30.69 -24.52 40.34
N GLU D 411 29.90 -25.59 40.34
CA GLU D 411 29.91 -26.56 41.41
C GLU D 411 31.32 -27.12 41.59
N GLU D 412 31.89 -27.60 40.49
CA GLU D 412 33.22 -28.16 40.49
C GLU D 412 34.25 -27.11 40.92
N ALA D 413 34.22 -25.96 40.26
CA ALA D 413 35.14 -24.87 40.56
C ALA D 413 35.26 -24.62 42.06
N TYR D 414 34.20 -24.08 42.65
CA TYR D 414 34.19 -23.77 44.07
C TYR D 414 34.45 -24.98 44.97
N THR D 415 33.69 -26.04 44.79
CA THR D 415 33.85 -27.25 45.59
C THR D 415 35.28 -27.78 45.57
N LEU D 416 35.78 -28.11 44.38
CA LEU D 416 37.13 -28.63 44.24
C LEU D 416 38.21 -27.68 44.79
N THR D 417 37.92 -26.39 44.86
CA THR D 417 38.91 -25.43 45.37
C THR D 417 38.53 -24.92 46.75
N GLU D 418 37.54 -25.56 47.37
CA GLU D 418 37.09 -25.19 48.70
C GLU D 418 36.66 -23.73 48.81
N GLY D 419 35.98 -23.24 47.77
CA GLY D 419 35.51 -21.86 47.77
C GLY D 419 36.60 -20.81 47.75
N ARG D 420 37.78 -21.19 47.27
CA ARG D 420 38.92 -20.26 47.23
C ARG D 420 39.13 -19.67 45.84
N CYS D 421 38.31 -20.07 44.88
CA CYS D 421 38.48 -19.57 43.53
C CYS D 421 37.60 -18.37 43.18
N LEU D 422 38.04 -17.65 42.16
CA LEU D 422 37.32 -16.51 41.61
C LEU D 422 36.85 -17.10 40.29
N PHE D 423 35.55 -17.38 40.20
CA PHE D 423 35.02 -18.01 39.00
C PHE D 423 34.09 -17.20 38.10
N ALA D 424 34.19 -17.49 36.81
CA ALA D 424 33.38 -16.86 35.77
C ALA D 424 33.18 -17.88 34.67
N SER D 425 32.04 -17.81 33.99
CA SER D 425 31.75 -18.73 32.92
C SER D 425 31.04 -18.04 31.74
N GLY D 426 31.10 -18.65 30.57
CA GLY D 426 30.46 -18.07 29.40
C GLY D 426 28.95 -18.24 29.51
N SER D 427 28.52 -19.44 29.88
CA SER D 427 27.12 -19.77 30.05
C SER D 427 26.80 -19.66 31.54
N PRO D 428 25.52 -19.42 31.89
CA PRO D 428 25.09 -19.28 33.28
C PRO D 428 24.98 -20.54 34.13
N PHE D 429 25.32 -20.39 35.42
CA PHE D 429 25.25 -21.47 36.41
C PHE D 429 24.59 -20.87 37.64
N GLY D 430 23.71 -21.64 38.28
CA GLY D 430 23.06 -21.13 39.48
C GLY D 430 24.10 -20.95 40.56
N PRO D 431 23.74 -20.38 41.72
CA PRO D 431 24.73 -20.21 42.78
C PRO D 431 25.19 -21.56 43.37
N VAL D 432 26.27 -21.53 44.15
CA VAL D 432 26.79 -22.76 44.75
C VAL D 432 26.86 -22.69 46.27
N LYS D 433 26.25 -23.68 46.93
CA LYS D 433 26.25 -23.76 48.39
C LYS D 433 27.06 -24.97 48.84
N LEU D 434 28.19 -24.70 49.47
CA LEU D 434 29.07 -25.75 49.97
C LEU D 434 28.52 -26.36 51.26
N THR D 435 29.02 -27.54 51.61
CA THR D 435 28.60 -28.25 52.81
C THR D 435 28.68 -27.38 54.06
N ASP D 436 29.71 -26.55 54.17
CA ASP D 436 29.86 -25.69 55.33
C ASP D 436 28.78 -24.61 55.38
N GLY D 437 28.14 -24.35 54.25
CA GLY D 437 27.08 -23.35 54.19
C GLY D 437 27.37 -22.21 53.23
N ARG D 438 28.63 -21.79 53.18
CA ARG D 438 29.07 -20.70 52.31
C ARG D 438 28.41 -20.73 50.93
N VAL D 439 27.81 -19.61 50.55
CA VAL D 439 27.13 -19.48 49.26
C VAL D 439 27.89 -18.62 48.26
N PHE D 440 28.25 -19.21 47.13
CA PHE D 440 28.97 -18.49 46.09
C PHE D 440 28.08 -18.17 44.89
N THR D 441 28.26 -16.96 44.34
CA THR D 441 27.46 -16.51 43.20
C THR D 441 28.35 -16.22 42.00
N PRO D 442 28.51 -17.20 41.09
CA PRO D 442 29.34 -17.00 39.91
C PRO D 442 28.88 -15.86 39.00
N GLY D 443 29.84 -15.22 38.36
CA GLY D 443 29.50 -14.13 37.45
C GLY D 443 29.49 -14.73 36.06
N GLN D 444 28.93 -14.02 35.10
CA GLN D 444 28.90 -14.55 33.75
C GLN D 444 29.80 -13.75 32.82
N GLY D 445 30.96 -14.29 32.53
CA GLY D 445 31.87 -13.62 31.65
C GLY D 445 31.49 -13.92 30.22
N ASN D 446 30.48 -13.21 29.75
CA ASN D 446 29.96 -13.36 28.40
C ASN D 446 29.96 -11.96 27.80
N ASN D 447 30.31 -11.85 26.53
CA ASN D 447 30.39 -10.54 25.89
C ASN D 447 29.10 -9.72 25.78
N VAL D 448 28.02 -10.23 26.35
CA VAL D 448 26.75 -9.52 26.33
C VAL D 448 26.84 -8.27 27.23
N TYR D 449 27.80 -8.28 28.15
CA TYR D 449 27.98 -7.15 29.06
C TYR D 449 28.65 -6.00 28.32
N ILE D 450 29.24 -6.31 27.16
CA ILE D 450 29.97 -5.30 26.41
C ILE D 450 29.38 -4.77 25.11
N PHE D 451 29.08 -5.65 24.16
CA PHE D 451 28.60 -5.18 22.87
C PHE D 451 27.39 -4.24 22.81
N PRO D 452 26.45 -4.33 23.77
CA PRO D 452 25.29 -3.42 23.71
C PRO D 452 25.71 -1.97 24.00
N GLY D 453 26.45 -1.76 25.10
CA GLY D 453 26.89 -0.43 25.46
C GLY D 453 27.82 0.19 24.42
N VAL D 454 28.79 -0.58 23.95
CA VAL D 454 29.71 -0.07 22.96
C VAL D 454 28.98 0.32 21.67
N ALA D 455 28.12 -0.56 21.19
CA ALA D 455 27.35 -0.28 19.97
C ALA D 455 26.51 1.00 20.12
N LEU D 456 25.81 1.13 21.26
CA LEU D 456 24.97 2.30 21.52
C LEU D 456 25.78 3.60 21.53
N ALA D 457 27.00 3.55 22.03
CA ALA D 457 27.84 4.73 22.06
C ALA D 457 28.41 4.99 20.67
N VAL D 458 28.88 3.93 20.02
CA VAL D 458 29.42 4.08 18.68
C VAL D 458 28.37 4.72 17.77
N ILE D 459 27.16 4.18 17.80
CA ILE D 459 26.07 4.70 16.98
C ILE D 459 25.65 6.13 17.33
N LEU D 460 25.51 6.44 18.62
CA LEU D 460 25.11 7.77 19.03
C LEU D 460 26.19 8.84 18.77
N CYS D 461 27.40 8.42 18.45
CA CYS D 461 28.48 9.36 18.19
C CYS D 461 28.85 9.45 16.72
N ASN D 462 28.22 8.63 15.89
CA ASN D 462 28.52 8.63 14.47
C ASN D 462 30.01 8.34 14.25
N THR D 463 30.53 7.48 15.12
CA THR D 463 31.93 7.05 15.07
C THR D 463 32.18 6.32 13.76
N ARG D 464 33.35 6.54 13.18
CA ARG D 464 33.69 5.94 11.90
C ARG D 464 34.48 4.65 12.01
N HIS D 465 35.36 4.57 13.00
CA HIS D 465 36.16 3.38 13.18
C HIS D 465 36.33 3.14 14.67
N ILE D 466 36.38 1.86 15.04
CA ILE D 466 36.51 1.46 16.44
C ILE D 466 37.93 0.95 16.73
N SER D 467 38.57 1.52 17.75
CA SER D 467 39.92 1.10 18.09
C SER D 467 39.80 0.18 19.29
N ASP D 468 40.85 -0.58 19.57
CA ASP D 468 40.82 -1.49 20.70
C ASP D 468 40.75 -0.72 22.00
N SER D 469 41.06 0.58 21.90
CA SER D 469 41.04 1.47 23.06
C SER D 469 39.63 1.58 23.64
N VAL D 470 38.64 1.50 22.77
CA VAL D 470 37.24 1.60 23.18
C VAL D 470 36.92 0.43 24.11
N PHE D 471 37.27 -0.77 23.67
CA PHE D 471 37.02 -1.95 24.47
C PHE D 471 37.74 -1.89 25.80
N LEU D 472 38.93 -1.31 25.81
CA LEU D 472 39.68 -1.18 27.06
C LEU D 472 38.84 -0.27 27.97
N GLU D 473 38.36 0.83 27.40
CA GLU D 473 37.55 1.78 28.15
C GLU D 473 36.29 1.11 28.67
N ALA D 474 35.60 0.38 27.79
CA ALA D 474 34.39 -0.33 28.18
C ALA D 474 34.74 -1.30 29.28
N ALA D 475 35.85 -2.02 29.09
CA ALA D 475 36.30 -2.99 30.08
C ALA D 475 36.32 -2.29 31.45
N LYS D 476 36.98 -1.14 31.50
CA LYS D 476 37.08 -0.37 32.73
C LYS D 476 35.71 0.15 33.20
N ALA D 477 34.88 0.59 32.26
CA ALA D 477 33.55 1.10 32.61
C ALA D 477 32.68 0.04 33.27
N LEU D 478 32.76 -1.19 32.75
CA LEU D 478 31.97 -2.29 33.30
C LEU D 478 32.34 -2.59 34.73
N THR D 479 33.62 -2.83 34.97
CA THR D 479 34.08 -3.16 36.31
C THR D 479 33.89 -2.01 37.33
N SER D 480 33.98 -0.78 36.85
CA SER D 480 33.81 0.37 37.74
C SER D 480 32.43 0.38 38.40
N GLN D 481 31.49 -0.33 37.81
CA GLN D 481 30.13 -0.37 38.34
C GLN D 481 29.92 -1.45 39.39
N LEU D 482 30.93 -2.29 39.60
CA LEU D 482 30.83 -3.37 40.58
C LEU D 482 31.06 -2.78 41.97
N THR D 483 30.08 -2.92 42.85
CA THR D 483 30.20 -2.38 44.21
C THR D 483 30.89 -3.35 45.17
N ASP D 484 31.50 -2.78 46.20
CA ASP D 484 32.20 -3.57 47.21
C ASP D 484 31.38 -4.77 47.66
N GLU D 485 30.23 -4.50 48.26
CA GLU D 485 29.34 -5.53 48.76
C GLU D 485 29.07 -6.63 47.72
N GLU D 486 29.18 -6.30 46.44
CA GLU D 486 28.91 -7.27 45.39
C GLU D 486 30.07 -8.26 45.16
N LEU D 487 31.24 -7.94 45.70
CA LEU D 487 32.41 -8.81 45.55
C LEU D 487 32.30 -9.93 46.59
N ALA D 488 31.65 -9.61 47.70
CA ALA D 488 31.46 -10.56 48.79
C ALA D 488 30.87 -11.87 48.30
N GLN D 489 29.86 -11.78 47.44
CA GLN D 489 29.21 -12.98 46.90
C GLN D 489 30.03 -13.70 45.85
N GLY D 490 31.18 -13.13 45.49
CA GLY D 490 32.04 -13.74 44.49
C GLY D 490 31.69 -13.29 43.09
N ARG D 491 31.17 -12.07 42.97
CA ARG D 491 30.79 -11.51 41.67
C ARG D 491 31.91 -10.70 41.07
N LEU D 492 32.35 -11.11 39.88
CA LEU D 492 33.40 -10.41 39.17
C LEU D 492 32.73 -9.49 38.16
N TYR D 493 31.42 -9.36 38.28
CA TYR D 493 30.63 -8.51 37.39
C TYR D 493 29.35 -8.02 38.04
N PRO D 494 28.79 -6.92 37.51
CA PRO D 494 27.55 -6.35 38.04
C PRO D 494 26.43 -7.37 37.82
N PRO D 495 25.39 -7.35 38.68
CA PRO D 495 24.28 -8.30 38.52
C PRO D 495 23.70 -8.28 37.11
N LEU D 496 23.42 -9.45 36.57
CA LEU D 496 22.83 -9.57 35.23
C LEU D 496 21.48 -8.86 35.18
N ALA D 497 20.77 -8.89 36.30
CA ALA D 497 19.45 -8.27 36.40
C ALA D 497 19.47 -6.77 36.16
N ASN D 498 20.65 -6.18 36.13
CA ASN D 498 20.79 -4.73 35.91
C ASN D 498 21.50 -4.41 34.61
N ILE D 499 21.66 -5.39 33.75
CA ILE D 499 22.36 -5.17 32.50
C ILE D 499 21.87 -3.96 31.70
N GLN D 500 20.63 -3.53 31.91
CA GLN D 500 20.12 -2.36 31.20
C GLN D 500 20.94 -1.15 31.67
N GLU D 501 20.79 -0.85 32.95
CA GLU D 501 21.49 0.26 33.58
C GLU D 501 22.98 0.14 33.31
N VAL D 502 23.54 -1.03 33.57
CA VAL D 502 24.96 -1.25 33.36
C VAL D 502 25.39 -0.97 31.93
N SER D 503 24.54 -1.33 30.97
CA SER D 503 24.87 -1.09 29.56
C SER D 503 24.86 0.39 29.22
N ILE D 504 23.91 1.12 29.78
CA ILE D 504 23.82 2.55 29.51
C ILE D 504 25.01 3.25 30.15
N ASN D 505 25.40 2.83 31.35
CA ASN D 505 26.54 3.46 31.99
C ASN D 505 27.79 3.24 31.14
N ILE D 506 27.94 2.05 30.59
CA ILE D 506 29.09 1.77 29.74
C ILE D 506 29.03 2.68 28.52
N ALA D 507 27.84 2.79 27.92
CA ALA D 507 27.64 3.63 26.75
C ALA D 507 28.01 5.09 27.02
N ILE D 508 27.57 5.59 28.17
CA ILE D 508 27.86 6.96 28.57
C ILE D 508 29.38 7.13 28.64
N LYS D 509 30.03 6.21 29.34
CA LYS D 509 31.48 6.28 29.47
C LYS D 509 32.17 6.20 28.12
N VAL D 510 31.70 5.30 27.25
CA VAL D 510 32.31 5.15 25.94
C VAL D 510 32.13 6.38 25.05
N THR D 511 30.97 7.03 25.15
CA THR D 511 30.75 8.24 24.36
C THR D 511 31.66 9.37 24.86
N GLU D 512 31.78 9.51 26.18
CA GLU D 512 32.66 10.55 26.74
C GLU D 512 34.08 10.27 26.29
N TYR D 513 34.41 8.99 26.16
CA TYR D 513 35.74 8.60 25.72
C TYR D 513 35.94 8.91 24.24
N LEU D 514 34.92 8.65 23.42
CA LEU D 514 35.02 8.90 21.98
C LEU D 514 35.08 10.39 21.65
N TYR D 515 34.35 11.19 22.41
CA TYR D 515 34.37 12.63 22.20
C TYR D 515 35.71 13.17 22.65
N ALA D 516 36.15 12.71 23.81
CA ALA D 516 37.42 13.15 24.36
C ALA D 516 38.59 12.89 23.40
N ASN D 517 38.53 11.79 22.66
CA ASN D 517 39.60 11.44 21.74
C ASN D 517 39.37 11.70 20.26
N LYS D 518 38.52 12.69 19.96
CA LYS D 518 38.23 13.05 18.57
C LYS D 518 37.83 11.88 17.67
N ALA D 520 34.24 10.86 17.76
CA ALA D 520 32.81 11.06 17.58
C ALA D 520 32.55 12.21 16.61
N PHE D 521 31.67 12.00 15.63
CA PHE D 521 31.38 13.05 14.66
C PHE D 521 29.97 13.63 14.78
N ARG D 522 29.25 13.26 15.84
CA ARG D 522 27.91 13.77 16.05
C ARG D 522 28.05 15.22 16.50
N TYR D 523 27.44 16.15 15.77
CA TYR D 523 27.53 17.56 16.12
C TYR D 523 26.15 18.17 16.33
N PRO D 524 26.05 19.10 17.29
CA PRO D 524 27.16 19.55 18.12
C PRO D 524 27.46 18.51 19.21
N GLU D 525 28.51 18.74 19.98
CA GLU D 525 28.86 17.81 21.06
C GLU D 525 27.97 18.08 22.26
N PRO D 526 27.33 17.03 22.80
CA PRO D 526 26.46 17.20 23.96
C PRO D 526 27.28 17.62 25.18
N GLU D 527 26.71 18.49 26.00
CA GLU D 527 27.37 18.97 27.21
C GLU D 527 27.27 17.89 28.29
N ASP D 528 26.04 17.45 28.55
CA ASP D 528 25.76 16.41 29.53
C ASP D 528 25.67 15.08 28.76
N LYS D 529 26.78 14.36 28.67
CA LYS D 529 26.83 13.09 27.95
C LYS D 529 25.84 12.04 28.44
N ALA D 530 25.61 11.99 29.74
CA ALA D 530 24.68 11.03 30.30
C ALA D 530 23.24 11.37 29.91
N LYS D 531 22.93 12.67 29.92
CA LYS D 531 21.60 13.14 29.56
C LYS D 531 21.36 12.80 28.10
N TYR D 532 22.41 12.94 27.30
CA TYR D 532 22.38 12.65 25.87
C TYR D 532 21.93 11.22 25.58
N VAL D 533 22.71 10.26 26.04
CA VAL D 533 22.42 8.84 25.84
C VAL D 533 21.04 8.45 26.40
N LYS D 534 20.77 8.86 27.63
CA LYS D 534 19.51 8.52 28.29
C LYS D 534 18.23 8.97 27.58
N GLU D 535 18.31 10.08 26.84
CA GLU D 535 17.14 10.58 26.14
C GLU D 535 16.89 9.80 24.87
N ARG D 536 17.95 9.28 24.28
CA ARG D 536 17.84 8.55 23.03
C ARG D 536 17.65 7.04 23.09
N THR D 537 17.35 6.51 24.27
CA THR D 537 17.13 5.06 24.34
C THR D 537 15.68 4.72 24.01
N TRP D 538 15.50 3.70 23.18
CA TRP D 538 14.19 3.25 22.75
C TRP D 538 13.42 2.68 23.94
N ARG D 539 12.10 2.87 23.94
CA ARG D 539 11.28 2.38 25.05
C ARG D 539 10.28 1.31 24.62
N SER D 540 9.93 0.43 25.55
CA SER D 540 9.00 -0.66 25.26
C SER D 540 7.53 -0.26 25.45
N GLU D 541 7.28 0.88 26.07
CA GLU D 541 5.91 1.34 26.28
C GLU D 541 5.28 1.69 24.95
N TYR D 542 3.99 1.43 24.81
CA TYR D 542 3.32 1.73 23.56
C TYR D 542 3.28 3.23 23.28
N ASP D 543 3.33 3.60 22.01
CA ASP D 543 3.26 5.00 21.63
C ASP D 543 1.86 5.22 21.07
N SER D 544 1.43 6.48 21.02
CA SER D 544 0.13 6.78 20.46
C SER D 544 0.27 6.74 18.95
N LEU D 545 -0.66 6.06 18.29
CA LEU D 545 -0.65 5.96 16.83
C LEU D 545 -1.67 6.94 16.25
N LEU D 546 -2.35 7.66 17.14
CA LEU D 546 -3.35 8.62 16.71
C LEU D 546 -2.73 9.73 15.86
N PRO D 547 -3.41 10.14 14.78
CA PRO D 547 -2.89 11.20 13.91
C PRO D 547 -3.08 12.52 14.65
N ASP D 548 -2.33 13.54 14.27
CA ASP D 548 -2.42 14.83 14.93
C ASP D 548 -3.69 15.63 14.57
N VAL D 549 -4.73 15.51 15.39
CA VAL D 549 -5.98 16.23 15.16
C VAL D 549 -6.09 17.44 16.08
N TYR D 550 -6.15 18.63 15.51
CA TYR D 550 -6.22 19.87 16.29
C TYR D 550 -7.05 20.98 15.67
N GLU D 551 -7.61 21.82 16.53
CA GLU D 551 -8.45 22.93 16.10
C GLU D 551 -7.64 24.11 15.57
N TRP D 552 -8.14 24.73 14.49
CA TRP D 552 -7.49 25.89 13.89
C TRP D 552 -8.09 27.16 14.51
N PRO D 553 -7.25 28.11 14.93
CA PRO D 553 -7.74 29.36 15.53
C PRO D 553 -8.50 30.25 14.53
#